data_4XNO
# 
_entry.id   4XNO 
# 
_audit_conform.dict_name       mmcif_pdbx.dic 
_audit_conform.dict_version    5.387 
_audit_conform.dict_location   http://mmcif.pdb.org/dictionaries/ascii/mmcif_pdbx.dic 
# 
loop_
_database_2.database_id 
_database_2.database_code 
_database_2.pdbx_database_accession 
_database_2.pdbx_DOI 
PDB   4XNO         pdb_00004xno 10.2210/pdb4xno/pdb 
WWPDB D_1000205918 ?            ?                   
# 
loop_
_pdbx_audit_revision_history.ordinal 
_pdbx_audit_revision_history.data_content_type 
_pdbx_audit_revision_history.major_revision 
_pdbx_audit_revision_history.minor_revision 
_pdbx_audit_revision_history.revision_date 
1 'Structure model' 1 0 2015-05-27 
2 'Structure model' 1 1 2016-05-18 
3 'Structure model' 1 2 2017-01-11 
4 'Structure model' 1 3 2017-09-20 
5 'Structure model' 1 4 2019-12-25 
6 'Structure model' 1 5 2024-02-28 
# 
_pdbx_audit_revision_details.ordinal             1 
_pdbx_audit_revision_details.revision_ordinal    1 
_pdbx_audit_revision_details.data_content_type   'Structure model' 
_pdbx_audit_revision_details.provider            repository 
_pdbx_audit_revision_details.type                'Initial release' 
_pdbx_audit_revision_details.description         ? 
_pdbx_audit_revision_details.details             ? 
# 
loop_
_pdbx_audit_revision_group.ordinal 
_pdbx_audit_revision_group.revision_ordinal 
_pdbx_audit_revision_group.data_content_type 
_pdbx_audit_revision_group.group 
1 2 'Structure model' 'Non-polymer description'    
2 3 'Structure model' 'Database references'        
3 4 'Structure model' 'Author supporting evidence' 
4 4 'Structure model' 'Refinement description'     
5 5 'Structure model' 'Author supporting evidence' 
6 6 'Structure model' 'Data collection'            
7 6 'Structure model' 'Database references'        
# 
loop_
_pdbx_audit_revision_category.ordinal 
_pdbx_audit_revision_category.revision_ordinal 
_pdbx_audit_revision_category.data_content_type 
_pdbx_audit_revision_category.category 
1 4 'Structure model' pdbx_audit_support 
2 4 'Structure model' software           
3 5 'Structure model' pdbx_audit_support 
4 6 'Structure model' chem_comp_atom     
5 6 'Structure model' chem_comp_bond     
6 6 'Structure model' database_2         
# 
loop_
_pdbx_audit_revision_item.ordinal 
_pdbx_audit_revision_item.revision_ordinal 
_pdbx_audit_revision_item.data_content_type 
_pdbx_audit_revision_item.item 
1 4 'Structure model' '_pdbx_audit_support.funding_organization' 
2 4 'Structure model' '_software.classification'                 
3 5 'Structure model' '_pdbx_audit_support.funding_organization' 
4 6 'Structure model' '_database_2.pdbx_DOI'                     
5 6 'Structure model' '_database_2.pdbx_database_accession'      
# 
_pdbx_database_status.status_code                     REL 
_pdbx_database_status.status_code_sf                  REL 
_pdbx_database_status.status_code_mr                  ? 
_pdbx_database_status.entry_id                        4XNO 
_pdbx_database_status.recvd_initial_deposition_date   2015-01-15 
_pdbx_database_status.SG_entry                        N 
_pdbx_database_status.deposit_site                    RCSB 
_pdbx_database_status.process_site                    RCSB 
_pdbx_database_status.status_code_cs                  ? 
_pdbx_database_status.methods_development_category    ? 
_pdbx_database_status.pdb_format_compatible           Y 
_pdbx_database_status.status_code_nmr_data            ? 
# 
loop_
_pdbx_database_related.content_type 
_pdbx_database_related.db_id 
_pdbx_database_related.db_name 
_pdbx_database_related.details 
unspecified 4XO0 PDB . 
unspecified 4XPC PDB . 
unspecified 4XPE PDB . 
# 
loop_
_audit_author.name 
_audit_author.pdbx_ordinal 
'Georgiadis, M.M.' 1 
'Singh, I.'        2 
# 
_citation.abstract                  ? 
_citation.abstract_id_CAS           ? 
_citation.book_id_ISBN              ? 
_citation.book_publisher            ? 
_citation.book_publisher_city       ? 
_citation.book_title                ? 
_citation.coordinate_linkage        ? 
_citation.country                   US 
_citation.database_id_Medline       ? 
_citation.details                   ? 
_citation.id                        primary 
_citation.journal_abbrev            'J. Am. Chem. Soc.' 
_citation.journal_id_ASTM           JACSAT 
_citation.journal_id_CSD            ? 
_citation.journal_id_ISSN           1520-5126 
_citation.journal_full              ? 
_citation.journal_issue             ? 
_citation.journal_volume            137 
_citation.language                  ? 
_citation.page_first                6947 
_citation.page_last                 6955 
_citation.title                     'Structural basis for a six nucleotide genetic alphabet.' 
_citation.year                      2015 
_citation.database_id_CSD           ? 
_citation.pdbx_database_id_DOI      10.1021/jacs.5b03482 
_citation.pdbx_database_id_PubMed   25961938 
_citation.unpublished_flag          ? 
# 
loop_
_citation_author.citation_id 
_citation_author.name 
_citation_author.ordinal 
_citation_author.identifier_ORCID 
primary 'Georgiadis, M.M.' 1 ? 
primary 'Singh, I.'        2 ? 
primary 'Kellett, W.F.'    3 ? 
primary 'Hoshika, S.'      4 ? 
primary 'Benner, S.A.'     5 ? 
primary 'Richards, N.G.'   6 ? 
# 
loop_
_entity.id 
_entity.type 
_entity.src_method 
_entity.pdbx_description 
_entity.formula_weight 
_entity.pdbx_number_of_molecules 
_entity.pdbx_ec 
_entity.pdbx_mutation 
_entity.pdbx_fragment 
_entity.details 
1 polymer syn 
;DNA (5'-D(*CP*TP*(BRU)P*AP*TP*(1WA)P*(1WA)P*(1WA)P*(1W5)P*(1W5)P*(1W5)P*AP*TP*AP*AP*G)-3')
;
5101.140 2  ? ? ? ? 
2 water   nat water                                                                                        18.015   73 ? ? ? ? 
# 
_entity_poly.entity_id                      1 
_entity_poly.type                           polydeoxyribonucleotide 
_entity_poly.nstd_linkage                   no 
_entity_poly.nstd_monomer                   yes 
_entity_poly.pdbx_seq_one_letter_code       '(DC)(DT)(BRU)(DA)(DT)(1WA)(1WA)(1WA)(1W5)(1W5)(1W5)(DA)(DT)(DA)(DA)(DG)' 
_entity_poly.pdbx_seq_one_letter_code_can   CTUATXXXXXXATAAG 
_entity_poly.pdbx_strand_id                 A,B 
_entity_poly.pdbx_target_identifier         ? 
# 
_pdbx_entity_nonpoly.entity_id   2 
_pdbx_entity_nonpoly.name        water 
_pdbx_entity_nonpoly.comp_id     HOH 
# 
loop_
_entity_poly_seq.entity_id 
_entity_poly_seq.num 
_entity_poly_seq.mon_id 
_entity_poly_seq.hetero 
1 1  DC  n 
1 2  DT  n 
1 3  BRU n 
1 4  DA  n 
1 5  DT  n 
1 6  1WA n 
1 7  1WA n 
1 8  1WA n 
1 9  1W5 n 
1 10 1W5 n 
1 11 1W5 n 
1 12 DA  n 
1 13 DT  n 
1 14 DA  n 
1 15 DA  n 
1 16 DG  n 
# 
_pdbx_entity_src_syn.entity_id              1 
_pdbx_entity_src_syn.pdbx_src_id            1 
_pdbx_entity_src_syn.pdbx_alt_source_flag   sample 
_pdbx_entity_src_syn.pdbx_beg_seq_num       1 
_pdbx_entity_src_syn.pdbx_end_seq_num       16 
_pdbx_entity_src_syn.organism_scientific    'synthetic construct' 
_pdbx_entity_src_syn.organism_common_name   ? 
_pdbx_entity_src_syn.ncbi_taxonomy_id       32630 
_pdbx_entity_src_syn.details                ? 
# 
loop_
_chem_comp.id 
_chem_comp.type 
_chem_comp.mon_nstd_flag 
_chem_comp.name 
_chem_comp.pdbx_synonyms 
_chem_comp.formula 
_chem_comp.formula_weight 
1W5 'DNA linking' . '(1R)-1-(6-amino-2-hydroxy-5-nitropyridin-3-yl)-1,4-anhydro-2-deoxy-5-O-phosphono-D-erythro-pentitol' ? 
'C10 H14 N3 O9 P'   351.207 
1WA 'DNA linking' . 
'2-amino-8-(2-deoxy-5-O-phosphono-beta-D-erythro-pentofuranosyl)-4-hydroxy-1H-imidazo[1,2-a][1,3,5]triazine-5,8-diium' ? 
'C10 H16 N5 O7 P 2' 349.237 
BRU 'DNA linking' n "5-BROMO-2'-DEOXYURIDINE-5'-MONOPHOSPHATE" ? 'C9 H12 Br N2 O8 P' 387.078 
DA  'DNA linking' y "2'-DEOXYADENOSINE-5'-MONOPHOSPHATE" ? 'C10 H14 N5 O6 P'   331.222 
DC  'DNA linking' y "2'-DEOXYCYTIDINE-5'-MONOPHOSPHATE" ? 'C9 H14 N3 O7 P'    307.197 
DG  'DNA linking' y "2'-DEOXYGUANOSINE-5'-MONOPHOSPHATE" ? 'C10 H14 N5 O7 P'   347.221 
DT  'DNA linking' y "THYMIDINE-5'-MONOPHOSPHATE" ? 'C10 H15 N2 O8 P'   322.208 
HOH non-polymer   . WATER ? 'H2 O'              18.015  
# 
loop_
_pdbx_poly_seq_scheme.asym_id 
_pdbx_poly_seq_scheme.entity_id 
_pdbx_poly_seq_scheme.seq_id 
_pdbx_poly_seq_scheme.mon_id 
_pdbx_poly_seq_scheme.ndb_seq_num 
_pdbx_poly_seq_scheme.pdb_seq_num 
_pdbx_poly_seq_scheme.auth_seq_num 
_pdbx_poly_seq_scheme.pdb_mon_id 
_pdbx_poly_seq_scheme.auth_mon_id 
_pdbx_poly_seq_scheme.pdb_strand_id 
_pdbx_poly_seq_scheme.pdb_ins_code 
_pdbx_poly_seq_scheme.hetero 
A 1 1  DC  1  1  1  DC  DC  A . n 
A 1 2  DT  2  2  2  DT  DT  A . n 
A 1 3  BRU 3  3  3  BRU BRU A . n 
A 1 4  DA  4  4  4  DA  DA  A . n 
A 1 5  DT  5  5  5  DT  DT  A . n 
A 1 6  1WA 6  6  6  1WA DP  A . n 
A 1 7  1WA 7  7  7  1WA DP  A . n 
A 1 8  1WA 8  8  8  1WA DP  A . n 
A 1 9  1W5 9  9  9  1W5 DZ  A . n 
A 1 10 1W5 10 10 10 1W5 DZ  A . n 
A 1 11 1W5 11 11 11 1W5 DZ  A . n 
A 1 12 DA  12 12 12 DA  DA  A . n 
A 1 13 DT  13 13 13 DT  DT  A . n 
A 1 14 DA  14 14 14 DA  DA  A . n 
A 1 15 DA  15 15 15 DA  DA  A . n 
A 1 16 DG  16 16 16 DG  DG  A . n 
B 1 1  DC  1  1  1  DC  DC  B . n 
B 1 2  DT  2  2  2  DT  DT  B . n 
B 1 3  BRU 3  3  3  BRU BRU B . n 
B 1 4  DA  4  4  4  DA  DA  B . n 
B 1 5  DT  5  5  5  DT  DT  B . n 
B 1 6  1WA 6  6  6  1WA DP  B . n 
B 1 7  1WA 7  7  7  1WA DP  B . n 
B 1 8  1WA 8  8  8  1WA DP  B . n 
B 1 9  1W5 9  9  9  1W5 DZ  B . n 
B 1 10 1W5 10 10 10 1W5 DZ  B . n 
B 1 11 1W5 11 11 11 1W5 DZ  B . n 
B 1 12 DA  12 12 12 DA  DA  B . n 
B 1 13 DT  13 13 13 DT  DT  B . n 
B 1 14 DA  14 14 14 DA  DA  B . n 
B 1 15 DA  15 15 15 DA  DA  B . n 
B 1 16 DG  16 16 16 DG  DG  B . n 
# 
loop_
_pdbx_nonpoly_scheme.asym_id 
_pdbx_nonpoly_scheme.entity_id 
_pdbx_nonpoly_scheme.mon_id 
_pdbx_nonpoly_scheme.ndb_seq_num 
_pdbx_nonpoly_scheme.pdb_seq_num 
_pdbx_nonpoly_scheme.auth_seq_num 
_pdbx_nonpoly_scheme.pdb_mon_id 
_pdbx_nonpoly_scheme.auth_mon_id 
_pdbx_nonpoly_scheme.pdb_strand_id 
_pdbx_nonpoly_scheme.pdb_ins_code 
C 2 HOH 1  101 58 HOH HOH A . 
C 2 HOH 2  102 30 HOH HOH A . 
C 2 HOH 3  103 45 HOH HOH A . 
C 2 HOH 4  104 40 HOH HOH A . 
C 2 HOH 5  105 34 HOH HOH A . 
C 2 HOH 6  106 36 HOH HOH A . 
C 2 HOH 7  107 67 HOH HOH A . 
C 2 HOH 8  108 57 HOH HOH A . 
C 2 HOH 9  109 70 HOH HOH A . 
C 2 HOH 10 110 89 HOH HOH A . 
C 2 HOH 11 111 64 HOH HOH A . 
C 2 HOH 12 112 68 HOH HOH A . 
C 2 HOH 13 113 90 HOH HOH A . 
C 2 HOH 14 114 5  HOH HOH A . 
C 2 HOH 15 115 24 HOH HOH A . 
C 2 HOH 16 116 32 HOH HOH A . 
C 2 HOH 17 117 7  HOH HOH A . 
C 2 HOH 18 118 78 HOH HOH A . 
C 2 HOH 19 119 88 HOH HOH A . 
C 2 HOH 20 120 43 HOH HOH A . 
C 2 HOH 21 121 77 HOH HOH A . 
C 2 HOH 22 122 79 HOH HOH A . 
C 2 HOH 23 123 3  HOH HOH A . 
C 2 HOH 24 124 81 HOH HOH A . 
C 2 HOH 25 125 41 HOH HOH A . 
C 2 HOH 26 126 75 HOH HOH A . 
C 2 HOH 27 127 47 HOH HOH A . 
C 2 HOH 28 128 87 HOH HOH A . 
C 2 HOH 29 129 80 HOH HOH A . 
C 2 HOH 30 130 76 HOH HOH A . 
D 2 HOH 1  101 56 HOH HOH B . 
D 2 HOH 2  102 52 HOH HOH B . 
D 2 HOH 3  103 14 HOH HOH B . 
D 2 HOH 4  104 29 HOH HOH B . 
D 2 HOH 5  105 35 HOH HOH B . 
D 2 HOH 6  106 18 HOH HOH B . 
D 2 HOH 7  107 12 HOH HOH B . 
D 2 HOH 8  108 85 HOH HOH B . 
D 2 HOH 9  109 91 HOH HOH B . 
D 2 HOH 10 110 31 HOH HOH B . 
D 2 HOH 11 111 15 HOH HOH B . 
D 2 HOH 12 112 51 HOH HOH B . 
D 2 HOH 13 113 27 HOH HOH B . 
D 2 HOH 14 114 25 HOH HOH B . 
D 2 HOH 15 115 11 HOH HOH B . 
D 2 HOH 16 116 42 HOH HOH B . 
D 2 HOH 17 117 21 HOH HOH B . 
D 2 HOH 18 118 4  HOH HOH B . 
D 2 HOH 19 119 55 HOH HOH B . 
D 2 HOH 20 120 10 HOH HOH B . 
D 2 HOH 21 121 22 HOH HOH B . 
D 2 HOH 22 122 23 HOH HOH B . 
D 2 HOH 23 123 16 HOH HOH B . 
D 2 HOH 24 124 44 HOH HOH B . 
D 2 HOH 25 125 13 HOH HOH B . 
D 2 HOH 26 126 1  HOH HOH B . 
D 2 HOH 27 127 6  HOH HOH B . 
D 2 HOH 28 128 62 HOH HOH B . 
D 2 HOH 29 129 49 HOH HOH B . 
D 2 HOH 30 130 37 HOH HOH B . 
D 2 HOH 31 131 19 HOH HOH B . 
D 2 HOH 32 132 2  HOH HOH B . 
D 2 HOH 33 133 9  HOH HOH B . 
D 2 HOH 34 134 20 HOH HOH B . 
D 2 HOH 35 135 73 HOH HOH B . 
D 2 HOH 36 136 60 HOH HOH B . 
D 2 HOH 37 137 48 HOH HOH B . 
D 2 HOH 38 138 33 HOH HOH B . 
D 2 HOH 39 139 28 HOH HOH B . 
D 2 HOH 40 140 39 HOH HOH B . 
D 2 HOH 41 141 84 HOH HOH B . 
D 2 HOH 42 142 53 HOH HOH B . 
D 2 HOH 43 143 82 HOH HOH B . 
# 
loop_
_software.citation_id 
_software.classification 
_software.compiler_name 
_software.compiler_version 
_software.contact_author 
_software.contact_author_email 
_software.date 
_software.description 
_software.dependencies 
_software.hardware 
_software.language 
_software.location 
_software.mods 
_software.name 
_software.os 
_software.os_version 
_software.type 
_software.version 
_software.pdbx_ordinal 
? 'data scaling'    ? ? ? ? ? ? ? ? ? ? ? SCALEPACK   ? ? ? .    1 
? refinement        ? ? ? ? ? ? ? ? ? ? ? PHENIX      ? ? ? .    2 
? 'data extraction' ? ? ? ? ? ? ? ? ? ? ? PDB_EXTRACT ? ? ? 3.15 3 
? 'data scaling'    ? ? ? ? ? ? ? ? ? ? ? HKL-3000    ? ? ? .    4 
# 
_cell.angle_alpha                  90.000 
_cell.angle_alpha_esd              ? 
_cell.angle_beta                   90.000 
_cell.angle_beta_esd               ? 
_cell.angle_gamma                  120.000 
_cell.angle_gamma_esd              ? 
_cell.entry_id                     4XNO 
_cell.details                      ? 
_cell.formula_units_Z              ? 
_cell.length_a                     42.019 
_cell.length_a_esd                 ? 
_cell.length_b                     42.019 
_cell.length_b_esd                 ? 
_cell.length_c                     140.472 
_cell.length_c_esd                 ? 
_cell.volume                       ? 
_cell.volume_esd                   ? 
_cell.Z_PDB                        12 
_cell.reciprocal_angle_alpha       ? 
_cell.reciprocal_angle_beta        ? 
_cell.reciprocal_angle_gamma       ? 
_cell.reciprocal_angle_alpha_esd   ? 
_cell.reciprocal_angle_beta_esd    ? 
_cell.reciprocal_angle_gamma_esd   ? 
_cell.reciprocal_length_a          ? 
_cell.reciprocal_length_b          ? 
_cell.reciprocal_length_c          ? 
_cell.reciprocal_length_a_esd      ? 
_cell.reciprocal_length_b_esd      ? 
_cell.reciprocal_length_c_esd      ? 
_cell.pdbx_unique_axis             ? 
# 
_symmetry.entry_id                         4XNO 
_symmetry.cell_setting                     ? 
_symmetry.Int_Tables_number                154 
_symmetry.space_group_name_Hall            ? 
_symmetry.space_group_name_H-M             'P 32 2 1' 
_symmetry.pdbx_full_space_group_name_H-M   ? 
# 
_exptl.absorpt_coefficient_mu     ? 
_exptl.absorpt_correction_T_max   ? 
_exptl.absorpt_correction_T_min   ? 
_exptl.absorpt_correction_type    ? 
_exptl.absorpt_process_details    ? 
_exptl.entry_id                   4XNO 
_exptl.crystals_number            1 
_exptl.details                    ? 
_exptl.method                     'X-RAY DIFFRACTION' 
_exptl.method_details             ? 
# 
_exptl_crystal.colour                      ? 
_exptl_crystal.density_diffrn              ? 
_exptl_crystal.density_Matthews            3.51 
_exptl_crystal.density_method              ? 
_exptl_crystal.density_percent_sol         64.92 
_exptl_crystal.description                 ? 
_exptl_crystal.F_000                       ? 
_exptl_crystal.id                          1 
_exptl_crystal.preparation                 ? 
_exptl_crystal.size_max                    ? 
_exptl_crystal.size_mid                    ? 
_exptl_crystal.size_min                    ? 
_exptl_crystal.size_rad                    ? 
_exptl_crystal.colour_lustre               ? 
_exptl_crystal.colour_modifier             ? 
_exptl_crystal.colour_primary              ? 
_exptl_crystal.density_meas                ? 
_exptl_crystal.density_meas_esd            ? 
_exptl_crystal.density_meas_gt             ? 
_exptl_crystal.density_meas_lt             ? 
_exptl_crystal.density_meas_temp           ? 
_exptl_crystal.density_meas_temp_esd       ? 
_exptl_crystal.density_meas_temp_gt        ? 
_exptl_crystal.density_meas_temp_lt        ? 
_exptl_crystal.pdbx_crystal_image_url      ? 
_exptl_crystal.pdbx_crystal_image_format   ? 
_exptl_crystal.pdbx_mosaicity              ? 
_exptl_crystal.pdbx_mosaicity_esd          ? 
# 
_exptl_crystal_grow.apparatus       ? 
_exptl_crystal_grow.atmosphere      ? 
_exptl_crystal_grow.crystal_id      1 
_exptl_crystal_grow.details         ? 
_exptl_crystal_grow.method          'VAPOR DIFFUSION, HANGING DROP' 
_exptl_crystal_grow.method_ref      ? 
_exptl_crystal_grow.pH              ? 
_exptl_crystal_grow.pressure        ? 
_exptl_crystal_grow.pressure_esd    ? 
_exptl_crystal_grow.seeding         ? 
_exptl_crystal_grow.seeding_ref     ? 
_exptl_crystal_grow.temp            293 
_exptl_crystal_grow.temp_details    ? 
_exptl_crystal_grow.temp_esd        ? 
_exptl_crystal_grow.time            ? 
_exptl_crystal_grow.pdbx_details    'Ammonium sulfate' 
_exptl_crystal_grow.pdbx_pH_range   ? 
# 
_diffrn.ambient_environment    ? 
_diffrn.ambient_temp           93 
_diffrn.ambient_temp_details   ? 
_diffrn.ambient_temp_esd       ? 
_diffrn.crystal_id             1 
_diffrn.crystal_support        ? 
_diffrn.crystal_treatment      ? 
_diffrn.details                ? 
_diffrn.id                     1 
_diffrn.ambient_pressure       ? 
_diffrn.ambient_pressure_esd   ? 
_diffrn.ambient_pressure_gt    ? 
_diffrn.ambient_pressure_lt    ? 
_diffrn.ambient_temp_gt        ? 
_diffrn.ambient_temp_lt        ? 
# 
_diffrn_detector.details                      ? 
_diffrn_detector.detector                     CCD 
_diffrn_detector.diffrn_id                    1 
_diffrn_detector.type                         'ADSC QUANTUM 315r' 
_diffrn_detector.area_resol_mean              ? 
_diffrn_detector.dtime                        ? 
_diffrn_detector.pdbx_frames_total            ? 
_diffrn_detector.pdbx_collection_time_total   ? 
_diffrn_detector.pdbx_collection_date         2014-07-24 
# 
_diffrn_radiation.collimation                      ? 
_diffrn_radiation.diffrn_id                        1 
_diffrn_radiation.filter_edge                      ? 
_diffrn_radiation.inhomogeneity                    ? 
_diffrn_radiation.monochromator                    ? 
_diffrn_radiation.polarisn_norm                    ? 
_diffrn_radiation.polarisn_ratio                   ? 
_diffrn_radiation.probe                            ? 
_diffrn_radiation.type                             ? 
_diffrn_radiation.xray_symbol                      ? 
_diffrn_radiation.wavelength_id                    1 
_diffrn_radiation.pdbx_monochromatic_or_laue_m_l   M 
_diffrn_radiation.pdbx_wavelength_list             ? 
_diffrn_radiation.pdbx_wavelength                  ? 
_diffrn_radiation.pdbx_diffrn_protocol             'SINGLE WAVELENGTH' 
_diffrn_radiation.pdbx_analyzer                    ? 
_diffrn_radiation.pdbx_scattering_type             x-ray 
# 
_diffrn_radiation_wavelength.id           1 
_diffrn_radiation_wavelength.wavelength   0.91963 
_diffrn_radiation_wavelength.wt           1.0 
# 
_diffrn_source.current                     ? 
_diffrn_source.details                     ? 
_diffrn_source.diffrn_id                   1 
_diffrn_source.power                       ? 
_diffrn_source.size                        ? 
_diffrn_source.source                      SYNCHROTRON 
_diffrn_source.target                      ? 
_diffrn_source.type                        'APS BEAMLINE 19-ID' 
_diffrn_source.voltage                     ? 
_diffrn_source.take-off_angle              ? 
_diffrn_source.pdbx_wavelength_list        0.91963 
_diffrn_source.pdbx_wavelength             ? 
_diffrn_source.pdbx_synchrotron_beamline   19-ID 
_diffrn_source.pdbx_synchrotron_site       APS 
# 
_reflns.B_iso_Wilson_estimate            27.050 
_reflns.entry_id                         4XNO 
_reflns.data_reduction_details           ? 
_reflns.data_reduction_method            ? 
_reflns.d_resolution_high                1.980 
_reflns.d_resolution_low                 100.000 
_reflns.details                          ? 
_reflns.limit_h_max                      ? 
_reflns.limit_h_min                      ? 
_reflns.limit_k_max                      ? 
_reflns.limit_k_min                      ? 
_reflns.limit_l_max                      ? 
_reflns.limit_l_min                      ? 
_reflns.number_all                       ? 
_reflns.number_obs                       10571 
_reflns.observed_criterion               ? 
_reflns.observed_criterion_F_max         ? 
_reflns.observed_criterion_F_min         ? 
_reflns.observed_criterion_I_max         ? 
_reflns.observed_criterion_I_min         ? 
_reflns.observed_criterion_sigma_F       ? 
_reflns.observed_criterion_sigma_I       ? 
_reflns.percent_possible_obs             99.500 
_reflns.R_free_details                   ? 
_reflns.Rmerge_F_all                     ? 
_reflns.Rmerge_F_obs                     ? 
_reflns.Friedel_coverage                 ? 
_reflns.number_gt                        ? 
_reflns.threshold_expression             ? 
_reflns.pdbx_redundancy                  10.000 
_reflns.pdbx_Rmerge_I_obs                0.069 
_reflns.pdbx_Rmerge_I_all                ? 
_reflns.pdbx_Rsym_value                  ? 
_reflns.pdbx_netI_over_av_sigmaI         29.470 
_reflns.pdbx_netI_over_sigmaI            20.000 
_reflns.pdbx_res_netI_over_av_sigmaI_2   ? 
_reflns.pdbx_res_netI_over_sigmaI_2      ? 
_reflns.pdbx_chi_squared                 1.061 
_reflns.pdbx_scaling_rejects             ? 
_reflns.pdbx_d_res_high_opt              ? 
_reflns.pdbx_d_res_low_opt               ? 
_reflns.pdbx_d_res_opt_method            ? 
_reflns.phase_calculation_details        ? 
_reflns.pdbx_Rrim_I_all                  0.072 
_reflns.pdbx_Rpim_I_all                  0.022 
_reflns.pdbx_d_opt                       ? 
_reflns.pdbx_number_measured_all         105588 
_reflns.pdbx_diffrn_id                   1 
_reflns.pdbx_ordinal                     1 
_reflns.pdbx_CC_half                     ? 
_reflns.pdbx_R_split                     ? 
# 
loop_
_reflns_shell.d_res_high 
_reflns_shell.d_res_low 
_reflns_shell.meanI_over_sigI_all 
_reflns_shell.meanI_over_sigI_obs 
_reflns_shell.number_measured_all 
_reflns_shell.number_measured_obs 
_reflns_shell.number_possible 
_reflns_shell.number_unique_all 
_reflns_shell.number_unique_obs 
_reflns_shell.percent_possible_all 
_reflns_shell.percent_possible_obs 
_reflns_shell.Rmerge_F_all 
_reflns_shell.Rmerge_F_obs 
_reflns_shell.Rmerge_I_all 
_reflns_shell.Rmerge_I_obs 
_reflns_shell.meanI_over_sigI_gt 
_reflns_shell.meanI_over_uI_all 
_reflns_shell.meanI_over_uI_gt 
_reflns_shell.number_measured_gt 
_reflns_shell.number_unique_gt 
_reflns_shell.percent_possible_gt 
_reflns_shell.Rmerge_F_gt 
_reflns_shell.Rmerge_I_gt 
_reflns_shell.pdbx_redundancy 
_reflns_shell.pdbx_Rsym_value 
_reflns_shell.pdbx_chi_squared 
_reflns_shell.pdbx_netI_over_sigmaI_all 
_reflns_shell.pdbx_netI_over_sigmaI_obs 
_reflns_shell.pdbx_Rrim_I_all 
_reflns_shell.pdbx_Rpim_I_all 
_reflns_shell.pdbx_rejects 
_reflns_shell.pdbx_ordinal 
_reflns_shell.pdbx_diffrn_id 
_reflns_shell.pdbx_CC_half 
_reflns_shell.pdbx_R_split 
1.980 2.010   ? ? ? ? ? 509 ? 98.800  ? ? ? ? 0.768 ? ? ? ? ? ? ? ? 5.600  ? 0.800 ? ? 0.843 0.339 0 1  1 0.728 ? 
2.010 2.050   ? ? ? ? ? 503 ? 100.000 ? ? ? ? 0.672 ? ? ? ? ? ? ? ? 6.700  ? 0.819 ? ? 0.728 0.274 0 2  1 0.802 ? 
2.050 2.090   ? ? ? ? ? 515 ? 100.000 ? ? ? ? 0.672 ? ? ? ? ? ? ? ? 7.700  ? 0.839 ? ? 0.719 0.253 0 3  1 0.841 ? 
2.090 2.130   ? ? ? ? ? 524 ? 100.000 ? ? ? ? 0.643 ? ? ? ? ? ? ? ? 8.600  ? 0.878 ? ? 0.683 0.226 0 4  1 0.890 ? 
2.130 2.180   ? ? ? ? ? 516 ? 100.000 ? ? ? ? 0.627 ? ? ? ? ? ? ? ? 9.500  ? 0.910 ? ? 0.662 0.209 0 5  1 0.919 ? 
2.180 2.230   ? ? ? ? ? 512 ? 100.000 ? ? ? ? 0.567 ? ? ? ? ? ? ? ? 10.000 ? 0.837 ? ? 0.596 0.184 0 6  1 0.947 ? 
2.230 2.290   ? ? ? ? ? 529 ? 100.000 ? ? ? ? 0.475 ? ? ? ? ? ? ? ? 10.400 ? 0.881 ? ? 0.499 0.152 0 7  1 0.964 ? 
2.290 2.350   ? ? ? ? ? 507 ? 100.000 ? ? ? ? 0.386 ? ? ? ? ? ? ? ? 11.100 ? 0.915 ? ? 0.404 0.119 0 8  1 0.991 ? 
2.350 2.420   ? ? ? ? ? 522 ? 100.000 ? ? ? ? 0.317 ? ? ? ? ? ? ? ? 11.100 ? 0.934 ? ? 0.332 0.098 0 9  1 0.979 ? 
2.420 2.490   ? ? ? ? ? 517 ? 100.000 ? ? ? ? 0.252 ? ? ? ? ? ? ? ? 11.400 ? 0.925 ? ? 0.264 0.076 0 10 1 0.985 ? 
2.490 2.580   ? ? ? ? ? 531 ? 100.000 ? ? ? ? 0.182 ? ? ? ? ? ? ? ? 11.300 ? 1.026 ? ? 0.190 0.055 0 11 1 0.990 ? 
2.580 2.690   ? ? ? ? ? 519 ? 100.000 ? ? ? ? 0.151 ? ? ? ? ? ? ? ? 11.200 ? 1.111 ? ? 0.159 0.047 0 12 1 0.991 ? 
2.690 2.810   ? ? ? ? ? 544 ? 100.000 ? ? ? ? 0.128 ? ? ? ? ? ? ? ? 11.200 ? 1.047 ? ? 0.135 0.040 0 13 1 0.992 ? 
2.810 2.960   ? ? ? ? ? 522 ? 100.000 ? ? ? ? 0.101 ? ? ? ? ? ? ? ? 11.200 ? 1.253 ? ? 0.106 0.031 0 14 1 0.995 ? 
2.960 3.140   ? ? ? ? ? 526 ? 99.800  ? ? ? ? 0.071 ? ? ? ? ? ? ? ? 11.000 ? 1.355 ? ? 0.074 0.023 0 15 1 0.996 ? 
3.140 3.390   ? ? ? ? ? 532 ? 100.000 ? ? ? ? 0.060 ? ? ? ? ? ? ? ? 11.000 ? 1.311 ? ? 0.063 0.019 0 16 1 0.996 ? 
3.390 3.730   ? ? ? ? ? 549 ? 100.000 ? ? ? ? 0.061 ? ? ? ? ? ? ? ? 10.800 ? 1.564 ? ? 0.064 0.019 0 17 1 0.996 ? 
3.730 4.270   ? ? ? ? ? 556 ? 99.800  ? ? ? ? 0.055 ? ? ? ? ? ? ? ? 10.600 ? 1.417 ? ? 0.058 0.018 0 18 1 0.998 ? 
4.270 5.370   ? ? ? ? ? 557 ? 100.000 ? ? ? ? 0.048 ? ? ? ? ? ? ? ? 9.700  ? 1.081 ? ? 0.051 0.016 0 19 1 0.998 ? 
5.370 100.000 ? ? ? ? ? 581 ? 92.500  ? ? ? ? 0.041 ? ? ? ? ? ? ? ? 9.400  ? 0.842 ? ? 0.043 0.013 0 20 1 0.998 ? 
# 
_refine.aniso_B[1][1]                            -2.4472 
_refine.aniso_B[1][2]                            0.0000 
_refine.aniso_B[1][3]                            0.0000 
_refine.aniso_B[2][2]                            -2.4472 
_refine.aniso_B[2][3]                            0.0000 
_refine.aniso_B[3][3]                            4.6577 
_refine.B_iso_max                                58.800 
_refine.B_iso_mean                               23.3500 
_refine.B_iso_min                                8.420 
_refine.correlation_coeff_Fo_to_Fc               ? 
_refine.correlation_coeff_Fo_to_Fc_free          ? 
_refine.details                                  ? 
_refine.diff_density_max                         ? 
_refine.diff_density_max_esd                     ? 
_refine.diff_density_min                         ? 
_refine.diff_density_min_esd                     ? 
_refine.diff_density_rms                         ? 
_refine.diff_density_rms_esd                     ? 
_refine.entry_id                                 4XNO 
_refine.pdbx_refine_id                           'X-RAY DIFFRACTION' 
_refine.ls_abs_structure_details                 ? 
_refine.ls_abs_structure_Flack                   ? 
_refine.ls_abs_structure_Flack_esd               ? 
_refine.ls_abs_structure_Rogers                  ? 
_refine.ls_abs_structure_Rogers_esd              ? 
_refine.ls_d_res_high                            1.9850 
_refine.ls_d_res_low                             35.2270 
_refine.ls_extinction_coef                       ? 
_refine.ls_extinction_coef_esd                   ? 
_refine.ls_extinction_expression                 ? 
_refine.ls_extinction_method                     ? 
_refine.ls_goodness_of_fit_all                   ? 
_refine.ls_goodness_of_fit_all_esd               ? 
_refine.ls_goodness_of_fit_obs                   ? 
_refine.ls_goodness_of_fit_obs_esd               ? 
_refine.ls_hydrogen_treatment                    ? 
_refine.ls_matrix_type                           ? 
_refine.ls_number_constraints                    ? 
_refine.ls_number_parameters                     ? 
_refine.ls_number_reflns_all                     ? 
_refine.ls_number_reflns_obs                     10129 
_refine.ls_number_reflns_R_free                  481 
_refine.ls_number_reflns_R_work                  9648 
_refine.ls_number_restraints                     ? 
_refine.ls_percent_reflns_obs                    95.7300 
_refine.ls_percent_reflns_R_free                 4.7500 
_refine.ls_R_factor_all                          ? 
_refine.ls_R_factor_obs                          0.2137 
_refine.ls_R_factor_R_free                       0.2376 
_refine.ls_R_factor_R_free_error                 ? 
_refine.ls_R_factor_R_free_error_details         ? 
_refine.ls_R_factor_R_work                       0.2125 
_refine.ls_R_Fsqd_factor_obs                     ? 
_refine.ls_R_I_factor_obs                        ? 
_refine.ls_redundancy_reflns_all                 ? 
_refine.ls_redundancy_reflns_obs                 ? 
_refine.ls_restrained_S_all                      ? 
_refine.ls_restrained_S_obs                      ? 
_refine.ls_shift_over_esd_max                    ? 
_refine.ls_shift_over_esd_mean                   ? 
_refine.ls_structure_factor_coef                 ? 
_refine.ls_weighting_details                     ? 
_refine.ls_weighting_scheme                      ? 
_refine.ls_wR_factor_all                         ? 
_refine.ls_wR_factor_obs                         ? 
_refine.ls_wR_factor_R_free                      ? 
_refine.ls_wR_factor_R_work                      ? 
_refine.occupancy_max                            ? 
_refine.occupancy_min                            ? 
_refine.solvent_model_details                    'FLAT BULK SOLVENT MODEL' 
_refine.solvent_model_param_bsol                 49.6750 
_refine.solvent_model_param_ksol                 0.4170 
_refine.ls_R_factor_gt                           ? 
_refine.ls_goodness_of_fit_gt                    ? 
_refine.ls_goodness_of_fit_ref                   ? 
_refine.ls_shift_over_su_max                     ? 
_refine.ls_shift_over_su_max_lt                  ? 
_refine.ls_shift_over_su_mean                    ? 
_refine.ls_shift_over_su_mean_lt                 ? 
_refine.pdbx_ls_sigma_I                          ? 
_refine.pdbx_ls_sigma_F                          1.350 
_refine.pdbx_ls_sigma_Fsqd                       ? 
_refine.pdbx_data_cutoff_high_absF               ? 
_refine.pdbx_data_cutoff_high_rms_absF           ? 
_refine.pdbx_data_cutoff_low_absF                ? 
_refine.pdbx_isotropic_thermal_model             ? 
_refine.pdbx_ls_cross_valid_method               'FREE R-VALUE' 
_refine.pdbx_method_to_determine_struct          SAD 
_refine.pdbx_starting_model                      ? 
_refine.pdbx_stereochemistry_target_values       ML 
_refine.pdbx_R_Free_selection_details            ? 
_refine.pdbx_stereochem_target_val_spec_case     ? 
_refine.pdbx_overall_ESU_R                       ? 
_refine.pdbx_overall_ESU_R_Free                  ? 
_refine.pdbx_solvent_vdw_probe_radii             1.1100 
_refine.pdbx_solvent_ion_probe_radii             ? 
_refine.pdbx_solvent_shrinkage_radii             0.9000 
_refine.pdbx_real_space_R                        ? 
_refine.pdbx_density_correlation                 ? 
_refine.pdbx_pd_number_of_powder_patterns        ? 
_refine.pdbx_pd_number_of_points                 ? 
_refine.pdbx_pd_meas_number_of_points            ? 
_refine.pdbx_pd_proc_ls_prof_R_factor            ? 
_refine.pdbx_pd_proc_ls_prof_wR_factor           ? 
_refine.pdbx_pd_Marquardt_correlation_coeff      ? 
_refine.pdbx_pd_Fsqrd_R_factor                   ? 
_refine.pdbx_pd_ls_matrix_band_width             ? 
_refine.pdbx_overall_phase_error                 24.5700 
_refine.pdbx_overall_SU_R_free_Cruickshank_DPI   ? 
_refine.pdbx_overall_SU_R_free_Blow_DPI          ? 
_refine.pdbx_overall_SU_R_Blow_DPI               ? 
_refine.pdbx_TLS_residual_ADP_flag               ? 
_refine.pdbx_diffrn_id                           1 
_refine.overall_SU_B                             ? 
_refine.overall_SU_ML                            0.2800 
_refine.overall_SU_R_Cruickshank_DPI             ? 
_refine.overall_SU_R_free                        ? 
_refine.overall_FOM_free_R_set                   ? 
_refine.overall_FOM_work_R_set                   0.8106 
_refine.pdbx_average_fsc_overall                 ? 
_refine.pdbx_average_fsc_work                    ? 
_refine.pdbx_average_fsc_free                    ? 
# 
_refine_hist.cycle_id                         final 
_refine_hist.pdbx_refine_id                   'X-RAY DIFFRACTION' 
_refine_hist.d_res_high                       1.9850 
_refine_hist.d_res_low                        35.2270 
_refine_hist.pdbx_number_atoms_ligand         0 
_refine_hist.number_atoms_solvent             73 
_refine_hist.number_atoms_total               741 
_refine_hist.pdbx_number_residues_total       32 
_refine_hist.pdbx_B_iso_mean_solvent          29.01 
_refine_hist.pdbx_number_atoms_protein        0 
_refine_hist.pdbx_number_atoms_nucleic_acid   668 
# 
loop_
_refine_ls_restr.pdbx_refine_id 
_refine_ls_restr.criterion 
_refine_ls_restr.dev_ideal 
_refine_ls_restr.dev_ideal_target 
_refine_ls_restr.number 
_refine_ls_restr.rejects 
_refine_ls_restr.type 
_refine_ls_restr.weight 
_refine_ls_restr.pdbx_restraint_function 
'X-RAY DIFFRACTION' ? 0.003  ? 746  ? f_bond_d           ? ? 
'X-RAY DIFFRACTION' ? 0.829  ? 1078 ? f_angle_d          ? ? 
'X-RAY DIFFRACTION' ? 0.035  ? 70   ? f_chiral_restr     ? ? 
'X-RAY DIFFRACTION' ? 0.025  ? 46   ? f_plane_restr      ? ? 
'X-RAY DIFFRACTION' ? 16.672 ? 426  ? f_dihedral_angle_d ? ? 
# 
loop_
_refine_ls_shell.pdbx_refine_id 
_refine_ls_shell.d_res_high 
_refine_ls_shell.d_res_low 
_refine_ls_shell.number_reflns_all 
_refine_ls_shell.number_reflns_obs 
_refine_ls_shell.number_reflns_R_free 
_refine_ls_shell.number_reflns_R_work 
_refine_ls_shell.percent_reflns_obs 
_refine_ls_shell.percent_reflns_R_free 
_refine_ls_shell.R_factor_all 
_refine_ls_shell.R_factor_obs 
_refine_ls_shell.R_factor_R_free 
_refine_ls_shell.R_factor_R_free_error 
_refine_ls_shell.R_factor_R_work 
_refine_ls_shell.redundancy_reflns_all 
_refine_ls_shell.redundancy_reflns_obs 
_refine_ls_shell.wR_factor_all 
_refine_ls_shell.wR_factor_obs 
_refine_ls_shell.wR_factor_R_free 
_refine_ls_shell.wR_factor_R_work 
_refine_ls_shell.pdbx_total_number_of_bins_used 
_refine_ls_shell.pdbx_phase_error 
_refine_ls_shell.pdbx_fsc_work 
_refine_ls_shell.pdbx_fsc_free 
'X-RAY DIFFRACTION' 1.9848 2.2720  . . 142 2883 88.0     . . . 0.2974 . 0.2646 . . . . . . . . . . 
'X-RAY DIFFRACTION' 2.2720 2.8623  . . 188 3275 100.0000 . . . 0.2958 . 0.2424 . . . . . . . . . . 
'X-RAY DIFFRACTION' 2.8623 35.2323 . . 151 3490 99.0000  . . . 0.1922 . 0.1859 . . . . . . . . . . 
# 
_struct.entry_id                     4XNO 
_struct.title                        
;Crystal structure of 5'-CTTATPPPZZZATAAG
;
_struct.pdbx_model_details           ? 
_struct.pdbx_formula_weight          ? 
_struct.pdbx_formula_weight_method   ? 
_struct.pdbx_model_type_details      ? 
_struct.pdbx_CASP_flag               ? 
# 
_struct_keywords.entry_id        4XNO 
_struct_keywords.text            'A-form DNA, non-natural nucleobase pair, synthetic biology, DNA' 
_struct_keywords.pdbx_keywords   DNA 
# 
loop_
_struct_asym.id 
_struct_asym.pdbx_blank_PDB_chainid_flag 
_struct_asym.pdbx_modified 
_struct_asym.entity_id 
_struct_asym.details 
A N N 1 ? 
B N N 1 ? 
C N N 2 ? 
D N N 2 ? 
# 
_struct_ref.id                         1 
_struct_ref.db_name                    PDB 
_struct_ref.db_code                    4XNO 
_struct_ref.pdbx_db_accession          4XNO 
_struct_ref.pdbx_db_isoform            ? 
_struct_ref.entity_id                  1 
_struct_ref.pdbx_seq_one_letter_code   ? 
_struct_ref.pdbx_align_begin           1 
# 
loop_
_struct_ref_seq.align_id 
_struct_ref_seq.ref_id 
_struct_ref_seq.pdbx_PDB_id_code 
_struct_ref_seq.pdbx_strand_id 
_struct_ref_seq.seq_align_beg 
_struct_ref_seq.pdbx_seq_align_beg_ins_code 
_struct_ref_seq.seq_align_end 
_struct_ref_seq.pdbx_seq_align_end_ins_code 
_struct_ref_seq.pdbx_db_accession 
_struct_ref_seq.db_align_beg 
_struct_ref_seq.pdbx_db_align_beg_ins_code 
_struct_ref_seq.db_align_end 
_struct_ref_seq.pdbx_db_align_end_ins_code 
_struct_ref_seq.pdbx_auth_seq_align_beg 
_struct_ref_seq.pdbx_auth_seq_align_end 
1 1 4XNO A 1 ? 16 ? 4XNO 1 ? 16 ? 1 16 
2 1 4XNO B 1 ? 16 ? 4XNO 1 ? 16 ? 1 16 
# 
_pdbx_struct_assembly.id                   1 
_pdbx_struct_assembly.details              author_defined_assembly 
_pdbx_struct_assembly.method_details       ? 
_pdbx_struct_assembly.oligomeric_details   dimeric 
_pdbx_struct_assembly.oligomeric_count     2 
# 
_pdbx_struct_assembly_gen.assembly_id       1 
_pdbx_struct_assembly_gen.oper_expression   1 
_pdbx_struct_assembly_gen.asym_id_list      A,B,C,D 
# 
_pdbx_struct_oper_list.id                   1 
_pdbx_struct_oper_list.type                 'identity operation' 
_pdbx_struct_oper_list.name                 1_555 
_pdbx_struct_oper_list.symmetry_operation   x,y,z 
_pdbx_struct_oper_list.matrix[1][1]         1.0000000000 
_pdbx_struct_oper_list.matrix[1][2]         0.0000000000 
_pdbx_struct_oper_list.matrix[1][3]         0.0000000000 
_pdbx_struct_oper_list.vector[1]            0.0000000000 
_pdbx_struct_oper_list.matrix[2][1]         0.0000000000 
_pdbx_struct_oper_list.matrix[2][2]         1.0000000000 
_pdbx_struct_oper_list.matrix[2][3]         0.0000000000 
_pdbx_struct_oper_list.vector[2]            0.0000000000 
_pdbx_struct_oper_list.matrix[3][1]         0.0000000000 
_pdbx_struct_oper_list.matrix[3][2]         0.0000000000 
_pdbx_struct_oper_list.matrix[3][3]         1.0000000000 
_pdbx_struct_oper_list.vector[3]            0.0000000000 
# 
loop_
_struct_conn.id 
_struct_conn.conn_type_id 
_struct_conn.pdbx_leaving_atom_flag 
_struct_conn.pdbx_PDB_id 
_struct_conn.ptnr1_label_asym_id 
_struct_conn.ptnr1_label_comp_id 
_struct_conn.ptnr1_label_seq_id 
_struct_conn.ptnr1_label_atom_id 
_struct_conn.pdbx_ptnr1_label_alt_id 
_struct_conn.pdbx_ptnr1_PDB_ins_code 
_struct_conn.pdbx_ptnr1_standard_comp_id 
_struct_conn.ptnr1_symmetry 
_struct_conn.ptnr2_label_asym_id 
_struct_conn.ptnr2_label_comp_id 
_struct_conn.ptnr2_label_seq_id 
_struct_conn.ptnr2_label_atom_id 
_struct_conn.pdbx_ptnr2_label_alt_id 
_struct_conn.pdbx_ptnr2_PDB_ins_code 
_struct_conn.ptnr1_auth_asym_id 
_struct_conn.ptnr1_auth_comp_id 
_struct_conn.ptnr1_auth_seq_id 
_struct_conn.ptnr2_auth_asym_id 
_struct_conn.ptnr2_auth_comp_id 
_struct_conn.ptnr2_auth_seq_id 
_struct_conn.ptnr2_symmetry 
_struct_conn.pdbx_ptnr3_label_atom_id 
_struct_conn.pdbx_ptnr3_label_seq_id 
_struct_conn.pdbx_ptnr3_label_comp_id 
_struct_conn.pdbx_ptnr3_label_asym_id 
_struct_conn.pdbx_ptnr3_label_alt_id 
_struct_conn.pdbx_ptnr3_PDB_ins_code 
_struct_conn.details 
_struct_conn.pdbx_dist_value 
_struct_conn.pdbx_value_order 
_struct_conn.pdbx_role 
covale1  covale both ? A DT  2  "O3'" ? ? ? 1_555 A BRU 3  P  ? ? A DT  2  A BRU 3  1_555 ? ? ? ? ? ? ?            1.586 ? ? 
covale2  covale both ? A BRU 3  "O3'" ? ? ? 1_555 A DA  4  P  ? ? A BRU 3  A DA  4  1_555 ? ? ? ? ? ? ?            1.588 ? ? 
covale3  covale both ? A DT  5  "O3'" ? ? ? 1_555 A 1WA 6  P  ? ? A DT  5  A 1WA 6  1_555 ? ? ? ? ? ? ?            1.587 ? ? 
covale4  covale both ? A 1WA 6  "O3'" ? ? ? 1_555 A 1WA 7  P  ? ? A 1WA 6  A 1WA 7  1_555 ? ? ? ? ? ? ?            1.587 ? ? 
covale5  covale both ? A 1WA 7  "O3'" ? ? ? 1_555 A 1WA 8  P  ? ? A 1WA 7  A 1WA 8  1_555 ? ? ? ? ? ? ?            1.587 ? ? 
covale6  covale both ? A 1WA 8  "O3'" ? ? ? 1_555 A 1W5 9  P  ? ? A 1WA 8  A 1W5 9  1_555 ? ? ? ? ? ? ?            1.587 ? ? 
covale7  covale one  ? A 1W5 9  "O3'" ? ? ? 1_555 A 1W5 10 P  ? ? A 1W5 9  A 1W5 10 1_555 ? ? ? ? ? ? ?            1.587 ? ? 
covale8  covale one  ? A 1W5 10 "O3'" ? ? ? 1_555 A 1W5 11 P  ? ? A 1W5 10 A 1W5 11 1_555 ? ? ? ? ? ? ?            1.587 ? ? 
covale9  covale one  ? A 1W5 11 "O3'" ? ? ? 1_555 A DA  12 P  ? ? A 1W5 11 A DA  12 1_555 ? ? ? ? ? ? ?            1.587 ? ? 
covale10 covale both ? B DT  2  "O3'" ? ? ? 1_555 B BRU 3  P  ? ? B DT  2  B BRU 3  1_555 ? ? ? ? ? ? ?            1.586 ? ? 
covale11 covale both ? B BRU 3  "O3'" ? ? ? 1_555 B DA  4  P  ? ? B BRU 3  B DA  4  1_555 ? ? ? ? ? ? ?            1.588 ? ? 
covale12 covale both ? B DT  5  "O3'" ? ? ? 1_555 B 1WA 6  P  ? ? B DT  5  B 1WA 6  1_555 ? ? ? ? ? ? ?            1.587 ? ? 
covale13 covale both ? B 1WA 6  "O3'" ? ? ? 1_555 B 1WA 7  P  ? ? B 1WA 6  B 1WA 7  1_555 ? ? ? ? ? ? ?            1.587 ? ? 
covale14 covale both ? B 1WA 7  "O3'" ? ? ? 1_555 B 1WA 8  P  ? ? B 1WA 7  B 1WA 8  1_555 ? ? ? ? ? ? ?            1.587 ? ? 
covale15 covale both ? B 1WA 8  "O3'" ? ? ? 1_555 B 1W5 9  P  ? ? B 1WA 8  B 1W5 9  1_555 ? ? ? ? ? ? ?            1.586 ? ? 
covale16 covale one  ? B 1W5 9  "O3'" ? ? ? 1_555 B 1W5 10 P  ? ? B 1W5 9  B 1W5 10 1_555 ? ? ? ? ? ? ?            1.586 ? ? 
covale17 covale one  ? B 1W5 10 "O3'" ? ? ? 1_555 B 1W5 11 P  ? ? B 1W5 10 B 1W5 11 1_555 ? ? ? ? ? ? ?            1.587 ? ? 
covale18 covale one  ? B 1W5 11 "O3'" ? ? ? 1_555 B DA  12 P  ? ? B 1W5 11 B DA  12 1_555 ? ? ? ? ? ? ?            1.588 ? ? 
hydrog1  hydrog ?    ? A DC  1  N3    ? ? ? 1_555 B DG  16 N1 ? ? A DC  1  B DG  16 1_555 ? ? ? ? ? ? WATSON-CRICK ?     ? ? 
hydrog2  hydrog ?    ? A DC  1  N4    ? ? ? 1_555 B DG  16 O6 ? ? A DC  1  B DG  16 1_555 ? ? ? ? ? ? WATSON-CRICK ?     ? ? 
hydrog3  hydrog ?    ? A DC  1  O2    ? ? ? 1_555 B DG  16 N2 ? ? A DC  1  B DG  16 1_555 ? ? ? ? ? ? WATSON-CRICK ?     ? ? 
hydrog4  hydrog ?    ? A DT  2  N3    ? ? ? 1_555 B DA  15 N1 ? ? A DT  2  B DA  15 1_555 ? ? ? ? ? ? WATSON-CRICK ?     ? ? 
hydrog5  hydrog ?    ? A DT  2  O4    ? ? ? 1_555 B DA  15 N6 ? ? A DT  2  B DA  15 1_555 ? ? ? ? ? ? WATSON-CRICK ?     ? ? 
hydrog6  hydrog ?    ? A BRU 3  N3    ? ? ? 1_555 B DA  14 N1 ? ? A BRU 3  B DA  14 1_555 ? ? ? ? ? ? WATSON-CRICK ?     ? ? 
hydrog7  hydrog ?    ? A BRU 3  O4    ? ? ? 1_555 B DA  14 N6 ? ? A BRU 3  B DA  14 1_555 ? ? ? ? ? ? WATSON-CRICK ?     ? ? 
hydrog8  hydrog ?    ? A DA  4  N1    ? ? ? 1_555 B DT  13 N3 ? ? A DA  4  B DT  13 1_555 ? ? ? ? ? ? WATSON-CRICK ?     ? ? 
hydrog9  hydrog ?    ? A DA  4  N6    ? ? ? 1_555 B DT  13 O4 ? ? A DA  4  B DT  13 1_555 ? ? ? ? ? ? WATSON-CRICK ?     ? ? 
hydrog10 hydrog ?    ? A DT  5  N3    ? ? ? 1_555 B DA  12 N1 ? ? A DT  5  B DA  12 1_555 ? ? ? ? ? ? WATSON-CRICK ?     ? ? 
hydrog11 hydrog ?    ? A DT  5  O4    ? ? ? 1_555 B DA  12 N6 ? ? A DT  5  B DA  12 1_555 ? ? ? ? ? ? WATSON-CRICK ?     ? ? 
hydrog12 hydrog ?    ? A DA  12 N1    ? ? ? 1_555 B DT  5  N3 ? ? A DA  12 B DT  5  1_555 ? ? ? ? ? ? WATSON-CRICK ?     ? ? 
hydrog13 hydrog ?    ? A DA  12 N6    ? ? ? 1_555 B DT  5  O4 ? ? A DA  12 B DT  5  1_555 ? ? ? ? ? ? WATSON-CRICK ?     ? ? 
hydrog14 hydrog ?    ? A DT  13 N3    ? ? ? 1_555 B DA  4  N1 ? ? A DT  13 B DA  4  1_555 ? ? ? ? ? ? WATSON-CRICK ?     ? ? 
hydrog15 hydrog ?    ? A DT  13 O4    ? ? ? 1_555 B DA  4  N6 ? ? A DT  13 B DA  4  1_555 ? ? ? ? ? ? WATSON-CRICK ?     ? ? 
hydrog16 hydrog ?    ? A DA  14 N1    ? ? ? 1_555 B BRU 3  N3 ? ? A DA  14 B BRU 3  1_555 ? ? ? ? ? ? WATSON-CRICK ?     ? ? 
hydrog17 hydrog ?    ? A DA  14 N6    ? ? ? 1_555 B BRU 3  O4 ? ? A DA  14 B BRU 3  1_555 ? ? ? ? ? ? WATSON-CRICK ?     ? ? 
hydrog18 hydrog ?    ? A DA  15 N1    ? ? ? 1_555 B DT  2  N3 ? ? A DA  15 B DT  2  1_555 ? ? ? ? ? ? WATSON-CRICK ?     ? ? 
hydrog19 hydrog ?    ? A DA  15 N6    ? ? ? 1_555 B DT  2  O4 ? ? A DA  15 B DT  2  1_555 ? ? ? ? ? ? WATSON-CRICK ?     ? ? 
hydrog20 hydrog ?    ? A DG  16 N1    ? ? ? 1_555 B DC  1  N3 ? ? A DG  16 B DC  1  1_555 ? ? ? ? ? ? WATSON-CRICK ?     ? ? 
hydrog21 hydrog ?    ? A DG  16 N2    ? ? ? 1_555 B DC  1  O2 ? ? A DG  16 B DC  1  1_555 ? ? ? ? ? ? WATSON-CRICK ?     ? ? 
hydrog22 hydrog ?    ? A DG  16 O6    ? ? ? 1_555 B DC  1  N4 ? ? A DG  16 B DC  1  1_555 ? ? ? ? ? ? WATSON-CRICK ?     ? ? 
# 
loop_
_struct_conn_type.id 
_struct_conn_type.criteria 
_struct_conn_type.reference 
covale ? ? 
hydrog ? ? 
# 
loop_
_pdbx_validate_rmsd_angle.id 
_pdbx_validate_rmsd_angle.PDB_model_num 
_pdbx_validate_rmsd_angle.auth_atom_id_1 
_pdbx_validate_rmsd_angle.auth_asym_id_1 
_pdbx_validate_rmsd_angle.auth_comp_id_1 
_pdbx_validate_rmsd_angle.auth_seq_id_1 
_pdbx_validate_rmsd_angle.PDB_ins_code_1 
_pdbx_validate_rmsd_angle.label_alt_id_1 
_pdbx_validate_rmsd_angle.auth_atom_id_2 
_pdbx_validate_rmsd_angle.auth_asym_id_2 
_pdbx_validate_rmsd_angle.auth_comp_id_2 
_pdbx_validate_rmsd_angle.auth_seq_id_2 
_pdbx_validate_rmsd_angle.PDB_ins_code_2 
_pdbx_validate_rmsd_angle.label_alt_id_2 
_pdbx_validate_rmsd_angle.auth_atom_id_3 
_pdbx_validate_rmsd_angle.auth_asym_id_3 
_pdbx_validate_rmsd_angle.auth_comp_id_3 
_pdbx_validate_rmsd_angle.auth_seq_id_3 
_pdbx_validate_rmsd_angle.PDB_ins_code_3 
_pdbx_validate_rmsd_angle.label_alt_id_3 
_pdbx_validate_rmsd_angle.angle_value 
_pdbx_validate_rmsd_angle.angle_target_value 
_pdbx_validate_rmsd_angle.angle_deviation 
_pdbx_validate_rmsd_angle.angle_standard_deviation 
_pdbx_validate_rmsd_angle.linker_flag 
1  1 "O3'" A DT  2  ? ? P     A BRU 3  ? ? "O5'" A BRU 3  ? ? 90.71  104.00 -13.29 1.90 Y 
2  1 "C3'" A DT  5  ? ? "O3'" A DT  5  ? ? P     A 1WA 6  ? ? 108.35 119.70 -11.35 1.20 Y 
3  1 "O3'" A DT  5  ? ? P     A 1WA 6  ? ? OP2   A 1WA 6  ? ? 122.14 110.50 11.64  1.10 Y 
4  1 "O3'" A 1WA 6  ? ? P     A 1WA 7  ? ? OP2   A 1WA 7  ? ? 118.90 110.50 8.40   1.10 Y 
5  1 "O3'" A 1W5 9  ? ? P     A 1W5 10 ? ? OP1   A 1W5 10 ? ? 90.21  105.20 -14.99 2.20 Y 
6  1 "O3'" A 1W5 10 ? ? P     A 1W5 11 ? ? OP1   A 1W5 11 ? ? 87.95  105.20 -17.25 2.20 Y 
7  1 "C3'" A 1W5 11 ? ? "O3'" A 1W5 11 ? ? P     A DA  12 ? ? 103.95 119.70 -15.75 1.20 Y 
8  1 "O3'" A 1W5 11 ? ? P     A DA  12 ? ? "O5'" A DA  12 ? ? 119.08 104.00 15.08  1.90 Y 
9  1 "O3'" A 1W5 11 ? ? P     A DA  12 ? ? OP2   A DA  12 ? ? 125.44 110.50 14.94  1.10 Y 
10 1 "O3'" A 1W5 11 ? ? P     A DA  12 ? ? OP1   A DA  12 ? ? 69.72  105.20 -35.48 2.20 Y 
11 1 "C3'" B BRU 3  ? ? "O3'" B BRU 3  ? ? P     B DA  4  ? ? 103.77 119.70 -15.93 1.20 Y 
12 1 "O3'" B 1WA 6  ? ? P     B 1WA 7  ? ? OP2   B 1WA 7  ? ? 120.32 110.50 9.82   1.10 Y 
13 1 "O3'" B 1WA 8  ? ? P     B 1W5 9  ? ? OP1   B 1W5 9  ? ? 91.42  105.20 -13.78 2.20 Y 
14 1 "O3'" B 1W5 9  ? ? P     B 1W5 10 ? ? OP1   B 1W5 10 ? ? 89.78  105.20 -15.42 2.20 Y 
# 
_diffrn_reflns.diffrn_id                   1 
_diffrn_reflns.pdbx_d_res_high             1.980 
_diffrn_reflns.pdbx_d_res_low              100.000 
_diffrn_reflns.pdbx_number_obs             10571 
_diffrn_reflns.pdbx_Rmerge_I_obs           0.069 
_diffrn_reflns.pdbx_Rsym_value             ? 
_diffrn_reflns.pdbx_chi_squared            1.06 
_diffrn_reflns.pdbx_redundancy             10.00 
_diffrn_reflns.pdbx_rejects                ? 
_diffrn_reflns.pdbx_percent_possible_obs   99.50 
_diffrn_reflns.pdbx_observed_criterion     ? 
_diffrn_reflns.number                      105588 
_diffrn_reflns.limit_h_max                 ? 
_diffrn_reflns.limit_h_min                 ? 
_diffrn_reflns.limit_k_max                 ? 
_diffrn_reflns.limit_k_min                 ? 
_diffrn_reflns.limit_l_max                 ? 
_diffrn_reflns.limit_l_min                 ? 
# 
loop_
_pdbx_diffrn_reflns_shell.diffrn_id 
_pdbx_diffrn_reflns_shell.d_res_high 
_pdbx_diffrn_reflns_shell.d_res_low 
_pdbx_diffrn_reflns_shell.number_obs 
_pdbx_diffrn_reflns_shell.rejects 
_pdbx_diffrn_reflns_shell.Rmerge_I_obs 
_pdbx_diffrn_reflns_shell.Rsym_value 
_pdbx_diffrn_reflns_shell.chi_squared 
_pdbx_diffrn_reflns_shell.redundancy 
_pdbx_diffrn_reflns_shell.percent_possible_obs 
1 5.37 100.00 ? ? 0.041 ? 0.842 9.40  ? 
1 4.27 5.37   ? ? 0.048 ? 1.081 9.70  ? 
1 3.73 4.27   ? ? 0.055 ? 1.417 10.60 ? 
1 3.39 3.73   ? ? 0.061 ? 1.564 10.80 ? 
1 3.14 3.39   ? ? 0.060 ? 1.311 11.00 ? 
1 2.96 3.14   ? ? 0.071 ? 1.355 11.00 ? 
1 2.81 2.96   ? ? 0.101 ? 1.253 11.20 ? 
1 2.69 2.81   ? ? 0.128 ? 1.047 11.20 ? 
1 2.58 2.69   ? ? 0.151 ? 1.111 11.20 ? 
1 2.49 2.58   ? ? 0.182 ? 1.026 11.30 ? 
1 2.42 2.49   ? ? 0.252 ? 0.925 11.40 ? 
1 2.35 2.42   ? ? 0.317 ? 0.934 11.10 ? 
1 2.29 2.35   ? ? 0.386 ? 0.915 11.10 ? 
1 2.23 2.29   ? ? 0.475 ? 0.881 10.40 ? 
1 2.18 2.23   ? ? 0.567 ? 0.837 10.00 ? 
1 2.13 2.18   ? ? 0.627 ? 0.910 9.50  ? 
1 2.09 2.13   ? ? 0.643 ? 0.878 8.60  ? 
1 2.05 2.09   ? ? 0.672 ? 0.839 7.70  ? 
1 2.01 2.05   ? ? 0.672 ? 0.819 6.70  ? 
1 1.98 2.01   ? ? 0.768 ? 0.800 5.60  ? 
# 
loop_
_chem_comp_atom.comp_id 
_chem_comp_atom.atom_id 
_chem_comp_atom.type_symbol 
_chem_comp_atom.pdbx_aromatic_flag 
_chem_comp_atom.pdbx_stereo_config 
_chem_comp_atom.pdbx_ordinal 
1W5 N      N  N N 1   
1W5 P      P  N N 2   
1W5 C1     C  Y N 3   
1W5 C2     C  Y N 4   
1W5 O2     O  N N 5   
1W5 N3     N  Y N 6   
1W5 C4     C  Y N 7   
1W5 N4     N  N N 8   
1W5 C5     C  Y N 9   
1W5 C6     C  Y N 10  
1W5 "C1'"  C  N R 11  
1W5 "C2'"  C  N N 12  
1W5 "C3'"  C  N S 13  
1W5 "O3'"  O  N N 14  
1W5 "C4'"  C  N R 15  
1W5 "O4'"  O  N N 16  
1W5 "C5'"  C  N N 17  
1W5 "O5'"  O  N N 18  
1W5 ON1    O  N N 19  
1W5 ON2    O  N N 20  
1W5 OP1    O  N N 21  
1W5 OP2    O  N N 22  
1W5 OP3    O  N N 23  
1W5 H1     H  N N 24  
1W5 H2     H  N N 25  
1W5 H4     H  N N 26  
1W5 H5     H  N N 27  
1W5 H6     H  N N 28  
1W5 H7     H  N N 29  
1W5 H8     H  N N 30  
1W5 H9     H  N N 31  
1W5 H10    H  N N 32  
1W5 H11    H  N N 33  
1W5 H12    H  N N 34  
1W5 HOP1   H  N N 35  
1W5 HOP3   H  N N 36  
1W5 H15    H  N N 37  
1WA OP3    O  N N 38  
1WA P      P  N N 39  
1WA N1     N  Y N 40  
1WA C2     C  Y N 41  
1WA N2     N  N N 42  
1WA N3     N  Y N 43  
1WA C4     C  Y N 44  
1WA N5     N  Y N 45  
1WA C6     C  Y N 46  
1WA O6     O  N N 47  
1WA C7     C  Y N 48  
1WA C8     C  Y N 49  
1WA N9     N  Y N 50  
1WA "C1'"  C  N R 51  
1WA "C2'"  C  N N 52  
1WA "C3'"  C  N S 53  
1WA "O3'"  O  N N 54  
1WA "C4'"  C  N R 55  
1WA "O4'"  O  N N 56  
1WA "C5'"  C  N N 57  
1WA "O5'"  O  N N 58  
1WA OP1    O  N N 59  
1WA OP2    O  N N 60  
1WA HOP3   H  N N 61  
1WA HN2    H  N N 62  
1WA HN2A   H  N N 63  
1WA HN3    H  N N 64  
1WA H7     H  N N 65  
1WA H8     H  N N 66  
1WA "H1'"  H  N N 67  
1WA "H2'"  H  N N 68  
1WA "H2'A" H  N N 69  
1WA "H3'"  H  N N 70  
1WA "HO3'" H  N N 71  
1WA "H4'"  H  N N 72  
1WA "H5'"  H  N N 73  
1WA "H5'A" H  N N 74  
1WA HOP1   H  N N 75  
1WA HO6    H  N N 76  
BRU N1     N  N N 77  
BRU C2     C  N N 78  
BRU N3     N  N N 79  
BRU C4     C  N N 80  
BRU C5     C  N N 81  
BRU C6     C  N N 82  
BRU O2     O  N N 83  
BRU O4     O  N N 84  
BRU BR     BR N N 85  
BRU "C1'"  C  N R 86  
BRU "C2'"  C  N N 87  
BRU "C3'"  C  N S 88  
BRU "C4'"  C  N R 89  
BRU "O3'"  O  N N 90  
BRU "O4'"  O  N N 91  
BRU "C5'"  C  N N 92  
BRU "O5'"  O  N N 93  
BRU P      P  N N 94  
BRU OP1    O  N N 95  
BRU OP2    O  N N 96  
BRU OP3    O  N N 97  
BRU HN3    H  N N 98  
BRU H6     H  N N 99  
BRU "H1'"  H  N N 100 
BRU "H2'"  H  N N 101 
BRU "H2''" H  N N 102 
BRU "H3'"  H  N N 103 
BRU "H4'"  H  N N 104 
BRU "HO3'" H  N N 105 
BRU "H5'"  H  N N 106 
BRU "H5''" H  N N 107 
BRU HOP2   H  N N 108 
BRU HOP3   H  N N 109 
DA  OP3    O  N N 110 
DA  P      P  N N 111 
DA  OP1    O  N N 112 
DA  OP2    O  N N 113 
DA  "O5'"  O  N N 114 
DA  "C5'"  C  N N 115 
DA  "C4'"  C  N R 116 
DA  "O4'"  O  N N 117 
DA  "C3'"  C  N S 118 
DA  "O3'"  O  N N 119 
DA  "C2'"  C  N N 120 
DA  "C1'"  C  N R 121 
DA  N9     N  Y N 122 
DA  C8     C  Y N 123 
DA  N7     N  Y N 124 
DA  C5     C  Y N 125 
DA  C6     C  Y N 126 
DA  N6     N  N N 127 
DA  N1     N  Y N 128 
DA  C2     C  Y N 129 
DA  N3     N  Y N 130 
DA  C4     C  Y N 131 
DA  HOP3   H  N N 132 
DA  HOP2   H  N N 133 
DA  "H5'"  H  N N 134 
DA  "H5''" H  N N 135 
DA  "H4'"  H  N N 136 
DA  "H3'"  H  N N 137 
DA  "HO3'" H  N N 138 
DA  "H2'"  H  N N 139 
DA  "H2''" H  N N 140 
DA  "H1'"  H  N N 141 
DA  H8     H  N N 142 
DA  H61    H  N N 143 
DA  H62    H  N N 144 
DA  H2     H  N N 145 
DC  OP3    O  N N 146 
DC  P      P  N N 147 
DC  OP1    O  N N 148 
DC  OP2    O  N N 149 
DC  "O5'"  O  N N 150 
DC  "C5'"  C  N N 151 
DC  "C4'"  C  N R 152 
DC  "O4'"  O  N N 153 
DC  "C3'"  C  N S 154 
DC  "O3'"  O  N N 155 
DC  "C2'"  C  N N 156 
DC  "C1'"  C  N R 157 
DC  N1     N  N N 158 
DC  C2     C  N N 159 
DC  O2     O  N N 160 
DC  N3     N  N N 161 
DC  C4     C  N N 162 
DC  N4     N  N N 163 
DC  C5     C  N N 164 
DC  C6     C  N N 165 
DC  HOP3   H  N N 166 
DC  HOP2   H  N N 167 
DC  "H5'"  H  N N 168 
DC  "H5''" H  N N 169 
DC  "H4'"  H  N N 170 
DC  "H3'"  H  N N 171 
DC  "HO3'" H  N N 172 
DC  "H2'"  H  N N 173 
DC  "H2''" H  N N 174 
DC  "H1'"  H  N N 175 
DC  H41    H  N N 176 
DC  H42    H  N N 177 
DC  H5     H  N N 178 
DC  H6     H  N N 179 
DG  OP3    O  N N 180 
DG  P      P  N N 181 
DG  OP1    O  N N 182 
DG  OP2    O  N N 183 
DG  "O5'"  O  N N 184 
DG  "C5'"  C  N N 185 
DG  "C4'"  C  N R 186 
DG  "O4'"  O  N N 187 
DG  "C3'"  C  N S 188 
DG  "O3'"  O  N N 189 
DG  "C2'"  C  N N 190 
DG  "C1'"  C  N R 191 
DG  N9     N  Y N 192 
DG  C8     C  Y N 193 
DG  N7     N  Y N 194 
DG  C5     C  Y N 195 
DG  C6     C  N N 196 
DG  O6     O  N N 197 
DG  N1     N  N N 198 
DG  C2     C  N N 199 
DG  N2     N  N N 200 
DG  N3     N  N N 201 
DG  C4     C  Y N 202 
DG  HOP3   H  N N 203 
DG  HOP2   H  N N 204 
DG  "H5'"  H  N N 205 
DG  "H5''" H  N N 206 
DG  "H4'"  H  N N 207 
DG  "H3'"  H  N N 208 
DG  "HO3'" H  N N 209 
DG  "H2'"  H  N N 210 
DG  "H2''" H  N N 211 
DG  "H1'"  H  N N 212 
DG  H8     H  N N 213 
DG  H1     H  N N 214 
DG  H21    H  N N 215 
DG  H22    H  N N 216 
DT  OP3    O  N N 217 
DT  P      P  N N 218 
DT  OP1    O  N N 219 
DT  OP2    O  N N 220 
DT  "O5'"  O  N N 221 
DT  "C5'"  C  N N 222 
DT  "C4'"  C  N R 223 
DT  "O4'"  O  N N 224 
DT  "C3'"  C  N S 225 
DT  "O3'"  O  N N 226 
DT  "C2'"  C  N N 227 
DT  "C1'"  C  N R 228 
DT  N1     N  N N 229 
DT  C2     C  N N 230 
DT  O2     O  N N 231 
DT  N3     N  N N 232 
DT  C4     C  N N 233 
DT  O4     O  N N 234 
DT  C5     C  N N 235 
DT  C7     C  N N 236 
DT  C6     C  N N 237 
DT  HOP3   H  N N 238 
DT  HOP2   H  N N 239 
DT  "H5'"  H  N N 240 
DT  "H5''" H  N N 241 
DT  "H4'"  H  N N 242 
DT  "H3'"  H  N N 243 
DT  "HO3'" H  N N 244 
DT  "H2'"  H  N N 245 
DT  "H2''" H  N N 246 
DT  "H1'"  H  N N 247 
DT  H3     H  N N 248 
DT  H71    H  N N 249 
DT  H72    H  N N 250 
DT  H73    H  N N 251 
DT  H6     H  N N 252 
HOH O      O  N N 253 
HOH H1     H  N N 254 
HOH H2     H  N N 255 
# 
loop_
_chem_comp_bond.comp_id 
_chem_comp_bond.atom_id_1 
_chem_comp_bond.atom_id_2 
_chem_comp_bond.value_order 
_chem_comp_bond.pdbx_aromatic_flag 
_chem_comp_bond.pdbx_stereo_config 
_chem_comp_bond.pdbx_ordinal 
1W5 "O3'" "C3'"  sing N N 1   
1W5 N4    C4     sing N N 2   
1W5 "C3'" "C2'"  sing N N 3   
1W5 "C3'" "C4'"  sing N N 4   
1W5 "C2'" "C1'"  sing N N 5   
1W5 N3    C4     doub Y N 6   
1W5 N3    C2     sing Y N 7   
1W5 O2    C2     sing N N 8   
1W5 C4    C5     sing Y N 9   
1W5 C2    C1     doub Y N 10  
1W5 ON1   N      doub N N 11  
1W5 C5    N      sing N N 12  
1W5 C5    C6     doub Y N 13  
1W5 C1    C6     sing Y N 14  
1W5 C1    "C1'"  sing N N 15  
1W5 N     ON2    sing N N 16  
1W5 OP2   P      doub N N 17  
1W5 "C1'" "O4'"  sing N N 18  
1W5 "O5'" P      sing N N 19  
1W5 "O5'" "C5'"  sing N N 20  
1W5 "C4'" "C5'"  sing N N 21  
1W5 "C4'" "O4'"  sing N N 22  
1W5 P     OP1    sing N N 23  
1W5 P     OP3    sing N N 24  
1W5 N4    H1     sing N N 25  
1W5 N4    H2     sing N N 26  
1W5 C6    H4     sing N N 27  
1W5 "C1'" H5     sing N N 28  
1W5 "C2'" H6     sing N N 29  
1W5 "C2'" H7     sing N N 30  
1W5 "C3'" H8     sing N N 31  
1W5 "O3'" H9     sing N N 32  
1W5 "C4'" H10    sing N N 33  
1W5 "C5'" H11    sing N N 34  
1W5 "C5'" H12    sing N N 35  
1W5 OP1   HOP1   sing N N 36  
1W5 OP3   HOP3   sing N N 37  
1W5 O2    H15    sing N N 38  
1WA P     OP3    sing N N 39  
1WA OP3   HOP3   sing N N 40  
1WA OP2   P      doub N N 41  
1WA "O5'" P      sing N N 42  
1WA P     OP1    sing N N 43  
1WA C2    N1     doub Y N 44  
1WA N1    C6     sing Y N 45  
1WA N2    C2     sing N N 46  
1WA C2    N3     sing Y N 47  
1WA N2    HN2    sing N N 48  
1WA N2    HN2A   sing N N 49  
1WA N3    C4     sing Y N 50  
1WA N3    HN3    sing N N 51  
1WA C4    N5     sing Y N 52  
1WA C4    N9     doub Y N 53  
1WA C6    N5     doub Y N 54  
1WA N5    C7     sing Y N 55  
1WA C6    O6     sing N N 56  
1WA C7    C8     doub Y N 57  
1WA C7    H7     sing N N 58  
1WA N9    C8     sing Y N 59  
1WA C8    H8     sing N N 60  
1WA N9    "C1'"  sing N N 61  
1WA "C2'" "C1'"  sing N N 62  
1WA "C1'" "O4'"  sing N N 63  
1WA "C1'" "H1'"  sing N N 64  
1WA "C2'" "C3'"  sing N N 65  
1WA "C2'" "H2'"  sing N N 66  
1WA "C2'" "H2'A" sing N N 67  
1WA "O3'" "C3'"  sing N N 68  
1WA "C3'" "C4'"  sing N N 69  
1WA "C3'" "H3'"  sing N N 70  
1WA "O3'" "HO3'" sing N N 71  
1WA "C4'" "O4'"  sing N N 72  
1WA "C4'" "C5'"  sing N N 73  
1WA "C4'" "H4'"  sing N N 74  
1WA "O5'" "C5'"  sing N N 75  
1WA "C5'" "H5'"  sing N N 76  
1WA "C5'" "H5'A" sing N N 77  
1WA OP1   HOP1   sing N N 78  
1WA O6    HO6    sing N N 79  
BRU N1    C2     sing N N 80  
BRU N1    C6     sing N N 81  
BRU N1    "C1'"  sing N N 82  
BRU C2    N3     sing N N 83  
BRU C2    O2     doub N N 84  
BRU N3    C4     sing N N 85  
BRU N3    HN3    sing N N 86  
BRU C4    C5     sing N N 87  
BRU C4    O4     doub N N 88  
BRU C5    C6     doub N N 89  
BRU C5    BR     sing N N 90  
BRU C6    H6     sing N N 91  
BRU "C1'" "C2'"  sing N N 92  
BRU "C1'" "O4'"  sing N N 93  
BRU "C1'" "H1'"  sing N N 94  
BRU "C2'" "C3'"  sing N N 95  
BRU "C2'" "H2'"  sing N N 96  
BRU "C2'" "H2''" sing N N 97  
BRU "C3'" "C4'"  sing N N 98  
BRU "C3'" "O3'"  sing N N 99  
BRU "C3'" "H3'"  sing N N 100 
BRU "C4'" "O4'"  sing N N 101 
BRU "C4'" "C5'"  sing N N 102 
BRU "C4'" "H4'"  sing N N 103 
BRU "O3'" "HO3'" sing N N 104 
BRU "C5'" "O5'"  sing N N 105 
BRU "C5'" "H5'"  sing N N 106 
BRU "C5'" "H5''" sing N N 107 
BRU "O5'" P      sing N N 108 
BRU P     OP1    doub N N 109 
BRU P     OP2    sing N N 110 
BRU P     OP3    sing N N 111 
BRU OP2   HOP2   sing N N 112 
BRU OP3   HOP3   sing N N 113 
DA  OP3   P      sing N N 114 
DA  OP3   HOP3   sing N N 115 
DA  P     OP1    doub N N 116 
DA  P     OP2    sing N N 117 
DA  P     "O5'"  sing N N 118 
DA  OP2   HOP2   sing N N 119 
DA  "O5'" "C5'"  sing N N 120 
DA  "C5'" "C4'"  sing N N 121 
DA  "C5'" "H5'"  sing N N 122 
DA  "C5'" "H5''" sing N N 123 
DA  "C4'" "O4'"  sing N N 124 
DA  "C4'" "C3'"  sing N N 125 
DA  "C4'" "H4'"  sing N N 126 
DA  "O4'" "C1'"  sing N N 127 
DA  "C3'" "O3'"  sing N N 128 
DA  "C3'" "C2'"  sing N N 129 
DA  "C3'" "H3'"  sing N N 130 
DA  "O3'" "HO3'" sing N N 131 
DA  "C2'" "C1'"  sing N N 132 
DA  "C2'" "H2'"  sing N N 133 
DA  "C2'" "H2''" sing N N 134 
DA  "C1'" N9     sing N N 135 
DA  "C1'" "H1'"  sing N N 136 
DA  N9    C8     sing Y N 137 
DA  N9    C4     sing Y N 138 
DA  C8    N7     doub Y N 139 
DA  C8    H8     sing N N 140 
DA  N7    C5     sing Y N 141 
DA  C5    C6     sing Y N 142 
DA  C5    C4     doub Y N 143 
DA  C6    N6     sing N N 144 
DA  C6    N1     doub Y N 145 
DA  N6    H61    sing N N 146 
DA  N6    H62    sing N N 147 
DA  N1    C2     sing Y N 148 
DA  C2    N3     doub Y N 149 
DA  C2    H2     sing N N 150 
DA  N3    C4     sing Y N 151 
DC  OP3   P      sing N N 152 
DC  OP3   HOP3   sing N N 153 
DC  P     OP1    doub N N 154 
DC  P     OP2    sing N N 155 
DC  P     "O5'"  sing N N 156 
DC  OP2   HOP2   sing N N 157 
DC  "O5'" "C5'"  sing N N 158 
DC  "C5'" "C4'"  sing N N 159 
DC  "C5'" "H5'"  sing N N 160 
DC  "C5'" "H5''" sing N N 161 
DC  "C4'" "O4'"  sing N N 162 
DC  "C4'" "C3'"  sing N N 163 
DC  "C4'" "H4'"  sing N N 164 
DC  "O4'" "C1'"  sing N N 165 
DC  "C3'" "O3'"  sing N N 166 
DC  "C3'" "C2'"  sing N N 167 
DC  "C3'" "H3'"  sing N N 168 
DC  "O3'" "HO3'" sing N N 169 
DC  "C2'" "C1'"  sing N N 170 
DC  "C2'" "H2'"  sing N N 171 
DC  "C2'" "H2''" sing N N 172 
DC  "C1'" N1     sing N N 173 
DC  "C1'" "H1'"  sing N N 174 
DC  N1    C2     sing N N 175 
DC  N1    C6     sing N N 176 
DC  C2    O2     doub N N 177 
DC  C2    N3     sing N N 178 
DC  N3    C4     doub N N 179 
DC  C4    N4     sing N N 180 
DC  C4    C5     sing N N 181 
DC  N4    H41    sing N N 182 
DC  N4    H42    sing N N 183 
DC  C5    C6     doub N N 184 
DC  C5    H5     sing N N 185 
DC  C6    H6     sing N N 186 
DG  OP3   P      sing N N 187 
DG  OP3   HOP3   sing N N 188 
DG  P     OP1    doub N N 189 
DG  P     OP2    sing N N 190 
DG  P     "O5'"  sing N N 191 
DG  OP2   HOP2   sing N N 192 
DG  "O5'" "C5'"  sing N N 193 
DG  "C5'" "C4'"  sing N N 194 
DG  "C5'" "H5'"  sing N N 195 
DG  "C5'" "H5''" sing N N 196 
DG  "C4'" "O4'"  sing N N 197 
DG  "C4'" "C3'"  sing N N 198 
DG  "C4'" "H4'"  sing N N 199 
DG  "O4'" "C1'"  sing N N 200 
DG  "C3'" "O3'"  sing N N 201 
DG  "C3'" "C2'"  sing N N 202 
DG  "C3'" "H3'"  sing N N 203 
DG  "O3'" "HO3'" sing N N 204 
DG  "C2'" "C1'"  sing N N 205 
DG  "C2'" "H2'"  sing N N 206 
DG  "C2'" "H2''" sing N N 207 
DG  "C1'" N9     sing N N 208 
DG  "C1'" "H1'"  sing N N 209 
DG  N9    C8     sing Y N 210 
DG  N9    C4     sing Y N 211 
DG  C8    N7     doub Y N 212 
DG  C8    H8     sing N N 213 
DG  N7    C5     sing Y N 214 
DG  C5    C6     sing N N 215 
DG  C5    C4     doub Y N 216 
DG  C6    O6     doub N N 217 
DG  C6    N1     sing N N 218 
DG  N1    C2     sing N N 219 
DG  N1    H1     sing N N 220 
DG  C2    N2     sing N N 221 
DG  C2    N3     doub N N 222 
DG  N2    H21    sing N N 223 
DG  N2    H22    sing N N 224 
DG  N3    C4     sing N N 225 
DT  OP3   P      sing N N 226 
DT  OP3   HOP3   sing N N 227 
DT  P     OP1    doub N N 228 
DT  P     OP2    sing N N 229 
DT  P     "O5'"  sing N N 230 
DT  OP2   HOP2   sing N N 231 
DT  "O5'" "C5'"  sing N N 232 
DT  "C5'" "C4'"  sing N N 233 
DT  "C5'" "H5'"  sing N N 234 
DT  "C5'" "H5''" sing N N 235 
DT  "C4'" "O4'"  sing N N 236 
DT  "C4'" "C3'"  sing N N 237 
DT  "C4'" "H4'"  sing N N 238 
DT  "O4'" "C1'"  sing N N 239 
DT  "C3'" "O3'"  sing N N 240 
DT  "C3'" "C2'"  sing N N 241 
DT  "C3'" "H3'"  sing N N 242 
DT  "O3'" "HO3'" sing N N 243 
DT  "C2'" "C1'"  sing N N 244 
DT  "C2'" "H2'"  sing N N 245 
DT  "C2'" "H2''" sing N N 246 
DT  "C1'" N1     sing N N 247 
DT  "C1'" "H1'"  sing N N 248 
DT  N1    C2     sing N N 249 
DT  N1    C6     sing N N 250 
DT  C2    O2     doub N N 251 
DT  C2    N3     sing N N 252 
DT  N3    C4     sing N N 253 
DT  N3    H3     sing N N 254 
DT  C4    O4     doub N N 255 
DT  C4    C5     sing N N 256 
DT  C5    C7     sing N N 257 
DT  C5    C6     doub N N 258 
DT  C7    H71    sing N N 259 
DT  C7    H72    sing N N 260 
DT  C7    H73    sing N N 261 
DT  C6    H6     sing N N 262 
HOH O     H1     sing N N 263 
HOH O     H2     sing N N 264 
# 
loop_
_ndb_struct_conf_na.entry_id 
_ndb_struct_conf_na.feature 
4XNO 'double helix'        
4XNO 'a-form double helix' 
4XNO 'b-form double helix' 
# 
loop_
_ndb_struct_na_base_pair.model_number 
_ndb_struct_na_base_pair.i_label_asym_id 
_ndb_struct_na_base_pair.i_label_comp_id 
_ndb_struct_na_base_pair.i_label_seq_id 
_ndb_struct_na_base_pair.i_symmetry 
_ndb_struct_na_base_pair.j_label_asym_id 
_ndb_struct_na_base_pair.j_label_comp_id 
_ndb_struct_na_base_pair.j_label_seq_id 
_ndb_struct_na_base_pair.j_symmetry 
_ndb_struct_na_base_pair.shear 
_ndb_struct_na_base_pair.stretch 
_ndb_struct_na_base_pair.stagger 
_ndb_struct_na_base_pair.buckle 
_ndb_struct_na_base_pair.propeller 
_ndb_struct_na_base_pair.opening 
_ndb_struct_na_base_pair.pair_number 
_ndb_struct_na_base_pair.pair_name 
_ndb_struct_na_base_pair.i_auth_asym_id 
_ndb_struct_na_base_pair.i_auth_seq_id 
_ndb_struct_na_base_pair.i_PDB_ins_code 
_ndb_struct_na_base_pair.j_auth_asym_id 
_ndb_struct_na_base_pair.j_auth_seq_id 
_ndb_struct_na_base_pair.j_PDB_ins_code 
_ndb_struct_na_base_pair.hbond_type_28 
_ndb_struct_na_base_pair.hbond_type_12 
1 A DC  1  1_555 B DG  16 1_555 0.131  -0.005 0.395  -23.407 2.116   0.996  1  A_DC1:DG16_B  A 1  ? B 16 ? 19 1 
1 A DT  2  1_555 B DA  15 1_555 -0.090 -0.147 0.112  4.617   -6.284  0.780  2  A_DT2:DA15_B  A 2  ? B 15 ? 20 1 
1 A BRU 3  1_555 B DA  14 1_555 -0.120 -0.096 -0.028 3.555   -16.976 1.267  3  A_BRU3:DA14_B A 3  ? B 14 ? 20 1 
1 A DA  4  1_555 B DT  13 1_555 0.117  -0.171 0.112  -9.057  -6.643  2.812  4  A_DA4:DT13_B  A 4  ? B 13 ? 20 1 
1 A DT  5  1_555 B DA  12 1_555 -0.157 -0.111 0.005  4.307   -12.370 7.384  5  A_DT5:DA12_B  A 5  ? B 12 ? 20 1 
1 A DA  12 1_555 B DT  5  1_555 -0.030 -0.157 -0.088 -7.880  -17.830 6.144  6  A_DA12:DT5_B  A 12 ? B 5  ? 20 1 
1 A DT  13 1_555 B DA  4  1_555 -0.126 -0.242 0.096  -2.768  -16.222 5.186  7  A_DT13:DA4_B  A 13 ? B 4  ? 20 1 
1 A DA  14 1_555 B BRU 3  1_555 0.138  -0.121 -0.070 -7.899  -11.401 8.327  8  A_DA14:BRU3_B A 14 ? B 3  ? 20 1 
1 A DA  15 1_555 B DT  2  1_555 -0.048 -0.184 0.425  5.918   -17.029 9.246  9  A_DA15:DT2_B  A 15 ? B 2  ? 20 1 
1 A DG  16 1_555 B DC  1  1_555 -0.238 -0.162 0.545  12.609  -7.666  -1.494 10 A_DG16:DC1_B  A 16 ? B 1  ? 19 1 
# 
loop_
_ndb_struct_na_base_pair_step.model_number 
_ndb_struct_na_base_pair_step.i_label_asym_id_1 
_ndb_struct_na_base_pair_step.i_label_comp_id_1 
_ndb_struct_na_base_pair_step.i_label_seq_id_1 
_ndb_struct_na_base_pair_step.i_symmetry_1 
_ndb_struct_na_base_pair_step.j_label_asym_id_1 
_ndb_struct_na_base_pair_step.j_label_comp_id_1 
_ndb_struct_na_base_pair_step.j_label_seq_id_1 
_ndb_struct_na_base_pair_step.j_symmetry_1 
_ndb_struct_na_base_pair_step.i_label_asym_id_2 
_ndb_struct_na_base_pair_step.i_label_comp_id_2 
_ndb_struct_na_base_pair_step.i_label_seq_id_2 
_ndb_struct_na_base_pair_step.i_symmetry_2 
_ndb_struct_na_base_pair_step.j_label_asym_id_2 
_ndb_struct_na_base_pair_step.j_label_comp_id_2 
_ndb_struct_na_base_pair_step.j_label_seq_id_2 
_ndb_struct_na_base_pair_step.j_symmetry_2 
_ndb_struct_na_base_pair_step.shift 
_ndb_struct_na_base_pair_step.slide 
_ndb_struct_na_base_pair_step.rise 
_ndb_struct_na_base_pair_step.tilt 
_ndb_struct_na_base_pair_step.roll 
_ndb_struct_na_base_pair_step.twist 
_ndb_struct_na_base_pair_step.x_displacement 
_ndb_struct_na_base_pair_step.y_displacement 
_ndb_struct_na_base_pair_step.helical_rise 
_ndb_struct_na_base_pair_step.inclination 
_ndb_struct_na_base_pair_step.tip 
_ndb_struct_na_base_pair_step.helical_twist 
_ndb_struct_na_base_pair_step.step_number 
_ndb_struct_na_base_pair_step.step_name 
_ndb_struct_na_base_pair_step.i_auth_asym_id_1 
_ndb_struct_na_base_pair_step.i_auth_seq_id_1 
_ndb_struct_na_base_pair_step.i_PDB_ins_code_1 
_ndb_struct_na_base_pair_step.j_auth_asym_id_1 
_ndb_struct_na_base_pair_step.j_auth_seq_id_1 
_ndb_struct_na_base_pair_step.j_PDB_ins_code_1 
_ndb_struct_na_base_pair_step.i_auth_asym_id_2 
_ndb_struct_na_base_pair_step.i_auth_seq_id_2 
_ndb_struct_na_base_pair_step.i_PDB_ins_code_2 
_ndb_struct_na_base_pair_step.j_auth_asym_id_2 
_ndb_struct_na_base_pair_step.j_auth_seq_id_2 
_ndb_struct_na_base_pair_step.j_PDB_ins_code_2 
1 A DC  1  1_555 B DG  16 1_555 A DT  2  1_555 B DA  15 1_555 -0.934 1.019  2.923 0.946  16.480 15.065 -3.715 2.779  2.690 47.818 
-2.745 22.313 1 AA_DC1DT2:DA15DG16_BB  A 1  ? B 16 ? A 2  ? B 15 ? 
1 A DT  2  1_555 B DA  15 1_555 A BRU 3  1_555 B DA  14 1_555 -0.165 -0.060 3.318 -1.413 -2.639 31.133 0.396  0.035  3.316 -4.903 
2.624  31.273 2 AA_DT2BRU3:DA14DA15_BB A 2  ? B 15 ? A 3  ? B 14 ? 
1 A BRU 3  1_555 B DA  14 1_555 A DA  4  1_555 B DT  13 1_555 0.598  -1.149 3.484 0.856  6.500  38.415 -2.542 -0.789 3.266 9.792  
-1.289 38.950 3 AA_BRU3DA4:DT13DA14_BB A 3  ? B 14 ? A 4  ? B 13 ? 
1 A DA  4  1_555 B DT  13 1_555 A DT  5  1_555 B DA  12 1_555 0.264  -1.044 3.048 0.440  6.528  30.474 -3.064 -0.416 2.774 12.242 
-0.825 31.152 4 AA_DA4DT5:DA12DT13_BB  A 4  ? B 13 ? A 5  ? B 12 ? 
1 A DA  12 1_555 B DT  5  1_555 A DT  13 1_555 B DA  4  1_555 -0.487 -1.267 3.159 -0.893 5.451  32.039 -3.157 0.724  2.922 9.785  
1.603  32.499 5 AA_DA12DT13:DA4DT5_BB  A 12 ? B 5  ? A 13 ? B 4  ? 
1 A DT  13 1_555 B DA  4  1_555 A DA  14 1_555 B BRU 3  1_555 0.219  -0.943 3.328 2.513  9.781  33.111 -3.068 0.013  2.948 16.686 
-4.287 34.575 6 AA_DT13DA14:BRU3DA4_BB A 13 ? B 4  ? A 14 ? B 3  ? 
1 A DA  14 1_555 B BRU 3  1_555 A DA  15 1_555 B DT  2  1_555 0.544  -1.030 2.921 -0.746 5.197  30.199 -2.835 -1.157 2.697 9.882  
1.419  30.641 7 AA_DA14DA15:DT2BRU3_BB A 14 ? B 3  ? A 15 ? B 2  ? 
1 A DA  15 1_555 B DT  2  1_555 A DG  16 1_555 B DC  1  1_555 -0.388 -1.312 3.135 -1.029 0.982  32.291 -2.522 0.524  3.105 1.764  
1.849  32.322 8 AA_DA15DG16:DC1DT2_BB  A 15 ? B 2  ? A 16 ? B 1  ? 
# 
_pdbx_audit_support.funding_organization   
'National Institutes of Health/National Institute of General Medical Sciences (NIH/NIGMS)' 
_pdbx_audit_support.country                'United States' 
_pdbx_audit_support.grant_number           R01GM111386 
_pdbx_audit_support.ordinal                1 
# 
_atom_sites.entry_id                    4XNO 
_atom_sites.fract_transf_matrix[1][1]   -0.00522474 
_atom_sites.fract_transf_matrix[1][2]   -0.01484959 
_atom_sites.fract_transf_matrix[1][3]   -0.02252492 
_atom_sites.fract_transf_matrix[2][1]   0.00829579 
_atom_sites.fract_transf_matrix[2][2]   0.00898380 
_atom_sites.fract_transf_matrix[2][3]   -0.02460938 
_atom_sites.fract_transf_matrix[3][1]   0.00618070 
_atom_sites.fract_transf_matrix[3][2]   -0.00343368 
_atom_sites.fract_transf_matrix[3][3]   0.00083002 
_atom_sites.fract_transf_vector[1]      1.348991 
_atom_sites.fract_transf_vector[2]      0.887272 
_atom_sites.fract_transf_vector[3]      -0.085428 
# 
loop_
_atom_type.symbol 
BR 
C  
N  
O  
P  
# 
loop_
_atom_site.group_PDB 
_atom_site.id 
_atom_site.type_symbol 
_atom_site.label_atom_id 
_atom_site.label_alt_id 
_atom_site.label_comp_id 
_atom_site.label_asym_id 
_atom_site.label_entity_id 
_atom_site.label_seq_id 
_atom_site.pdbx_PDB_ins_code 
_atom_site.Cartn_x 
_atom_site.Cartn_y 
_atom_site.Cartn_z 
_atom_site.occupancy 
_atom_site.B_iso_or_equiv 
_atom_site.pdbx_formal_charge 
_atom_site.auth_seq_id 
_atom_site.auth_comp_id 
_atom_site.auth_asym_id 
_atom_site.auth_atom_id 
_atom_site.pdbx_PDB_model_num 
ATOM   1   O  "O5'" . DC  A 1 1  ? 9.920   -13.613 12.605  1.00 23.62 ? 1   DC  A "O5'" 1 
ATOM   2   C  "C5'" . DC  A 1 1  ? 9.135   -12.529 13.080  1.00 19.64 ? 1   DC  A "C5'" 1 
ATOM   3   C  "C4'" . DC  A 1 1  ? 9.266   -12.426 14.589  1.00 23.32 ? 1   DC  A "C4'" 1 
ATOM   4   O  "O4'" . DC  A 1 1  ? 10.672  -12.479 14.936  1.00 18.92 ? 1   DC  A "O4'" 1 
ATOM   5   C  "C3'" . DC  A 1 1  ? 8.759   -11.120 15.176  1.00 22.15 ? 1   DC  A "C3'" 1 
ATOM   6   O  "O3'" . DC  A 1 1  ? 8.361   -11.299 16.531  1.00 24.94 ? 1   DC  A "O3'" 1 
ATOM   7   C  "C2'" . DC  A 1 1  ? 9.969   -10.197 15.067  1.00 20.10 ? 1   DC  A "C2'" 1 
ATOM   8   C  "C1'" . DC  A 1 1  ? 11.156  -11.159 15.103  1.00 19.64 ? 1   DC  A "C1'" 1 
ATOM   9   N  N1    . DC  A 1 1  ? 12.202  -10.872 14.068  1.00 18.34 ? 1   DC  A N1    1 
ATOM   10  C  C2    . DC  A 1 1  ? 12.982  -9.724  14.213  1.00 16.30 ? 1   DC  A C2    1 
ATOM   11  O  O2    . DC  A 1 1  ? 12.768  -8.987  15.182  1.00 15.10 ? 1   DC  A O2    1 
ATOM   12  N  N3    . DC  A 1 1  ? 13.938  -9.450  13.292  1.00 13.60 ? 1   DC  A N3    1 
ATOM   13  C  C4    . DC  A 1 1  ? 14.129  -10.280 12.262  1.00 19.38 ? 1   DC  A C4    1 
ATOM   14  N  N4    . DC  A 1 1  ? 15.088  -9.973  11.378  1.00 16.55 ? 1   DC  A N4    1 
ATOM   15  C  C5    . DC  A 1 1  ? 13.343  -11.463 12.096  1.00 17.56 ? 1   DC  A C5    1 
ATOM   16  C  C6    . DC  A 1 1  ? 12.403  -11.717 13.015  1.00 18.05 ? 1   DC  A C6    1 
ATOM   17  P  P     . DT  A 1 2  ? 6.807   -11.481 16.856  1.00 26.60 ? 2   DT  A P     1 
ATOM   18  O  OP1   . DT  A 1 2  ? 6.655   -11.574 18.328  1.00 27.42 ? 2   DT  A OP1   1 
ATOM   19  O  OP2   . DT  A 1 2  ? 6.279   -12.567 15.999  1.00 29.40 ? 2   DT  A OP2   1 
ATOM   20  O  "O5'" . DT  A 1 2  ? 6.189   -10.101 16.332  1.00 21.55 ? 2   DT  A "O5'" 1 
ATOM   21  C  "C5'" . DT  A 1 2  ? 6.468   -8.890  17.025  1.00 24.18 ? 2   DT  A "C5'" 1 
ATOM   22  C  "C4'" . DT  A 1 2  ? 6.651   -7.720  16.071  1.00 23.69 ? 2   DT  A "C4'" 1 
ATOM   23  O  "O4'" . DT  A 1 2  ? 7.890   -7.850  15.328  1.00 19.52 ? 2   DT  A "O4'" 1 
ATOM   24  C  "C3'" . DT  A 1 2  ? 5.561   -7.537  15.014  1.00 28.36 ? 2   DT  A "C3'" 1 
ATOM   25  O  "O3'" . DT  A 1 2  ? 5.046   -6.216  15.120  1.00 25.83 ? 2   DT  A "O3'" 1 
ATOM   26  C  "C2'" . DT  A 1 2  ? 6.297   -7.734  13.687  1.00 22.11 ? 2   DT  A "C2'" 1 
ATOM   27  C  "C1'" . DT  A 1 2  ? 7.674   -7.224  14.083  1.00 23.28 ? 2   DT  A "C1'" 1 
ATOM   28  N  N1    . DT  A 1 2  ? 8.802   -7.564  13.158  1.00 22.70 ? 2   DT  A N1    1 
ATOM   29  C  C2    . DT  A 1 2  ? 9.930   -6.772  13.194  1.00 17.75 ? 2   DT  A C2    1 
ATOM   30  O  O2    . DT  A 1 2  ? 10.049  -5.814  13.935  1.00 19.31 ? 2   DT  A O2    1 
ATOM   31  N  N3    . DT  A 1 2  ? 10.923  -7.140  12.323  1.00 16.29 ? 2   DT  A N3    1 
ATOM   32  C  C4    . DT  A 1 2  ? 10.899  -8.200  11.437  1.00 16.34 ? 2   DT  A C4    1 
ATOM   33  O  O4    . DT  A 1 2  ? 11.849  -8.445  10.700  1.00 14.68 ? 2   DT  A O4    1 
ATOM   34  C  C5    . DT  A 1 2  ? 9.691   -8.990  11.446  1.00 21.49 ? 2   DT  A C5    1 
ATOM   35  C  C7    . DT  A 1 2  ? 9.562   -10.166 10.521  1.00 20.77 ? 2   DT  A C7    1 
ATOM   36  C  C6    . DT  A 1 2  ? 8.709   -8.641  12.294  1.00 18.96 ? 2   DT  A C6    1 
HETATM 37  N  N1    . BRU A 1 3  ? 8.012   -3.742  12.503  1.00 22.63 ? 3   BRU A N1    1 
HETATM 38  C  C2    . BRU A 1 3  ? 9.273   -3.532  11.959  1.00 20.27 ? 3   BRU A C2    1 
HETATM 39  N  N3    . BRU A 1 3  ? 9.720   -4.225  10.927  1.00 19.85 ? 3   BRU A N3    1 
HETATM 40  C  C4    . BRU A 1 3  ? 8.980   -5.159  10.357  1.00 21.50 ? 3   BRU A C4    1 
HETATM 41  C  C5    . BRU A 1 3  ? 7.640   -5.434  10.873  1.00 21.92 ? 3   BRU A C5    1 
HETATM 42  C  C6    . BRU A 1 3  ? 7.231   -4.683  11.945  1.00 22.63 ? 3   BRU A C6    1 
HETATM 43  O  O2    . BRU A 1 3  ? 9.974   -2.674  12.455  1.00 20.66 ? 3   BRU A O2    1 
HETATM 44  O  O4    . BRU A 1 3  ? 9.418   -5.802  9.409   1.00 22.08 ? 3   BRU A O4    1 
HETATM 45  BR BR    . BRU A 1 3  ? 6.533   -6.747  10.100  0.31 23.08 ? 3   BRU A BR    1 
HETATM 46  C  "C1'" . BRU A 1 3  ? 7.561   -2.945  13.671  1.00 22.06 ? 3   BRU A "C1'" 1 
HETATM 47  C  "C2'" . BRU A 1 3  ? 7.058   -1.562  13.317  1.00 22.93 ? 3   BRU A "C2'" 1 
HETATM 48  C  "C3'" . BRU A 1 3  ? 5.560   -1.715  13.255  1.00 25.02 ? 3   BRU A "C3'" 1 
HETATM 49  C  "C4'" . BRU A 1 3  ? 5.280   -2.833  14.223  1.00 23.77 ? 3   BRU A "C4'" 1 
HETATM 50  O  "O3'" . BRU A 1 3  ? 4.872   -0.490  13.460  1.00 29.59 ? 3   BRU A "O3'" 1 
HETATM 51  O  "O4'" . BRU A 1 3  ? 6.473   -3.596  14.278  1.00 21.98 ? 3   BRU A "O4'" 1 
HETATM 52  C  "C5'" . BRU A 1 3  ? 4.194   -3.778  13.785  1.00 27.91 ? 3   BRU A "C5'" 1 
HETATM 53  O  "O5'" . BRU A 1 3  ? 3.628   -4.486  14.867  1.00 24.68 ? 3   BRU A "O5'" 1 
HETATM 54  P  P     . BRU A 1 3  ? 3.503   -6.057  14.787  1.00 29.91 ? 3   BRU A P     1 
HETATM 55  O  OP1   . BRU A 1 3  ? 2.687   -6.632  15.862  1.00 29.07 ? 3   BRU A OP1   1 
HETATM 56  O  OP2   . BRU A 1 3  ? 3.117   -6.483  13.454  1.00 30.08 ? 3   BRU A OP2   1 
ATOM   57  P  P     . DA  A 1 4  ? 4.470   0.373   12.189  1.00 35.90 ? 4   DA  A P     1 
ATOM   58  O  OP1   . DA  A 1 4  ? 3.641   1.524   12.615  1.00 38.79 ? 4   DA  A OP1   1 
ATOM   59  O  OP2   . DA  A 1 4  ? 3.902   -0.661  11.294  1.00 34.99 ? 4   DA  A OP2   1 
ATOM   60  O  "O5'" . DA  A 1 4  ? 5.813   0.928   11.526  1.00 27.36 ? 4   DA  A "O5'" 1 
ATOM   61  C  "C5'" . DA  A 1 4  ? 6.578   1.915   12.202  1.00 30.36 ? 4   DA  A "C5'" 1 
ATOM   62  C  "C4'" . DA  A 1 4  ? 7.904   2.118   11.498  1.00 31.78 ? 4   DA  A "C4'" 1 
ATOM   63  O  "O4'" . DA  A 1 4  ? 8.632   0.867   11.463  1.00 31.14 ? 4   DA  A "O4'" 1 
ATOM   64  C  "C3'" . DA  A 1 4  ? 7.801   2.518   10.034  1.00 29.71 ? 4   DA  A "C3'" 1 
ATOM   65  O  "O3'" . DA  A 1 4  ? 7.591   3.919   9.921   1.00 31.17 ? 4   DA  A "O3'" 1 
ATOM   66  C  "C2'" . DA  A 1 4  ? 9.177   2.117   9.519   1.00 24.49 ? 4   DA  A "C2'" 1 
ATOM   67  C  "C1'" . DA  A 1 4  ? 9.425   0.823   10.287  1.00 25.62 ? 4   DA  A "C1'" 1 
ATOM   68  N  N9    . DA  A 1 4  ? 9.096   -0.392  9.540   1.00 22.14 ? 4   DA  A N9    1 
ATOM   69  C  C8    . DA  A 1 4  ? 7.992   -1.187  9.687   1.00 21.77 ? 4   DA  A C8    1 
ATOM   70  N  N7    . DA  A 1 4  ? 7.976   -2.221  8.879   1.00 22.06 ? 4   DA  A N7    1 
ATOM   71  C  C5    . DA  A 1 4  ? 9.149   -2.098  8.151   1.00 19.81 ? 4   DA  A C5    1 
ATOM   72  C  C6    . DA  A 1 4  ? 9.725   -2.878  7.127   1.00 19.60 ? 4   DA  A C6    1 
ATOM   73  N  N6    . DA  A 1 4  ? 9.167   -3.991  6.637   1.00 17.81 ? 4   DA  A N6    1 
ATOM   74  N  N1    . DA  A 1 4  ? 10.907  -2.468  6.621   1.00 18.87 ? 4   DA  A N1    1 
ATOM   75  C  C2    . DA  A 1 4  ? 11.468  -1.355  7.108   1.00 20.10 ? 4   DA  A C2    1 
ATOM   76  N  N3    . DA  A 1 4  ? 11.024  -0.543  8.066   1.00 20.01 ? 4   DA  A N3    1 
ATOM   77  C  C4    . DA  A 1 4  ? 9.851   -0.976  8.551   1.00 20.79 ? 4   DA  A C4    1 
ATOM   78  P  P     . DT  A 1 5  ? 6.779   4.512   8.678   1.00 34.45 ? 5   DT  A P     1 
ATOM   79  O  OP1   . DT  A 1 5  ? 6.496   5.937   8.968   1.00 40.11 ? 5   DT  A OP1   1 
ATOM   80  O  OP2   . DT  A 1 5  ? 5.663   3.593   8.373   1.00 30.19 ? 5   DT  A OP2   1 
ATOM   81  O  "O5'" . DT  A 1 5  ? 7.848   4.428   7.488   1.00 28.80 ? 5   DT  A "O5'" 1 
ATOM   82  C  "C5'" . DT  A 1 5  ? 9.044   5.197   7.554   1.00 28.14 ? 5   DT  A "C5'" 1 
ATOM   83  C  "C4'" . DT  A 1 5  ? 10.031  4.775   6.480   1.00 31.40 ? 5   DT  A "C4'" 1 
ATOM   84  O  "O4'" . DT  A 1 5  ? 10.421  3.395   6.695   1.00 32.84 ? 5   DT  A "O4'" 1 
ATOM   85  C  "C3'" . DT  A 1 5  ? 9.497   4.794   5.054   1.00 31.12 ? 5   DT  A "C3'" 1 
ATOM   86  O  "O3'" . DT  A 1 5  ? 9.621   6.097   4.501   1.00 36.49 ? 5   DT  A "O3'" 1 
ATOM   87  C  "C2'" . DT  A 1 5  ? 10.432  3.811   4.359   1.00 29.90 ? 5   DT  A "C2'" 1 
ATOM   88  C  "C1'" . DT  A 1 5  ? 10.659  2.766   5.449   1.00 28.10 ? 5   DT  A "C1'" 1 
ATOM   89  N  N1    . DT  A 1 5  ? 9.772   1.567   5.332   1.00 22.45 ? 5   DT  A N1    1 
ATOM   90  C  C2    . DT  A 1 5  ? 10.188  0.514   4.547   1.00 21.91 ? 5   DT  A C2    1 
ATOM   91  O  O2    . DT  A 1 5  ? 11.244  0.510   3.938   1.00 24.15 ? 5   DT  A O2    1 
ATOM   92  N  N3    . DT  A 1 5  ? 9.319   -0.544  4.500   1.00 20.69 ? 5   DT  A N3    1 
ATOM   93  C  C4    . DT  A 1 5  ? 8.102   -0.655  5.143   1.00 19.65 ? 5   DT  A C4    1 
ATOM   94  O  O4    . DT  A 1 5  ? 7.398   -1.653  5.031   1.00 18.38 ? 5   DT  A O4    1 
ATOM   95  C  C5    . DT  A 1 5  ? 7.724   0.481   5.949   1.00 21.69 ? 5   DT  A C5    1 
ATOM   96  C  C7    . DT  A 1 5  ? 6.422   0.467   6.693   1.00 19.62 ? 5   DT  A C7    1 
ATOM   97  C  C6    . DT  A 1 5  ? 8.565   1.525   6.006   1.00 22.96 ? 5   DT  A C6    1 
HETATM 98  P  P     . 1WA A 1 6  ? 8.442   6.312   3.461   1.00 36.93 ? 6   1WA A P     1 
HETATM 99  N  N1    . 1WA A 1 6  ? 8.539   -1.860  -0.371  1.00 15.52 ? 6   1WA A N1    1 
HETATM 100 C  C2    . 1WA A 1 6  ? 9.509   -1.263  -1.024  1.00 19.53 ? 6   1WA A C2    1 
HETATM 101 N  N2    . 1WA A 1 6  ? 10.103  -1.943  -2.019  1.00 17.04 ? 6   1WA A N2    1 
HETATM 102 N  N3    . 1WA A 1 6  ? 9.992   -0.016  -0.827  1.00 14.20 ? 6   1WA A N3    1 
HETATM 103 C  C4    . 1WA A 1 6  ? 9.376   0.601   0.132   1.00 16.67 ? 6   1WA A C4    1 
HETATM 104 N  N5    . 1WA A 1 6  ? 8.376   0.099   0.865   1.00 16.47 ? 6   1WA A N5    1 
HETATM 105 C  C6    . 1WA A 1 6  ? 7.895   -1.221  0.628   1.00 18.36 ? 6   1WA A C6    1 
HETATM 106 O  O6    . 1WA A 1 6  ? 7.008   -1.622  1.309   1.00 19.09 ? 6   1WA A O6    1 
HETATM 107 C  C7    . 1WA A 1 6  ? 7.949   1.052   1.793   1.00 21.55 ? 6   1WA A C7    1 
HETATM 108 C  C8    . 1WA A 1 6  ? 8.662   2.146   1.568   1.00 19.49 ? 6   1WA A C8    1 
HETATM 109 N  N9    . 1WA A 1 6  ? 9.594   1.845   0.575   1.00 19.62 ? 6   1WA A N9    1 
HETATM 110 C  "C1'" . 1WA A 1 6  ? 10.541  2.779   -0.049  1.00 23.68 ? 6   1WA A "C1'" 1 
HETATM 111 C  "C2'" . 1WA A 1 6  ? 9.945   3.499   -1.255  1.00 25.10 ? 6   1WA A "C2'" 1 
HETATM 112 C  "C3'" . 1WA A 1 6  ? 9.440   4.801   -0.643  1.00 26.59 ? 6   1WA A "C3'" 1 
HETATM 113 O  "O3'" . 1WA A 1 6  ? 9.267   5.706   -1.752  1.00 29.66 ? 6   1WA A "O3'" 1 
HETATM 114 C  "C4'" . 1WA A 1 6  ? 10.543  5.083   0.380   1.00 26.67 ? 6   1WA A "C4'" 1 
HETATM 115 O  "O4'" . 1WA A 1 6  ? 10.828  3.769   0.929   1.00 29.03 ? 6   1WA A "O4'" 1 
HETATM 116 C  "C5'" . 1WA A 1 6  ? 10.245  6.011   1.534   1.00 28.69 ? 6   1WA A "C5'" 1 
HETATM 117 O  "O5'" . 1WA A 1 6  ? 8.927   5.767   2.040   1.00 32.68 ? 6   1WA A "O5'" 1 
HETATM 118 O  OP1   . 1WA A 1 6  ? 8.356   7.780   3.469   1.00 40.04 ? 6   1WA A OP1   1 
HETATM 119 O  OP2   . 1WA A 1 6  ? 7.093   5.628   3.614   1.00 36.10 ? 6   1WA A OP2   1 
HETATM 120 P  P     . 1WA A 1 7  ? 7.824   5.845   -2.398  1.00 33.83 ? 7   1WA A P     1 
HETATM 121 N  N1    . 1WA A 1 7  ? 5.177   -2.715  -2.290  1.00 12.61 ? 7   1WA A N1    1 
HETATM 122 C  C2    . 1WA A 1 7  ? 5.974   -2.730  -3.335  1.00 13.86 ? 7   1WA A C2    1 
HETATM 123 N  N2    . 1WA A 1 7  ? 6.025   -3.845  -4.074  1.00 10.04 ? 7   1WA A N2    1 
HETATM 124 N  N3    . 1WA A 1 7  ? 6.770   -1.736  -3.785  1.00 13.40 ? 7   1WA A N3    1 
HETATM 125 C  C4    . 1WA A 1 7  ? 6.686   -0.674  -3.051  1.00 15.75 ? 7   1WA A C4    1 
HETATM 126 N  N5    . 1WA A 1 7  ? 5.912   -0.537  -1.962  1.00 14.62 ? 7   1WA A N5    1 
HETATM 127 C  C6    . 1WA A 1 7  ? 5.084   -1.611  -1.521  1.00 14.29 ? 7   1WA A C6    1 
HETATM 128 O  O6    . 1WA A 1 7  ? 4.417   -1.442  -0.551  1.00 16.52 ? 7   1WA A O6    1 
HETATM 129 C  C7    . 1WA A 1 7  ? 6.066   0.748   -1.441  1.00 16.39 ? 7   1WA A C7    1 
HETATM 130 C  C8    . 1WA A 1 7  ? 6.913   1.384   -2.242  1.00 16.19 ? 7   1WA A C8    1 
HETATM 131 N  N9    . 1WA A 1 7  ? 7.329   0.485   -3.225  1.00 17.33 ? 7   1WA A N9    1 
HETATM 132 C  "C1'" . 1WA A 1 7  ? 8.168   0.785   -4.397  1.00 21.28 ? 7   1WA A "C1'" 1 
HETATM 133 C  "C2'" . 1WA A 1 7  ? 7.338   1.149   -5.625  1.00 17.15 ? 7   1WA A "C2'" 1 
HETATM 134 C  "C3'" . 1WA A 1 7  ? 7.212   2.662   -5.476  1.00 20.04 ? 7   1WA A "C3'" 1 
HETATM 135 O  "O3'" . 1WA A 1 7  ? 6.782   3.145   -6.765  1.00 27.62 ? 7   1WA A "O3'" 1 
HETATM 136 C  "C4'" . 1WA A 1 7  ? 8.623   3.005   -4.996  1.00 24.25 ? 7   1WA A "C4'" 1 
HETATM 137 O  "O4'" . 1WA A 1 7  ? 8.920   1.942   -4.051  1.00 20.35 ? 7   1WA A "O4'" 1 
HETATM 138 C  "C5'" . 1WA A 1 7  ? 8.863   4.334   -4.318  1.00 26.37 ? 7   1WA A "C5'" 1 
HETATM 139 O  "O5'" . 1WA A 1 7  ? 7.762   4.653   -3.457  1.00 26.72 ? 7   1WA A "O5'" 1 
HETATM 140 O  OP1   . 1WA A 1 7  ? 7.752   7.158   -3.059  1.00 33.53 ? 7   1WA A OP1   1 
HETATM 141 O  OP2   . 1WA A 1 7  ? 6.602   5.543   -1.541  1.00 34.14 ? 7   1WA A OP2   1 
HETATM 142 P  P     . 1WA A 1 8  ? 5.255   3.309   -7.161  1.00 30.72 ? 8   1WA A P     1 
HETATM 143 N  N1    . 1WA A 1 8  ? 1.079   -3.458  -2.748  1.00 9.72  ? 8   1WA A N1    1 
HETATM 144 C  C2    . 1WA A 1 8  ? 1.501   -4.058  -3.839  1.00 13.69 ? 8   1WA A C2    1 
HETATM 145 N  N2    . 1WA A 1 8  ? 1.109   -5.323  -4.062  1.00 10.92 ? 8   1WA A N2    1 
HETATM 146 N  N3    . 1WA A 1 8  ? 2.293   -3.549  -4.807  1.00 11.76 ? 8   1WA A N3    1 
HETATM 147 C  C4    . 1WA A 1 8  ? 2.647   -2.326  -4.560  1.00 12.47 ? 8   1WA A C4    1 
HETATM 148 N  N5    . 1WA A 1 8  ? 2.283   -1.612  -3.486  1.00 13.91 ? 8   1WA A N5    1 
HETATM 149 C  C6    . 1WA A 1 8  ? 1.441   -2.186  -2.484  1.00 13.11 ? 8   1WA A C6    1 
HETATM 150 O  O6    . 1WA A 1 8  ? 1.153   -1.514  -1.543  1.00 11.25 ? 8   1WA A O6    1 
HETATM 151 C  C7    . 1WA A 1 8  ? 2.840   -0.335  -3.564  1.00 14.71 ? 8   1WA A C7    1 
HETATM 152 C  C8    . 1WA A 1 8  ? 3.494   -0.274  -4.720  1.00 15.05 ? 8   1WA A C8    1 
HETATM 153 N  N9    . 1WA A 1 8  ? 3.421   -1.536  -5.312  1.00 13.89 ? 8   1WA A N9    1 
HETATM 154 C  "C1'" . 1WA A 1 8  ? 4.005   -1.946  -6.597  1.00 15.25 ? 8   1WA A "C1'" 1 
HETATM 155 C  "C2'" . 1WA A 1 8  ? 2.988   -1.987  -7.738  1.00 13.03 ? 8   1WA A "C2'" 1 
HETATM 156 C  "C3'" . 1WA A 1 8  ? 3.143   -0.595  -8.345  1.00 18.72 ? 8   1WA A "C3'" 1 
HETATM 157 O  "O3'" . 1WA A 1 8  ? 2.556   -0.663  -9.659  1.00 17.19 ? 8   1WA A "O3'" 1 
HETATM 158 C  "C4'" . 1WA A 1 8  ? 4.658   -0.423  -8.244  1.00 18.32 ? 8   1WA A "C4'" 1 
HETATM 159 O  "O4'" . 1WA A 1 8  ? 4.964   -0.945  -6.924  1.00 16.63 ? 8   1WA A "O4'" 1 
HETATM 160 C  "C5'" . 1WA A 1 8  ? 5.254   0.958   -8.374  1.00 20.06 ? 8   1WA A "C5'" 1 
HETATM 161 O  "O5'" . 1WA A 1 8  ? 4.601   1.890   -7.504  1.00 21.51 ? 8   1WA A "O5'" 1 
HETATM 162 O  OP1   . 1WA A 1 8  ? 5.177   4.229   -8.306  1.00 37.52 ? 8   1WA A OP1   1 
HETATM 163 O  OP2   . 1WA A 1 8  ? 4.406   3.761   -5.981  1.00 25.23 ? 8   1WA A OP2   1 
HETATM 164 N  N     . 1W5 A 1 9  ? -0.247  -0.064  -5.035  1.00 16.31 ? 9   1W5 A N     1 
HETATM 165 P  P     . 1W5 A 1 9  ? 1.008   -0.467  -9.947  1.00 19.61 ? 9   1W5 A P     1 
HETATM 166 C  C1    . 1W5 A 1 9  ? -1.087  -3.522  -6.019  1.00 11.83 ? 9   1W5 A C1    1 
HETATM 167 C  C2    . 1W5 A 1 9  ? -1.909  -3.975  -4.911  1.00 12.95 ? 9   1W5 A C2    1 
HETATM 168 O  O2    . 1W5 A 1 9  ? -2.431  -5.039  -4.785  1.00 14.31 ? 9   1W5 A O2    1 
HETATM 169 N  N3    . 1W5 A 1 9  ? -2.100  -3.013  -3.903  1.00 8.42  ? 9   1W5 A N3    1 
HETATM 170 C  C4    . 1W5 A 1 9  ? -1.603  -1.752  -3.868  1.00 12.90 ? 9   1W5 A C4    1 
HETATM 171 N  N4    . 1W5 A 1 9  ? -1.921  -1.013  -2.800  1.00 9.83  ? 9   1W5 A N4    1 
HETATM 172 C  C5    . 1W5 A 1 9  ? -0.818  -1.357  -4.942  1.00 11.86 ? 9   1W5 A C5    1 
HETATM 173 C  C6    . 1W5 A 1 9  ? -0.584  -2.284  -6.006  1.00 10.81 ? 9   1W5 A C6    1 
HETATM 174 C  "C1'" . 1W5 A 1 9  ? -0.834  -4.476  -7.066  1.00 13.84 ? 9   1W5 A "C1'" 1 
HETATM 175 C  "C2'" . 1W5 A 1 9  ? -2.046  -4.500  -7.969  1.00 12.59 ? 9   1W5 A "C2'" 1 
HETATM 176 C  "C3'" . 1W5 A 1 9  ? -1.741  -3.749  -9.274  1.00 16.16 ? 9   1W5 A "C3'" 1 
HETATM 177 O  "O3'" . 1W5 A 1 9  ? -2.512  -4.294  -10.367 1.00 14.32 ? 9   1W5 A "O3'" 1 
HETATM 178 C  "C4'" . 1W5 A 1 9  ? -0.266  -4.054  -9.379  1.00 14.54 ? 9   1W5 A "C4'" 1 
HETATM 179 O  "O4'" . 1W5 A 1 9  ? 0.219   -4.100  -8.004  1.00 15.71 ? 9   1W5 A "O4'" 1 
HETATM 180 C  "C5'" . 1W5 A 1 9  ? 0.422   -2.972  -10.200 1.00 15.59 ? 9   1W5 A "C5'" 1 
HETATM 181 O  "O5'" . 1W5 A 1 9  ? 0.228   -1.782  -9.454  1.00 15.05 ? 9   1W5 A "O5'" 1 
HETATM 182 O  ON1   . 1W5 A 1 9  ? -0.474  0.750   -4.171  1.00 19.97 ? 9   1W5 A ON1   1 
HETATM 183 O  ON2   . 1W5 A 1 9  ? 0.442   0.173   -5.979  1.00 19.29 ? 9   1W5 A ON2   1 
HETATM 184 O  OP1   . 1W5 A 1 9  ? 1.018   -0.356  -11.406 1.00 21.37 ? 9   1W5 A OP1   1 
HETATM 185 O  OP2   . 1W5 A 1 9  ? 0.655   0.824   -9.255  1.00 18.05 ? 9   1W5 A OP2   1 
HETATM 186 N  N     . 1W5 A 1 10 ? -4.054  -1.174  -6.177  1.00 12.95 ? 10  1W5 A N     1 
HETATM 187 P  P     . 1W5 A 1 10 ? -3.981  -3.720  -10.539 1.00 18.34 ? 10  1W5 A P     1 
HETATM 188 C  C1    . 1W5 A 1 10 ? -5.925  -4.316  -5.647  1.00 13.10 ? 10  1W5 A C1    1 
HETATM 189 C  C2    . 1W5 A 1 10 ? -6.561  -4.093  -4.365  1.00 14.54 ? 10  1W5 A C2    1 
HETATM 190 O  O2    . 1W5 A 1 10 ? -7.289  -4.841  -3.781  1.00 14.04 ? 10  1W5 A O2    1 
HETATM 191 N  N3    . 1W5 A 1 10 ? -6.276  -2.839  -3.787  1.00 12.50 ? 10  1W5 A N3    1 
HETATM 192 C  C4    . 1W5 A 1 10 ? -5.488  -1.861  -4.295  1.00 13.37 ? 10  1W5 A C4    1 
HETATM 193 N  N4    . 1W5 A 1 10 ? -5.353  -0.758  -3.550  1.00 9.22  ? 10  1W5 A N4    1 
HETATM 194 C  C5    . 1W5 A 1 10 ? -4.895  -2.112  -5.523  1.00 12.75 ? 10  1W5 A C5    1 
HETATM 195 C  C6    . 1W5 A 1 10 ? -5.144  -3.367  -6.168  1.00 12.99 ? 10  1W5 A C6    1 
HETATM 196 C  "C1'" . 1W5 A 1 10 ? -6.164  -5.599  -6.256  1.00 16.18 ? 10  1W5 A "C1'" 1 
HETATM 197 C  "C2'" . 1W5 A 1 10 ? -7.495  -5.522  -6.966  1.00 18.95 ? 10  1W5 A "C2'" 1 
HETATM 198 C  "C3'" . 1W5 A 1 10 ? -7.289  -5.506  -8.484  1.00 18.34 ? 10  1W5 A "C3'" 1 
HETATM 199 O  "O3'" . 1W5 A 1 10 ? -8.389  -6.154  -9.155  1.00 18.90 ? 10  1W5 A "O3'" 1 
HETATM 200 C  "C4'" . 1W5 A 1 10 ? -6.004  -6.292  -8.563  1.00 17.10 ? 10  1W5 A "C4'" 1 
HETATM 201 O  "O4'" . 1W5 A 1 10 ? -5.272  -5.964  -7.347  1.00 16.82 ? 10  1W5 A "O4'" 1 
HETATM 202 C  "C5'" . 1W5 A 1 10 ? -5.244  -5.858  -9.808  1.00 16.70 ? 10  1W5 A "C5'" 1 
HETATM 203 O  "O5'" . 1W5 A 1 10 ? -5.023  -4.476  -9.580  1.00 16.28 ? 10  1W5 A "O5'" 1 
HETATM 204 O  ON1   . 1W5 A 1 10 ? -3.840  -0.105  -5.662  1.00 13.62 ? 10  1W5 A ON1   1 
HETATM 205 O  ON2   . 1W5 A 1 10 ? -3.615  -1.475  -7.241  1.00 18.84 ? 10  1W5 A ON2   1 
HETATM 206 O  OP1   . 1W5 A 1 10 ? -4.040  -4.262  -11.900 1.00 17.28 ? 10  1W5 A OP1   1 
HETATM 207 O  OP2   . 1W5 A 1 10 ? -4.029  -2.218  -10.484 1.00 15.59 ? 10  1W5 A OP2   1 
HETATM 208 N  N     . 1W5 A 1 11 ? -8.386  -1.669  -6.421  1.00 19.56 ? 11  1W5 A N     1 
HETATM 209 P  P     . 1W5 A 1 11 ? -9.703  -5.315  -9.449  1.00 23.45 ? 11  1W5 A P     1 
HETATM 210 C  C1    . 1W5 A 1 11 ? -10.782 -3.700  -4.482  1.00 17.55 ? 11  1W5 A C1    1 
HETATM 211 C  C2    . 1W5 A 1 11 ? -10.956 -2.922  -3.272  1.00 17.15 ? 11  1W5 A C2    1 
HETATM 212 O  O2    . 1W5 A 1 11 ? -11.660 -3.168  -2.341  1.00 15.38 ? 11  1W5 A O2    1 
HETATM 213 N  N3    . 1W5 A 1 11 ? -10.200 -1.735  -3.242  1.00 14.71 ? 11  1W5 A N3    1 
HETATM 214 C  C4    . 1W5 A 1 11 ? -9.362  -1.270  -4.195  1.00 13.89 ? 11  1W5 A C4    1 
HETATM 215 N  N4    . 1W5 A 1 11 ? -8.749  -0.111  -3.919  1.00 12.54 ? 11  1W5 A N4    1 
HETATM 216 C  C5    . 1W5 A 1 11 ? -9.223  -2.041  -5.337  1.00 14.93 ? 11  1W5 A C5    1 
HETATM 217 C  C6    . 1W5 A 1 11 ? -9.959  -3.267  -5.440  1.00 13.81 ? 11  1W5 A C6    1 
HETATM 218 C  "C1'" . 1W5 A 1 11 ? -11.503 -4.939  -4.544  1.00 19.94 ? 11  1W5 A "C1'" 1 
HETATM 219 C  "C2'" . 1W5 A 1 11 ? -12.825 -4.642  -5.212  1.00 20.32 ? 11  1W5 A "C2'" 1 
HETATM 220 C  "C3'" . 1W5 A 1 11 ? -12.829 -5.183  -6.646  1.00 22.28 ? 11  1W5 A "C3'" 1 
HETATM 221 O  "O3'" . 1W5 A 1 11 ? -14.163 -5.598  -7.002  1.00 30.89 ? 11  1W5 A "O3'" 1 
HETATM 222 C  "C4'" . 1W5 A 1 11 ? -11.875 -6.342  -6.469  1.00 24.79 ? 11  1W5 A "C4'" 1 
HETATM 223 O  "O4'" . 1W5 A 1 11 ? -10.928 -5.925  -5.445  1.00 20.86 ? 11  1W5 A "O4'" 1 
HETATM 224 C  "C5'" . 1W5 A 1 11 ? -11.180 -6.629  -7.789  1.00 21.94 ? 11  1W5 A "C5'" 1 
HETATM 225 O  "O5'" . 1W5 A 1 11 ? -10.636 -5.371  -8.145  1.00 23.29 ? 11  1W5 A "O5'" 1 
HETATM 226 O  ON1   . 1W5 A 1 11 ? -7.796  -0.615  -6.388  1.00 21.65 ? 11  1W5 A ON1   1 
HETATM 227 O  ON2   . 1W5 A 1 11 ? -8.314  -2.420  -7.343  1.00 22.85 ? 11  1W5 A ON2   1 
HETATM 228 O  OP1   . 1W5 A 1 11 ? -10.066 -6.330  -10.441 1.00 28.03 ? 11  1W5 A OP1   1 
HETATM 229 O  OP2   . 1W5 A 1 11 ? -9.465  -3.947  -10.034 1.00 24.49 ? 11  1W5 A OP2   1 
ATOM   230 P  P     . DA  A 1 12 ? -14.759 -4.347  -7.776  1.00 36.77 ? 12  DA  A P     1 
ATOM   231 O  OP1   . DA  A 1 12 ? -15.781 -5.413  -7.661  1.00 34.17 ? 12  DA  A OP1   1 
ATOM   232 O  OP2   . DA  A 1 12 ? -14.320 -3.872  -9.102  1.00 30.71 ? 12  DA  A OP2   1 
ATOM   233 O  "O5'" . DA  A 1 12 ? -15.239 -3.072  -6.939  1.00 32.74 ? 12  DA  A "O5'" 1 
ATOM   234 C  "C5'" . DA  A 1 12 ? -16.346 -3.221  -6.074  1.00 29.84 ? 12  DA  A "C5'" 1 
ATOM   235 C  "C4'" . DA  A 1 12 ? -16.351 -2.164  -4.989  1.00 22.77 ? 12  DA  A "C4'" 1 
ATOM   236 O  "O4'" . DA  A 1 12 ? -15.049 -2.056  -4.370  1.00 18.44 ? 12  DA  A "O4'" 1 
ATOM   237 C  "C3'" . DA  A 1 12 ? -16.640 -0.744  -5.436  1.00 22.96 ? 12  DA  A "C3'" 1 
ATOM   238 O  "O3'" . DA  A 1 12 ? -18.032 -0.596  -5.692  1.00 27.91 ? 12  DA  A "O3'" 1 
ATOM   239 C  "C2'" . DA  A 1 12 ? -16.212 0.004   -4.179  1.00 23.01 ? 12  DA  A "C2'" 1 
ATOM   240 C  "C1'" . DA  A 1 12 ? -14.974 -0.785  -3.751  1.00 20.66 ? 12  DA  A "C1'" 1 
ATOM   241 N  N9    . DA  A 1 12 ? -13.733 -0.132  -4.151  1.00 17.18 ? 12  DA  A N9    1 
ATOM   242 C  C8    . DA  A 1 12 ? -12.889 -0.488  -5.165  1.00 16.05 ? 12  DA  A C8    1 
ATOM   243 N  N7    . DA  A 1 12 ? -11.845 0.303   -5.278  1.00 19.02 ? 12  DA  A N7    1 
ATOM   244 C  C5    . DA  A 1 12 ? -12.021 1.239   -4.272  1.00 17.49 ? 12  DA  A C5    1 
ATOM   245 C  C6    . DA  A 1 12 ? -11.258 2.350   -3.861  1.00 17.72 ? 12  DA  A C6    1 
ATOM   246 N  N6    . DA  A 1 12 ? -10.112 2.715   -4.449  1.00 18.25 ? 12  DA  A N6    1 
ATOM   247 N  N1    . DA  A 1 12 ? -11.720 3.071   -2.820  1.00 16.48 ? 12  DA  A N1    1 
ATOM   248 C  C2    . DA  A 1 12 ? -12.866 2.703   -2.234  1.00 22.94 ? 12  DA  A C2    1 
ATOM   249 N  N3    . DA  A 1 12 ? -13.669 1.679   -2.531  1.00 18.02 ? 12  DA  A N3    1 
ATOM   250 C  C4    . DA  A 1 12 ? -13.182 0.984   -3.568  1.00 17.35 ? 12  DA  A C4    1 
ATOM   251 P  P     . DT  A 1 13 ? -18.594 0.586   -6.619  1.00 30.22 ? 13  DT  A P     1 
ATOM   252 O  OP1   . DT  A 1 13 ? -20.023 0.293   -6.876  1.00 35.78 ? 13  DT  A OP1   1 
ATOM   253 O  OP2   . DT  A 1 13 ? -17.663 0.780   -7.753  1.00 27.33 ? 13  DT  A OP2   1 
ATOM   254 O  "O5'" . DT  A 1 13 ? -18.495 1.870   -5.679  1.00 27.40 ? 13  DT  A "O5'" 1 
ATOM   255 C  "C5'" . DT  A 1 13 ? -19.255 1.929   -4.488  1.00 29.74 ? 13  DT  A "C5'" 1 
ATOM   256 C  "C4'" . DT  A 1 13 ? -18.954 3.227   -3.772  1.00 31.79 ? 13  DT  A "C4'" 1 
ATOM   257 O  "O4'" . DT  A 1 13 ? -17.574 3.217   -3.342  1.00 33.27 ? 13  DT  A "O4'" 1 
ATOM   258 C  "C3'" . DT  A 1 13 ? -19.085 4.466   -4.644  1.00 38.50 ? 13  DT  A "C3'" 1 
ATOM   259 O  "O3'" . DT  A 1 13 ? -20.425 4.932   -4.581  1.00 43.80 ? 13  DT  A "O3'" 1 
ATOM   260 C  "C2'" . DT  A 1 13 ? -18.129 5.442   -3.969  1.00 34.84 ? 13  DT  A "C2'" 1 
ATOM   261 C  "C1'" . DT  A 1 13 ? -17.048 4.530   -3.394  1.00 33.27 ? 13  DT  A "C1'" 1 
ATOM   262 N  N1    . DT  A 1 13 ? -15.787 4.501   -4.191  1.00 27.75 ? 13  DT  A N1    1 
ATOM   263 C  C2    . DT  A 1 13 ? -14.793 5.405   -3.890  1.00 28.54 ? 13  DT  A C2    1 
ATOM   264 O  O2    . DT  A 1 13 ? -14.892 6.237   -3.006  1.00 26.19 ? 13  DT  A O2    1 
ATOM   265 N  N3    . DT  A 1 13 ? -13.672 5.295   -4.671  1.00 23.19 ? 13  DT  A N3    1 
ATOM   266 C  C4    . DT  A 1 13 ? -13.452 4.394   -5.695  1.00 19.44 ? 13  DT  A C4    1 
ATOM   267 O  O4    . DT  A 1 13 ? -12.407 4.380   -6.335  1.00 20.97 ? 13  DT  A O4    1 
ATOM   268 C  C5    . DT  A 1 13 ? -14.532 3.475   -5.954  1.00 22.65 ? 13  DT  A C5    1 
ATOM   269 C  C7    . DT  A 1 13 ? -14.408 2.451   -7.043  1.00 20.12 ? 13  DT  A C7    1 
ATOM   270 C  C6    . DT  A 1 13 ? -15.634 3.573   -5.200  1.00 24.26 ? 13  DT  A C6    1 
ATOM   271 P  P     . DA  A 1 14 ? -20.989 6.005   -5.626  1.00 53.86 ? 14  DA  A P     1 
ATOM   272 O  OP1   . DA  A 1 14 ? -22.463 6.040   -5.487  1.00 58.05 ? 14  DA  A OP1   1 
ATOM   273 O  OP2   . DA  A 1 14 ? -20.378 5.740   -6.949  1.00 43.30 ? 14  DA  A OP2   1 
ATOM   274 O  "O5'" . DA  A 1 14 ? -20.390 7.375   -5.069  1.00 41.83 ? 14  DA  A "O5'" 1 
ATOM   275 C  "C5'" . DA  A 1 14 ? -19.347 8.003   -5.784  1.00 44.51 ? 14  DA  A "C5'" 1 
ATOM   276 C  "C4'" . DA  A 1 14 ? -18.889 9.261   -5.076  1.00 44.89 ? 14  DA  A "C4'" 1 
ATOM   277 O  "O4'" . DA  A 1 14 ? -17.713 8.943   -4.288  1.00 40.21 ? 14  DA  A "O4'" 1 
ATOM   278 C  "C3'" . DA  A 1 14 ? -18.480 10.372  -6.033  1.00 40.92 ? 14  DA  A "C3'" 1 
ATOM   279 O  "O3'" . DA  A 1 14 ? -19.491 11.369  -6.069  1.00 44.47 ? 14  DA  A "O3'" 1 
ATOM   280 C  "C2'" . DA  A 1 14 ? -17.188 10.920  -5.434  1.00 39.24 ? 14  DA  A "C2'" 1 
ATOM   281 C  "C1'" . DA  A 1 14 ? -16.605 9.682   -4.765  1.00 36.55 ? 14  DA  A "C1'" 1 
ATOM   282 N  N9    . DA  A 1 14 ? -15.809 8.835   -5.654  1.00 32.37 ? 14  DA  A N9    1 
ATOM   283 C  C8    . DA  A 1 14 ? -16.209 7.706   -6.317  1.00 31.67 ? 14  DA  A C8    1 
ATOM   284 N  N7    . DA  A 1 14 ? -15.269 7.150   -7.042  1.00 26.21 ? 14  DA  A N7    1 
ATOM   285 C  C5    . DA  A 1 14 ? -14.171 7.972   -6.842  1.00 25.40 ? 14  DA  A C5    1 
ATOM   286 C  C6    . DA  A 1 14 ? -12.850 7.931   -7.331  1.00 20.99 ? 14  DA  A C6    1 
ATOM   287 N  N6    . DA  A 1 14 ? -12.393 6.984   -8.161  1.00 20.03 ? 14  DA  A N6    1 
ATOM   288 N  N1    . DA  A 1 14 ? -12.012 8.907   -6.930  1.00 22.50 ? 14  DA  A N1    1 
ATOM   289 C  C2    . DA  A 1 14 ? -12.461 9.856   -6.102  1.00 23.08 ? 14  DA  A C2    1 
ATOM   290 N  N3    . DA  A 1 14 ? -13.676 9.999   -5.576  1.00 25.20 ? 14  DA  A N3    1 
ATOM   291 C  C4    . DA  A 1 14 ? -14.488 9.015   -5.991  1.00 26.32 ? 14  DA  A C4    1 
ATOM   292 P  P     . DA  A 1 15 ? -19.858 12.061  -7.465  1.00 52.39 ? 15  DA  A P     1 
ATOM   293 O  OP1   . DA  A 1 15 ? -20.965 13.010  -7.212  1.00 58.80 ? 15  DA  A OP1   1 
ATOM   294 O  OP2   . DA  A 1 15 ? -20.006 11.001  -8.488  1.00 42.65 ? 15  DA  A OP2   1 
ATOM   295 O  "O5'" . DA  A 1 15 ? -18.526 12.875  -7.819  1.00 41.81 ? 15  DA  A "O5'" 1 
ATOM   296 C  "C5'" . DA  A 1 15 ? -18.046 13.888  -6.945  1.00 38.52 ? 15  DA  A "C5'" 1 
ATOM   297 C  "C4'" . DA  A 1 15 ? -16.620 14.266  -7.300  1.00 35.48 ? 15  DA  A "C4'" 1 
ATOM   298 O  "O4'" . DA  A 1 15 ? -15.704 13.191  -6.972  1.00 36.00 ? 15  DA  A "O4'" 1 
ATOM   299 C  "C3'" . DA  A 1 15 ? -16.347 14.529  -8.774  1.00 32.48 ? 15  DA  A "C3'" 1 
ATOM   300 O  "O3'" . DA  A 1 15 ? -16.819 15.820  -9.120  1.00 36.61 ? 15  DA  A "O3'" 1 
ATOM   301 C  "C2'" . DA  A 1 15 ? -14.824 14.467  -8.760  1.00 31.98 ? 15  DA  A "C2'" 1 
ATOM   302 C  "C1'" . DA  A 1 15 ? -14.587 13.272  -7.839  1.00 31.55 ? 15  DA  A "C1'" 1 
ATOM   303 N  N9    . DA  A 1 15 ? -14.470 12.031  -8.596  1.00 28.57 ? 15  DA  A N9    1 
ATOM   304 C  C8    . DA  A 1 15 ? -15.471 11.180  -8.975  1.00 28.64 ? 15  DA  A C8    1 
ATOM   305 N  N7    . DA  A 1 15 ? -15.047 10.144  -9.662  1.00 28.33 ? 15  DA  A N7    1 
ATOM   306 C  C5    . DA  A 1 15 ? -13.677 10.336  -9.741  1.00 24.03 ? 15  DA  A C5    1 
ATOM   307 C  C6    . DA  A 1 15 ? -12.642 9.590   -10.338 1.00 21.46 ? 15  DA  A C6    1 
ATOM   308 N  N6    . DA  A 1 15 ? -12.842 8.448   -11.003 1.00 19.30 ? 15  DA  A N6    1 
ATOM   309 N  N1    . DA  A 1 15 ? -11.389 10.069  -10.227 1.00 20.26 ? 15  DA  A N1    1 
ATOM   310 C  C2    . DA  A 1 15 ? -11.182 11.211  -9.563  1.00 24.79 ? 15  DA  A C2    1 
ATOM   311 N  N3    . DA  A 1 15 ? -12.070 11.997  -8.961  1.00 26.89 ? 15  DA  A N3    1 
ATOM   312 C  C4    . DA  A 1 15 ? -13.307 11.495  -9.090  1.00 25.73 ? 15  DA  A C4    1 
ATOM   313 P  P     . DG  A 1 16 ? -16.897 16.329  -10.637 1.00 31.12 ? 16  DG  A P     1 
ATOM   314 O  OP1   . DG  A 1 16 ? -17.587 17.636  -10.601 1.00 36.31 ? 16  DG  A OP1   1 
ATOM   315 O  OP2   . DG  A 1 16 ? -17.426 15.241  -11.489 1.00 30.13 ? 16  DG  A OP2   1 
ATOM   316 O  "O5'" . DG  A 1 16 ? -15.369 16.548  -11.058 1.00 28.21 ? 16  DG  A "O5'" 1 
ATOM   317 C  "C5'" . DG  A 1 16 ? -14.549 17.550  -10.461 1.00 23.96 ? 16  DG  A "C5'" 1 
ATOM   318 C  "C4'" . DG  A 1 16 ? -13.144 17.457  -11.034 1.00 25.31 ? 16  DG  A "C4'" 1 
ATOM   319 O  "O4'" . DG  A 1 16 ? -12.578 16.167  -10.686 1.00 19.86 ? 16  DG  A "O4'" 1 
ATOM   320 C  "C3'" . DG  A 1 16 ? -13.057 17.527  -12.554 1.00 20.79 ? 16  DG  A "C3'" 1 
ATOM   321 O  "O3'" . DG  A 1 16 ? -12.901 18.875  -12.978 1.00 22.28 ? 16  DG  A "O3'" 1 
ATOM   322 C  "C2'" . DG  A 1 16 ? -11.797 16.720  -12.860 1.00 21.12 ? 16  DG  A "C2'" 1 
ATOM   323 C  "C1'" . DG  A 1 16 ? -11.781 15.675  -11.745 1.00 21.32 ? 16  DG  A "C1'" 1 
ATOM   324 N  N9    . DG  A 1 16 ? -12.288 14.372  -12.177 1.00 18.05 ? 16  DG  A N9    1 
ATOM   325 C  C8    . DG  A 1 16 ? -13.586 13.924  -12.162 1.00 23.00 ? 16  DG  A C8    1 
ATOM   326 N  N7    . DG  A 1 16 ? -13.721 12.708  -12.619 1.00 21.10 ? 16  DG  A N7    1 
ATOM   327 C  C5    . DG  A 1 16 ? -12.429 12.326  -12.960 1.00 21.38 ? 16  DG  A C5    1 
ATOM   328 C  C6    . DG  A 1 16 ? -11.943 11.114  -13.508 1.00 19.72 ? 16  DG  A C6    1 
ATOM   329 O  O6    . DG  A 1 16 ? -12.583 10.100  -13.816 1.00 20.10 ? 16  DG  A O6    1 
ATOM   330 N  N1    . DG  A 1 16 ? -10.564 11.148  -13.703 1.00 18.26 ? 16  DG  A N1    1 
ATOM   331 C  C2    . DG  A 1 16 ? -9.753  12.220  -13.405 1.00 18.79 ? 16  DG  A C2    1 
ATOM   332 N  N2    . DG  A 1 16 ? -8.440  12.074  -13.660 1.00 14.66 ? 16  DG  A N2    1 
ATOM   333 N  N3    . DG  A 1 16 ? -10.198 13.360  -12.891 1.00 17.52 ? 16  DG  A N3    1 
ATOM   334 C  C4    . DG  A 1 16 ? -11.538 13.342  -12.697 1.00 16.93 ? 16  DG  A C4    1 
ATOM   335 O  "O5'" . DC  B 1 1  ? -6.170  4.174   -16.621 1.00 27.81 ? 1   DC  B "O5'" 1 
ATOM   336 C  "C5'" . DC  B 1 1  ? -4.954  4.648   -17.186 1.00 27.36 ? 1   DC  B "C5'" 1 
ATOM   337 C  "C4'" . DC  B 1 1  ? -4.826  6.143   -16.964 1.00 22.79 ? 1   DC  B "C4'" 1 
ATOM   338 O  "O4'" . DC  B 1 1  ? -6.030  6.796   -17.433 1.00 23.45 ? 1   DC  B "O4'" 1 
ATOM   339 C  "C3'" . DC  B 1 1  ? -4.736  6.558   -15.507 1.00 22.03 ? 1   DC  B "C3'" 1 
ATOM   340 O  "O3'" . DC  B 1 1  ? -3.397  6.475   -15.041 1.00 21.77 ? 1   DC  B "O3'" 1 
ATOM   341 C  "C2'" . DC  B 1 1  ? -5.213  8.006   -15.566 1.00 19.56 ? 1   DC  B "C2'" 1 
ATOM   342 C  "C1'" . DC  B 1 1  ? -6.306  7.926   -16.626 1.00 19.99 ? 1   DC  B "C1'" 1 
ATOM   343 N  N1    . DC  B 1 1  ? -7.686  7.795   -16.077 1.00 22.54 ? 1   DC  B N1    1 
ATOM   344 C  C2    . DC  B 1 1  ? -8.208  8.831   -15.298 1.00 18.31 ? 1   DC  B C2    1 
ATOM   345 O  O2    . DC  B 1 1  ? -7.509  9.827   -15.079 1.00 19.25 ? 1   DC  B O2    1 
ATOM   346 N  N3    . DC  B 1 1  ? -9.465  8.713   -14.805 1.00 18.12 ? 1   DC  B N3    1 
ATOM   347 C  C4    . DC  B 1 1  ? -10.188 7.624   -15.069 1.00 20.99 ? 1   DC  B C4    1 
ATOM   348 N  N4    . DC  B 1 1  ? -11.421 7.561   -14.558 1.00 20.08 ? 1   DC  B N4    1 
ATOM   349 C  C5    . DC  B 1 1  ? -9.673  6.553   -15.861 1.00 23.02 ? 1   DC  B C5    1 
ATOM   350 C  C6    . DC  B 1 1  ? -8.430  6.683   -16.344 1.00 21.65 ? 1   DC  B C6    1 
ATOM   351 P  P     . DT  B 1 2  ? -3.160  6.172   -13.487 1.00 24.93 ? 2   DT  B P     1 
ATOM   352 O  OP1   . DT  B 1 2  ? -1.712  5.971   -13.266 1.00 24.11 ? 2   DT  B OP1   1 
ATOM   353 O  OP2   . DT  B 1 2  ? -4.130  5.122   -13.106 1.00 24.42 ? 2   DT  B OP2   1 
ATOM   354 O  "O5'" . DT  B 1 2  ? -3.587  7.539   -12.777 1.00 25.25 ? 2   DT  B "O5'" 1 
ATOM   355 C  "C5'" . DT  B 1 2  ? -2.887  8.750   -13.063 1.00 23.61 ? 2   DT  B "C5'" 1 
ATOM   356 C  "C4'" . DT  B 1 2  ? -3.575  9.918   -12.380 1.00 19.22 ? 2   DT  B "C4'" 1 
ATOM   357 O  "O4'" . DT  B 1 2  ? -4.909  10.067  -12.917 1.00 16.72 ? 2   DT  B "O4'" 1 
ATOM   358 C  "C3'" . DT  B 1 2  ? -3.786  9.740   -10.884 1.00 22.91 ? 2   DT  B "C3'" 1 
ATOM   359 O  "O3'" . DT  B 1 2  ? -2.639  10.176  -10.181 1.00 22.50 ? 2   DT  B "O3'" 1 
ATOM   360 C  "C2'" . DT  B 1 2  ? -4.977  10.652  -10.615 1.00 24.50 ? 2   DT  B "C2'" 1 
ATOM   361 C  "C1'" . DT  B 1 2  ? -5.796  10.486  -11.891 1.00 20.81 ? 2   DT  B "C1'" 1 
ATOM   362 N  N1    . DT  B 1 2  ? -6.931  9.511   -11.774 1.00 21.47 ? 2   DT  B N1    1 
ATOM   363 C  C2    . DT  B 1 2  ? -8.110  9.942   -11.203 1.00 22.36 ? 2   DT  B C2    1 
ATOM   364 O  O2    . DT  B 1 2  ? -8.272  11.072  -10.780 1.00 20.61 ? 2   DT  B O2    1 
ATOM   365 N  N3    . DT  B 1 2  ? -9.098  8.995   -11.142 1.00 18.22 ? 2   DT  B N3    1 
ATOM   366 C  C4    . DT  B 1 2  ? -9.031  7.689   -11.587 1.00 22.45 ? 2   DT  B C4    1 
ATOM   367 O  O4    . DT  B 1 2  ? -9.977  6.914   -11.493 1.00 21.52 ? 2   DT  B O4    1 
ATOM   368 C  C5    . DT  B 1 2  ? -7.774  7.301   -12.173 1.00 20.23 ? 2   DT  B C5    1 
ATOM   369 C  C7    . DT  B 1 2  ? -7.601  5.901   -12.681 1.00 20.94 ? 2   DT  B C7    1 
ATOM   370 C  C6    . DT  B 1 2  ? -6.796  8.216   -12.241 1.00 17.96 ? 2   DT  B C6    1 
HETATM 371 N  N1    . BRU B 1 3  ? -7.439  10.627  -7.061  1.00 24.79 ? 3   BRU B N1    1 
HETATM 372 C  C2    . BRU B 1 3  ? -8.808  10.427  -6.961  1.00 25.07 ? 3   BRU B C2    1 
HETATM 373 N  N3    . BRU B 1 3  ? -9.393  9.319   -7.387  1.00 21.65 ? 3   BRU B N3    1 
HETATM 374 C  C4    . BRU B 1 3  ? -8.690  8.342   -7.925  1.00 21.44 ? 3   BRU B C4    1 
HETATM 375 C  C5    . BRU B 1 3  ? -7.241  8.486   -8.059  1.00 19.84 ? 3   BRU B C5    1 
HETATM 376 C  C6    . BRU B 1 3  ? -6.692  9.655   -7.604  1.00 21.98 ? 3   BRU B C6    1 
HETATM 377 O  O2    . BRU B 1 3  ? -9.475  11.312  -6.465  1.00 25.90 ? 3   BRU B O2    1 
HETATM 378 O  O4    . BRU B 1 3  ? -9.247  7.324   -8.320  1.00 20.24 ? 3   BRU B O4    1 
HETATM 379 BR BR    . BRU B 1 3  ? -6.174  7.133   -8.810  0.55 18.34 ? 3   BRU B BR    1 
HETATM 380 C  "C1'" . BRU B 1 3  ? -6.839  11.891  -6.581  1.00 29.95 ? 3   BRU B "C1'" 1 
HETATM 381 C  "C2'" . BRU B 1 3  ? -6.171  11.771  -5.228  1.00 34.89 ? 3   BRU B "C2'" 1 
HETATM 382 C  "C3'" . BRU B 1 3  ? -4.739  12.205  -5.407  1.00 30.22 ? 3   BRU B "C3'" 1 
HETATM 383 C  "C4'" . BRU B 1 3  ? -4.667  12.747  -6.813  1.00 30.34 ? 3   BRU B "C4'" 1 
HETATM 384 O  "O3'" . BRU B 1 3  ? -4.328  13.072  -4.355  1.00 40.26 ? 3   BRU B "O3'" 1 
HETATM 385 O  "O4'" . BRU B 1 3  ? -5.838  12.304  -7.471  1.00 29.64 ? 3   BRU B "O4'" 1 
HETATM 386 C  "C5'" . BRU B 1 3  ? -3.513  12.205  -7.616  1.00 27.28 ? 3   BRU B "C5'" 1 
HETATM 387 O  "O5'" . BRU B 1 3  ? -3.582  10.802  -7.760  1.00 25.92 ? 3   BRU B "O5'" 1 
HETATM 388 P  P     . BRU B 1 3  ? -2.514  10.006  -8.609  1.00 28.83 ? 3   BRU B P     1 
HETATM 389 O  OP1   . BRU B 1 3  ? -1.143  10.465  -8.365  1.00 22.01 ? 3   BRU B OP1   1 
HETATM 390 O  OP2   . BRU B 1 3  ? -2.666  8.570   -8.447  1.00 23.97 ? 3   BRU B OP2   1 
ATOM   391 P  P     . DA  B 1 4  ? -4.028  12.085  -3.148  1.00 41.57 ? 4   DA  B P     1 
ATOM   392 O  OP1   . DA  B 1 4  ? -3.171  12.986  -2.345  1.00 50.22 ? 4   DA  B OP1   1 
ATOM   393 O  OP2   . DA  B 1 4  ? -3.510  10.771  -3.595  1.00 43.60 ? 4   DA  B OP2   1 
ATOM   394 O  "O5'" . DA  B 1 4  ? -5.399  11.825  -2.360  1.00 40.28 ? 4   DA  B "O5'" 1 
ATOM   395 C  "C5'" . DA  B 1 4  ? -6.170  12.932  -1.907  1.00 40.47 ? 4   DA  B "C5'" 1 
ATOM   396 C  "C4'" . DA  B 1 4  ? -7.555  12.484  -1.481  1.00 37.77 ? 4   DA  B "C4'" 1 
ATOM   397 O  "O4'" . DA  B 1 4  ? -8.310  12.044  -2.633  1.00 35.17 ? 4   DA  B "O4'" 1 
ATOM   398 C  "C3'" . DA  B 1 4  ? -7.595  11.280  -0.554  1.00 36.92 ? 4   DA  B "C3'" 1 
ATOM   399 O  "O3'" . DA  B 1 4  ? -7.335  11.664  0.787   1.00 48.54 ? 4   DA  B "O3'" 1 
ATOM   400 C  "C2'" . DA  B 1 4  ? -9.040  10.836  -0.729  1.00 33.48 ? 4   DA  B "C2'" 1 
ATOM   401 C  "C1'" . DA  B 1 4  ? -9.264  11.083  -2.215  1.00 34.67 ? 4   DA  B "C1'" 1 
ATOM   402 N  N9    . DA  B 1 4  ? -9.134  9.869   -3.017  1.00 30.55 ? 4   DA  B N9    1 
ATOM   403 C  C8    . DA  B 1 4  ? -8.008  9.361   -3.606  1.00 26.75 ? 4   DA  B C8    1 
ATOM   404 N  N7    . DA  B 1 4  ? -8.221  8.246   -4.268  1.00 25.03 ? 4   DA  B N7    1 
ATOM   405 C  C5    . DA  B 1 4  ? -9.577  8.006   -4.098  1.00 24.96 ? 4   DA  B C5    1 
ATOM   406 C  C6    . DA  B 1 4  ? -10.439 6.979   -4.543  1.00 21.43 ? 4   DA  B C6    1 
ATOM   407 N  N6    . DA  B 1 4  ? -10.049 5.947   -5.295  1.00 19.73 ? 4   DA  B N6    1 
ATOM   408 N  N1    . DA  B 1 4  ? -11.736 7.057   -4.187  1.00 24.14 ? 4   DA  B N1    1 
ATOM   409 C  C2    . DA  B 1 4  ? -12.147 8.081   -3.435  1.00 23.36 ? 4   DA  B C2    1 
ATOM   410 N  N3    . DA  B 1 4  ? -11.437 9.097   -2.957  1.00 25.89 ? 4   DA  B N3    1 
ATOM   411 C  C4    . DA  B 1 4  ? -10.151 8.998   -3.328  1.00 26.92 ? 4   DA  B C4    1 
ATOM   412 P  P     . DT  B 1 5  ? -6.943  10.551  1.871   1.00 56.27 ? 5   DT  B P     1 
ATOM   413 O  OP1   . DT  B 1 5  ? -6.685  11.243  3.155   1.00 52.92 ? 5   DT  B OP1   1 
ATOM   414 O  OP2   . DT  B 1 5  ? -5.895  9.692   1.274   1.00 40.36 ? 5   DT  B OP2   1 
ATOM   415 O  "O5'" . DT  B 1 5  ? -8.286  9.686   2.012   1.00 44.24 ? 5   DT  B "O5'" 1 
ATOM   416 C  "C5'" . DT  B 1 5  ? -9.490  10.286  2.495   1.00 38.84 ? 5   DT  B "C5'" 1 
ATOM   417 C  "C4'" . DT  B 1 5  ? -10.656 9.316   2.397   1.00 38.91 ? 5   DT  B "C4'" 1 
ATOM   418 O  "O4'" . DT  B 1 5  ? -10.948 9.016   1.008   1.00 35.03 ? 5   DT  B "O4'" 1 
ATOM   419 C  "C3'" . DT  B 1 5  ? -10.416 7.948   3.019   1.00 34.39 ? 5   DT  B "C3'" 1 
ATOM   420 O  "O3'" . DT  B 1 5  ? -10.622 7.994   4.431   1.00 46.29 ? 5   DT  B "O3'" 1 
ATOM   421 C  "C2'" . DT  B 1 5  ? -11.487 7.115   2.321   1.00 29.84 ? 5   DT  B "C2'" 1 
ATOM   422 C  "C1'" . DT  B 1 5  ? -11.486 7.707   0.911   1.00 32.90 ? 5   DT  B "C1'" 1 
ATOM   423 N  N1    . DT  B 1 5  ? -10.684 6.902   -0.062  1.00 25.08 ? 5   DT  B N1    1 
ATOM   424 C  C2    . DT  B 1 5  ? -11.318 5.918   -0.794  1.00 23.28 ? 5   DT  B C2    1 
ATOM   425 O  O2    . DT  B 1 5  ? -12.506 5.673   -0.700  1.00 26.47 ? 5   DT  B O2    1 
ATOM   426 N  N3    . DT  B 1 5  ? -10.505 5.227   -1.654  1.00 21.23 ? 5   DT  B N3    1 
ATOM   427 C  C4    . DT  B 1 5  ? -9.149  5.413   -1.852  1.00 24.03 ? 5   DT  B C4    1 
ATOM   428 O  O4    . DT  B 1 5  ? -8.509  4.740   -2.655  1.00 21.79 ? 5   DT  B O4    1 
ATOM   429 C  C5    . DT  B 1 5  ? -8.548  6.453   -1.051  1.00 25.75 ? 5   DT  B C5    1 
ATOM   430 C  C7    . DT  B 1 5  ? -7.081  6.742   -1.176  1.00 22.43 ? 5   DT  B C7    1 
ATOM   431 C  C6    . DT  B 1 5  ? -9.332  7.136   -0.204  1.00 25.01 ? 5   DT  B C6    1 
HETATM 432 P  P     . 1WA B 1 6  ? -9.849  6.942   5.332   1.00 50.24 ? 6   1WA B P     1 
HETATM 433 N  N1    . 1WA B 1 6  ? -10.813 0.004   -1.031  1.00 13.17 ? 6   1WA B N1    1 
HETATM 434 C  C2    . 1WA B 1 6  ? -11.822 -0.173  -0.206  1.00 19.61 ? 6   1WA B C2    1 
HETATM 435 N  N2    . 1WA B 1 6  ? -12.629 -1.227  -0.411  1.00 14.55 ? 6   1WA B N2    1 
HETATM 436 N  N3    . 1WA B 1 6  ? -12.160 0.580   0.863   1.00 17.92 ? 6   1WA B N3    1 
HETATM 437 C  C4    . 1WA B 1 6  ? -11.352 1.579   1.028   1.00 19.33 ? 6   1WA B C4    1 
HETATM 438 N  N5    . 1WA B 1 6  ? -10.290 1.865   0.258   1.00 19.68 ? 6   1WA B N5    1 
HETATM 439 C  C6    . 1WA B 1 6  ? -9.967  1.042   -0.859  1.00 19.31 ? 6   1WA B C6    1 
HETATM 440 O  O6    . 1WA B 1 6  ? -9.019  1.339   -1.513  1.00 17.27 ? 6   1WA B O6    1 
HETATM 441 C  C7    . 1WA B 1 6  ? -9.652  3.005   0.748   1.00 21.95 ? 6   1WA B C7    1 
HETATM 442 C  C8    . 1WA B 1 6  ? -10.371 3.429   1.780   1.00 21.84 ? 6   1WA B C8    1 
HETATM 443 N  N9    . 1WA B 1 6  ? -11.398 2.506   1.984   1.00 22.98 ? 6   1WA B N9    1 
HETATM 444 C  "C1'" . 1WA B 1 6  ? -12.300 2.421   3.141   1.00 23.70 ? 6   1WA B "C1'" 1 
HETATM 445 C  "C2'" . 1WA B 1 6  ? -11.666 1.662   4.304   1.00 21.10 ? 6   1WA B "C2'" 1 
HETATM 446 C  "C3'" . 1WA B 1 6  ? -11.113 2.797   5.158   1.00 25.51 ? 6   1WA B "C3'" 1 
HETATM 447 O  "O3'" . 1WA B 1 6  ? -10.849 2.226   6.454   1.00 25.67 ? 6   1WA B "O3'" 1 
HETATM 448 C  "C4'" . 1WA B 1 6  ? -12.226 3.833   4.998   1.00 26.74 ? 6   1WA B "C4'" 1 
HETATM 449 O  "O4'" . 1WA B 1 6  ? -12.521 3.756   3.578   1.00 26.82 ? 6   1WA B "O4'" 1 
HETATM 450 C  "C5'" . 1WA B 1 6  ? -11.925 5.273   5.337   1.00 32.92 ? 6   1WA B "C5'" 1 
HETATM 451 O  "O5'" . 1WA B 1 6  ? -10.511 5.487   5.300   1.00 37.48 ? 6   1WA B "O5'" 1 
HETATM 452 O  OP1   . 1WA B 1 6  ? -9.744  7.457   6.707   1.00 45.13 ? 6   1WA B OP1   1 
HETATM 453 O  OP2   . 1WA B 1 6  ? -8.491  6.649   4.707   1.00 39.27 ? 6   1WA B OP2   1 
HETATM 454 P  P     . 1WA B 1 7  ? -9.459  1.558   6.829   1.00 32.37 ? 7   1WA B P     1 
HETATM 455 N  N1    . 1WA B 1 7  ? -7.498  -2.403  -1.228  1.00 13.11 ? 7   1WA B N1    1 
HETATM 456 C  C2    . 1WA B 1 7  ? -8.377  -3.235  -0.709  1.00 16.37 ? 7   1WA B C2    1 
HETATM 457 N  N2    . 1WA B 1 7  ? -8.642  -4.357  -1.386  1.00 13.98 ? 7   1WA B N2    1 
HETATM 458 N  N3    . 1WA B 1 7  ? -9.064  -3.105  0.449   1.00 15.72 ? 7   1WA B N3    1 
HETATM 459 C  C4    . 1WA B 1 7  ? -8.767  -2.002  1.067   1.00 15.69 ? 7   1WA B C4    1 
HETATM 460 N  N5    . 1WA B 1 7  ? -7.887  -1.082  0.642   1.00 15.93 ? 7   1WA B N5    1 
HETATM 461 C  C6    . 1WA B 1 7  ? -7.186  -1.259  -0.590  1.00 16.78 ? 7   1WA B C6    1 
HETATM 462 O  O6    . 1WA B 1 7  ? -6.417  -0.417  -0.928  1.00 15.79 ? 7   1WA B O6    1 
HETATM 463 C  C7    . 1WA B 1 7  ? -7.824  -0.035  1.567   1.00 18.18 ? 7   1WA B C7    1 
HETATM 464 C  C8    . 1WA B 1 7  ? -8.659  -0.344  2.555   1.00 16.37 ? 7   1WA B C8    1 
HETATM 465 N  N9    . 1WA B 1 7  ? -9.262  -1.561  2.231   1.00 18.47 ? 7   1WA B N9    1 
HETATM 466 C  "C1'" . 1WA B 1 7  ? -10.210 -2.325  3.058   1.00 19.14 ? 7   1WA B "C1'" 1 
HETATM 467 C  "C2'" . 1WA B 1 7  ? -9.516  -3.416  3.866   1.00 16.43 ? 7   1WA B "C2'" 1 
HETATM 468 C  "C3'" . 1WA B 1 7  ? -9.256  -2.702  5.188   1.00 20.06 ? 7   1WA B "C3'" 1 
HETATM 469 O  "O3'" . 1WA B 1 7  ? -8.957  -3.743  6.133   1.00 23.25 ? 7   1WA B "O3'" 1 
HETATM 470 C  "C4'" . 1WA B 1 7  ? -10.556 -1.916  5.333   1.00 20.91 ? 7   1WA B "C4'" 1 
HETATM 471 O  "O4'" . 1WA B 1 7  ? -10.775 -1.406  3.988   1.00 18.47 ? 7   1WA B "O4'" 1 
HETATM 472 C  "C5'" . 1WA B 1 7  ? -10.622 -0.768  6.314   1.00 25.60 ? 7   1WA B "C5'" 1 
HETATM 473 O  "O5'" . 1WA B 1 7  ? -9.492  0.102   6.171   1.00 25.92 ? 7   1WA B "O5'" 1 
HETATM 474 O  OP1   . 1WA B 1 7  ? -9.442  1.472   8.299   1.00 36.31 ? 7   1WA B OP1   1 
HETATM 475 O  OP2   . 1WA B 1 7  ? -8.162  2.113   6.261   1.00 33.32 ? 7   1WA B OP2   1 
HETATM 476 P  P     . 1WA B 1 8  ? -7.499  -4.124  6.631   1.00 27.91 ? 8   1WA B P     1 
HETATM 477 N  N1    . 1WA B 1 8  ? -3.753  -3.809  -1.790  1.00 10.57 ? 8   1WA B N1    1 
HETATM 478 C  C2    . 1WA B 1 8  ? -4.370  -4.967  -1.788  1.00 15.90 ? 8   1WA B C2    1 
HETATM 479 N  N2    . 1WA B 1 8  ? -4.196  -5.765  -2.851  1.00 9.64  ? 8   1WA B N2    1 
HETATM 480 N  N3    . 1WA B 1 8  ? -5.172  -5.477  -0.826  1.00 13.59 ? 8   1WA B N3    1 
HETATM 481 C  C4    . 1WA B 1 8  ? -5.298  -4.671  0.179   1.00 15.71 ? 8   1WA B C4    1 
HETATM 482 N  N5    . 1WA B 1 8  ? -4.720  -3.466  0.289   1.00 16.46 ? 8   1WA B N5    1 
HETATM 483 C  C6    . 1WA B 1 8  ? -3.881  -2.965  -0.754  1.00 13.11 ? 8   1WA B C6    1 
HETATM 484 O  O6    . 1WA B 1 8  ? -3.398  -1.888  -0.624  1.00 11.10 ? 8   1WA B O6    1 
HETATM 485 C  C7    . 1WA B 1 8  ? -5.074  -2.888  1.512   1.00 14.07 ? 8   1WA B C7    1 
HETATM 486 C  C8    . 1WA B 1 8  ? -5.907  -3.738  2.104   1.00 16.03 ? 8   1WA B C8    1 
HETATM 487 N  N9    . 1WA B 1 8  ? -6.008  -4.872  1.298   1.00 17.05 ? 8   1WA B N9    1 
HETATM 488 C  "C1'" . 1WA B 1 8  ? -6.677  -6.143  1.628   1.00 17.16 ? 8   1WA B "C1'" 1 
HETATM 489 C  "C2'" . 1WA B 1 8  ? -5.708  -7.224  2.103   1.00 15.81 ? 8   1WA B "C2'" 1 
HETATM 490 C  "C3'" . 1WA B 1 8  ? -5.764  -7.056  3.620   1.00 19.97 ? 8   1WA B "C3'" 1 
HETATM 491 O  "O3'" . 1WA B 1 8  ? -5.211  -8.264  4.176   1.00 17.19 ? 8   1WA B "O3'" 1 
HETATM 492 C  "C4'" . 1WA B 1 8  ? -7.262  -6.808  3.788   1.00 21.08 ? 8   1WA B "C4'" 1 
HETATM 493 O  "O4'" . 1WA B 1 8  ? -7.548  -5.865  2.719   1.00 20.66 ? 8   1WA B "O4'" 1 
HETATM 494 C  "C5'" . 1WA B 1 8  ? -7.769  -6.245  5.091   1.00 20.74 ? 8   1WA B "C5'" 1 
HETATM 495 O  "O5'" . 1WA B 1 8  ? -6.975  -5.133  5.512   1.00 20.77 ? 8   1WA B "O5'" 1 
HETATM 496 O  OP1   . 1WA B 1 8  ? -7.542  -4.776  7.949   1.00 34.44 ? 8   1WA B OP1   1 
HETATM 497 O  OP2   . 1WA B 1 8  ? -6.493  -2.987  6.544   1.00 23.13 ? 8   1WA B OP2   1 
HETATM 498 N  N     . 1W5 B 1 9  ? -2.087  -4.130  2.416   1.00 18.46 ? 9   1W5 B N     1 
HETATM 499 P  P     . 1W5 B 1 9  ? -3.660  -8.554  4.341   1.00 22.74 ? 9   1W5 B P     1 
HETATM 500 C  C1    . 1W5 B 1 9  ? -1.900  -6.662  -0.280  1.00 14.54 ? 9   1W5 B C1    1 
HETATM 501 C  C2    . 1W5 B 1 9  ? -1.082  -5.997  -1.279  1.00 13.00 ? 9   1W5 B C2    1 
HETATM 502 O  O2    . 1W5 B 1 9  ? -0.751  -6.431  -2.338  1.00 12.04 ? 9   1W5 B O2    1 
HETATM 503 N  N3    . 1W5 B 1 9  ? -0.654  -4.704  -0.915  1.00 8.77  ? 9   1W5 B N3    1 
HETATM 504 C  C4    . 1W5 B 1 9  ? -0.927  -4.047  0.239   1.00 13.39 ? 9   1W5 B C4    1 
HETATM 505 N  N4    . 1W5 B 1 9  ? -0.408  -2.819  0.357   1.00 10.36 ? 9   1W5 B N4    1 
HETATM 506 C  C5    . 1W5 B 1 9  ? -1.716  -4.709  1.171   1.00 13.00 ? 9   1W5 B C5    1 
HETATM 507 C  C6    . 1W5 B 1 9  ? -2.185  -6.029  0.865   1.00 12.77 ? 9   1W5 B C6    1 
HETATM 508 C  "C1'" . 1W5 B 1 9  ? -2.374  -7.977  -0.630  1.00 16.33 ? 9   1W5 B "C1'" 1 
HETATM 509 C  "C2'" . 1W5 B 1 9  ? -1.216  -8.937  -0.470  1.00 14.89 ? 9   1W5 B "C2'" 1 
HETATM 510 C  "C3'" . 1W5 B 1 9  ? -1.396  -9.737  0.827   1.00 16.46 ? 9   1W5 B "C3'" 1 
HETATM 511 O  "O3'" . 1W5 B 1 9  ? -0.734  -11.018 0.748   1.00 19.15 ? 9   1W5 B "O3'" 1 
HETATM 512 C  "C4'" . 1W5 B 1 9  ? -2.903  -9.833  0.821   1.00 18.49 ? 9   1W5 B "C4'" 1 
HETATM 513 O  "O4'" . 1W5 B 1 9  ? -3.369  -8.569  0.258   1.00 17.62 ? 9   1W5 B "O4'" 1 
HETATM 514 C  "C5'" . 1W5 B 1 9  ? -3.379  -10.034 2.254   1.00 16.04 ? 9   1W5 B "C5'" 1 
HETATM 515 O  "O5'" . 1W5 B 1 9  ? -3.010  -8.829  2.899   1.00 18.79 ? 9   1W5 B "O5'" 1 
HETATM 516 O  ON1   . 1W5 B 1 9  ? -1.632  -3.060  2.735   1.00 17.46 ? 9   1W5 B ON1   1 
HETATM 517 O  ON2   . 1W5 B 1 9  ? -2.889  -4.706  3.086   1.00 23.46 ? 9   1W5 B ON2   1 
HETATM 518 O  OP1   . 1W5 B 1 9  ? -3.933  -9.819  5.032   1.00 19.38 ? 9   1W5 B OP1   1 
HETATM 519 O  OP2   . 1W5 B 1 9  ? -2.949  -7.536  5.187   1.00 19.18 ? 9   1W5 B OP2   1 
HETATM 520 N  N     . 1W5 B 1 10 ? 1.527   -6.097  1.436   1.00 17.78 ? 10  1W5 B N     1 
HETATM 521 P  P     . 1W5 B 1 10 ? 0.799   -11.119 1.143   1.00 22.84 ? 10  1W5 B P     1 
HETATM 522 C  C1    . 1W5 B 1 10 ? 2.840   -7.200  -1.845  1.00 12.78 ? 10  1W5 B C1    1 
HETATM 523 C  C2    . 1W5 B 1 10 ? 3.625   -6.063  -2.278  1.00 14.28 ? 10  1W5 B C2    1 
HETATM 524 O  O2    . 1W5 B 1 10 ? 4.255   -5.967  -3.286  1.00 15.29 ? 10  1W5 B O2    1 
HETATM 525 N  N3    . 1W5 B 1 10 ? 3.633   -4.987  -1.369  1.00 14.08 ? 10  1W5 B N3    1 
HETATM 526 C  C4    . 1W5 B 1 10 ? 2.995   -4.920  -0.170  1.00 14.17 ? 10  1W5 B C4    1 
HETATM 527 N  N4    . 1W5 B 1 10 ? 3.146   -3.779  0.512   1.00 11.36 ? 10  1W5 B N4    1 
HETATM 528 C  C5    . 1W5 B 1 10 ? 2.248   -6.028  0.210   1.00 14.85 ? 10  1W5 B C5    1 
HETATM 529 C  C6    . 1W5 B 1 10 ? 2.197   -7.155  -0.674  1.00 11.90 ? 10  1W5 B C6    1 
HETATM 530 C  "C1'" . 1W5 B 1 10 ? 2.772   -8.299  -2.767  1.00 16.90 ? 10  1W5 B "C1'" 1 
HETATM 531 C  "C2'" . 1W5 B 1 10 ? 4.039   -9.113  -2.638  1.00 16.43 ? 10  1W5 B "C2'" 1 
HETATM 532 C  "C3'" . 1W5 B 1 10 ? 3.737   -10.421 -1.897  1.00 19.12 ? 10  1W5 B "C3'" 1 
HETATM 533 O  "O3'" . 1W5 B 1 10 ? 4.639   -11.471 -2.302  1.00 18.39 ? 10  1W5 B "O3'" 1 
HETATM 534 C  "C4'" . 1W5 B 1 10 ? 2.316   -10.634 -2.356  1.00 17.79 ? 10  1W5 B "C4'" 1 
HETATM 535 O  "O4'" . 1W5 B 1 10 ? 1.753   -9.296  -2.480  1.00 15.10 ? 10  1W5 B "O4'" 1 
HETATM 536 C  "C5'" . 1W5 B 1 10 ? 1.574   -11.456 -1.306  1.00 18.27 ? 10  1W5 B "C5'" 1 
HETATM 537 O  "O5'" . 1W5 B 1 10 ? 1.655   -10.655 -0.136  1.00 19.99 ? 10  1W5 B "O5'" 1 
HETATM 538 O  ON1   . 1W5 B 1 10 ? 1.557   -5.167  2.204   1.00 22.86 ? 10  1W5 B ON1   1 
HETATM 539 O  ON2   . 1W5 B 1 10 ? 0.887   -7.079  1.650   1.00 21.40 ? 10  1W5 B ON2   1 
HETATM 540 O  OP1   . 1W5 B 1 10 ? 0.680   -12.577 1.209   1.00 17.37 ? 10  1W5 B OP1   1 
HETATM 541 O  OP2   . 1W5 B 1 10 ? 1.205   -10.478 2.439   1.00 17.34 ? 10  1W5 B OP2   1 
HETATM 542 N  N     . 1W5 B 1 11 ? 5.572   -7.121  0.576   1.00 20.80 ? 11  1W5 B N     1 
HETATM 543 P  P     . 1W5 B 1 11 ? 6.070   -11.567 -1.624  1.00 24.94 ? 11  1W5 B P     1 
HETATM 544 C  C1    . 1W5 B 1 11 ? 7.768   -6.478  -2.328  1.00 15.85 ? 11  1W5 B C1    1 
HETATM 545 C  C2    . 1W5 B 1 11 ? 8.216   -5.122  -2.087  1.00 16.06 ? 11  1W5 B C2    1 
HETATM 546 O  O2    . 1W5 B 1 11 ? 8.963   -4.475  -2.751  1.00 16.76 ? 11  1W5 B O2    1 
HETATM 547 N  N3    . 1W5 B 1 11 ? 7.696   -4.541  -0.914  1.00 17.24 ? 11  1W5 B N3    1 
HETATM 548 C  C4    . 1W5 B 1 11 ? 6.853   -5.109  -0.023  1.00 16.20 ? 11  1W5 B C4    1 
HETATM 549 N  N4    . 1W5 B 1 11 ? 6.496   -4.342  1.013   1.00 17.16 ? 11  1W5 B N4    1 
HETATM 550 C  C5    . 1W5 B 1 11 ? 6.445   -6.407  -0.285  1.00 14.76 ? 11  1W5 B C5    1 
HETATM 551 C  C6    . 1W5 B 1 11 ? 6.930   -7.060  -1.465  1.00 17.21 ? 11  1W5 B C6    1 
HETATM 552 C  "C1'" . 1W5 B 1 11 ? 8.243   -7.105  -3.533  1.00 17.92 ? 11  1W5 B "C1'" 1 
HETATM 553 C  "C2'" . 1W5 B 1 11 ? 9.554   -7.778  -3.199  1.00 18.06 ? 11  1W5 B "C2'" 1 
HETATM 554 C  "C3'" . 1W5 B 1 11 ? 9.289   -9.261  -2.921  1.00 17.51 ? 11  1W5 B "C3'" 1 
HETATM 555 O  "O3'" . 1W5 B 1 11 ? 10.492  -10.029 -3.116  1.00 20.22 ? 11  1W5 B "O3'" 1 
HETATM 556 C  "C4'" . 1W5 B 1 11 ? 8.244   -9.472  -3.990  1.00 16.38 ? 11  1W5 B "C4'" 1 
HETATM 557 O  "O4'" . 1W5 B 1 11 ? 7.458   -8.248  -3.978  1.00 14.30 ? 11  1W5 B "O4'" 1 
HETATM 558 C  "C5'" . 1W5 B 1 11 ? 7.398   -10.689 -3.655  1.00 19.06 ? 11  1W5 B "C5'" 1 
HETATM 559 O  "O5'" . 1W5 B 1 11 ? 7.015   -10.471 -2.306  1.00 19.57 ? 11  1W5 B "O5'" 1 
HETATM 560 O  ON1   . 1W5 B 1 11 ? 5.055   -6.543  1.502   1.00 21.75 ? 11  1W5 B ON1   1 
HETATM 561 O  ON2   . 1W5 B 1 11 ? 5.369   -8.271  0.339   1.00 22.85 ? 11  1W5 B ON2   1 
HETATM 562 O  OP1   . 1W5 B 1 11 ? 6.345   -12.920 -2.113  1.00 20.26 ? 11  1W5 B OP1   1 
HETATM 563 O  OP2   . 1W5 B 1 11 ? 5.976   -11.490 -0.120  1.00 27.25 ? 11  1W5 B OP2   1 
ATOM   564 P  P     . DA  B 1 12 ? 11.407  -10.238 -1.835  1.00 23.12 ? 12  DA  B P     1 
ATOM   565 O  OP1   . DA  B 1 12 ? 12.358  -11.235 -2.378  1.00 26.86 ? 12  DA  B OP1   1 
ATOM   566 O  OP2   . DA  B 1 12 ? 10.527  -10.596 -0.699  1.00 23.94 ? 12  DA  B OP2   1 
ATOM   567 O  "O5'" . DA  B 1 12 ? 12.199  -8.901  -1.463  1.00 18.35 ? 12  DA  B "O5'" 1 
ATOM   568 C  "C5'" . DA  B 1 12 ? 13.108  -8.335  -2.400  1.00 20.85 ? 12  DA  B "C5'" 1 
ATOM   569 C  "C4'" . DA  B 1 12 ? 13.489  -6.924  -1.998  1.00 20.35 ? 12  DA  B "C4'" 1 
ATOM   570 O  "O4'" . DA  B 1 12 ? 12.309  -6.092  -1.902  1.00 18.26 ? 12  DA  B "O4'" 1 
ATOM   571 C  "C3'" . DA  B 1 12 ? 14.145  -6.796  -0.630  1.00 21.12 ? 12  DA  B "C3'" 1 
ATOM   572 O  "O3'" . DA  B 1 12 ? 15.526  -7.109  -0.733  1.00 23.97 ? 12  DA  B "O3'" 1 
ATOM   573 C  "C2'" . DA  B 1 12 ? 13.916  -5.318  -0.339  1.00 17.37 ? 12  DA  B "C2'" 1 
ATOM   574 C  "C1'" . DA  B 1 12 ? 12.524  -5.087  -0.924  1.00 18.86 ? 12  DA  B "C1'" 1 
ATOM   575 N  N9    . DA  B 1 12 ? 11.451  -5.159  0.066   1.00 16.60 ? 12  DA  B N9    1 
ATOM   576 C  C8    . DA  B 1 12 ? 10.612  -6.213  0.310   1.00 16.01 ? 12  DA  B C8    1 
ATOM   577 N  N7    . DA  B 1 12 ? 9.740   -5.987  1.268   1.00 17.67 ? 12  DA  B N7    1 
ATOM   578 C  C5    . DA  B 1 12 ? 10.032  -4.696  1.682   1.00 17.21 ? 12  DA  B C5    1 
ATOM   579 C  C6    . DA  B 1 12 ? 9.470   -3.861  2.669   1.00 17.11 ? 12  DA  B C6    1 
ATOM   580 N  N6    . DA  B 1 12 ? 8.450   -4.224  3.452   1.00 16.72 ? 12  DA  B N6    1 
ATOM   581 N  N1    . DA  B 1 12 ? 9.995   -2.630  2.822   1.00 15.68 ? 12  DA  B N1    1 
ATOM   582 C  C2    . DA  B 1 12 ? 11.019  -2.260  2.045   1.00 17.09 ? 12  DA  B C2    1 
ATOM   583 N  N3    . DA  B 1 12 ? 11.631  -2.953  1.088   1.00 19.60 ? 12  DA  B N3    1 
ATOM   584 C  C4    . DA  B 1 12 ? 11.084  -4.173  0.954   1.00 17.59 ? 12  DA  B C4    1 
ATOM   585 P  P     . DT  B 1 13 ? 16.404  -7.507  0.553   1.00 24.63 ? 13  DT  B P     1 
ATOM   586 O  OP1   . DT  B 1 13 ? 17.677  -8.051  0.034   1.00 27.16 ? 13  DT  B OP1   1 
ATOM   587 O  OP2   . DT  B 1 13 ? 15.582  -8.317  1.473   1.00 20.84 ? 13  DT  B OP2   1 
ATOM   588 O  "O5'" . DT  B 1 13 ? 16.672  -6.104  1.269   1.00 21.43 ? 13  DT  B "O5'" 1 
ATOM   589 C  "C5'" . DT  B 1 13 ? 17.280  -5.024  0.576   1.00 24.31 ? 13  DT  B "C5'" 1 
ATOM   590 C  "C4'" . DT  B 1 13 ? 17.265  -3.799  1.469   1.00 29.47 ? 13  DT  B "C4'" 1 
ATOM   591 O  "O4'" . DT  B 1 13 ? 15.897  -3.530  1.879   1.00 29.04 ? 13  DT  B "O4'" 1 
ATOM   592 C  "C3'" . DT  B 1 13 ? 18.075  -3.955  2.756   1.00 27.35 ? 13  DT  B "C3'" 1 
ATOM   593 O  "O3'" . DT  B 1 13 ? 18.742  -2.740  3.080   1.00 36.52 ? 13  DT  B "O3'" 1 
ATOM   594 C  "C2'" . DT  B 1 13 ? 17.010  -4.292  3.793   1.00 25.76 ? 13  DT  B "C2'" 1 
ATOM   595 C  "C1'" . DT  B 1 13 ? 15.829  -3.471  3.292   1.00 24.19 ? 13  DT  B "C1'" 1 
ATOM   596 N  N1    . DT  B 1 13 ? 14.530  -4.029  3.753   1.00 21.65 ? 13  DT  B N1    1 
ATOM   597 C  C2    . DT  B 1 13 ? 13.725  -3.276  4.583   1.00 21.59 ? 13  DT  B C2    1 
ATOM   598 O  O2    . DT  B 1 13 ? 14.004  -2.153  4.967   1.00 20.54 ? 13  DT  B O2    1 
ATOM   599 N  N3    . DT  B 1 13 ? 12.561  -3.895  4.949   1.00 16.86 ? 13  DT  B N3    1 
ATOM   600 C  C4    . DT  B 1 13 ? 12.132  -5.155  4.585   1.00 16.80 ? 13  DT  B C4    1 
ATOM   601 O  O4    . DT  B 1 13 ? 11.065  -5.611  4.977   1.00 15.86 ? 13  DT  B O4    1 
ATOM   602 C  C5    . DT  B 1 13 ? 13.021  -5.890  3.721   1.00 19.55 ? 13  DT  B C5    1 
ATOM   603 C  C7    . DT  B 1 13 ? 12.660  -7.272  3.260   1.00 16.66 ? 13  DT  B C7    1 
ATOM   604 C  C6    . DT  B 1 13 ? 14.166  -5.301  3.353   1.00 20.29 ? 13  DT  B C6    1 
ATOM   605 P  P     . DA  B 1 14 ? 19.659  -2.637  4.393   1.00 35.75 ? 14  DA  B P     1 
ATOM   606 O  OP1   . DA  B 1 14 ? 20.720  -1.652  4.095   1.00 32.21 ? 14  DA  B OP1   1 
ATOM   607 O  OP2   . DA  B 1 14 ? 20.014  -3.999  4.846   1.00 27.31 ? 14  DA  B OP2   1 
ATOM   608 O  "O5'" . DA  B 1 14 ? 18.670  -2.012  5.485   1.00 28.06 ? 14  DA  B "O5'" 1 
ATOM   609 C  "C5'" . DA  B 1 14 ? 18.216  -0.673  5.323   1.00 26.79 ? 14  DA  B "C5'" 1 
ATOM   610 C  "C4'" . DA  B 1 14 ? 17.765  -0.090  6.649   1.00 29.53 ? 14  DA  B "C4'" 1 
ATOM   611 O  "O4'" . DA  B 1 14 ? 16.464  -0.618  7.015   1.00 26.94 ? 14  DA  B "O4'" 1 
ATOM   612 C  "C3'" . DA  B 1 14 ? 18.687  -0.374  7.828   1.00 23.78 ? 14  DA  B "C3'" 1 
ATOM   613 O  "O3'" . DA  B 1 14 ? 18.723  0.788   8.640   1.00 31.21 ? 14  DA  B "O3'" 1 
ATOM   614 C  "C2'" . DA  B 1 14 ? 18.007  -1.558  8.521   1.00 23.70 ? 14  DA  B "C2'" 1 
ATOM   615 C  "C1'" . DA  B 1 14 ? 16.528  -1.273  8.267   1.00 22.62 ? 14  DA  B "C1'" 1 
ATOM   616 N  N9    . DA  B 1 14 ? 15.680  -2.456  8.153   1.00 21.40 ? 14  DA  B N9    1 
ATOM   617 C  C8    . DA  B 1 14 ? 15.909  -3.554  7.371   1.00 20.52 ? 14  DA  B C8    1 
ATOM   618 N  N7    . DA  B 1 14 ? 14.970  -4.464  7.453   1.00 17.81 ? 14  DA  B N7    1 
ATOM   619 C  C5    . DA  B 1 14 ? 14.053  -3.927  8.340   1.00 15.84 ? 14  DA  B C5    1 
ATOM   620 C  C6    . DA  B 1 14 ? 12.827  -4.405  8.847   1.00 17.18 ? 14  DA  B C6    1 
ATOM   621 N  N6    . DA  B 1 14 ? 12.301  -5.586  8.507   1.00 18.25 ? 14  DA  B N6    1 
ATOM   622 N  N1    . DA  B 1 14 ? 12.160  -3.623  9.722   1.00 17.07 ? 14  DA  B N1    1 
ATOM   623 C  C2    . DA  B 1 14 ? 12.691  -2.441  10.058  1.00 18.52 ? 14  DA  B C2    1 
ATOM   624 N  N3    . DA  B 1 14 ? 13.834  -1.886  9.648   1.00 19.87 ? 14  DA  B N3    1 
ATOM   625 C  C4    . DA  B 1 14 ? 14.474  -2.687  8.781   1.00 19.51 ? 14  DA  B C4    1 
ATOM   626 P  P     . DA  B 1 15 ? 19.773  0.947   9.841   1.00 27.24 ? 15  DA  B P     1 
ATOM   627 O  OP1   . DA  B 1 15 ? 20.060  2.391   9.988   1.00 30.77 ? 15  DA  B OP1   1 
ATOM   628 O  OP2   . DA  B 1 15 ? 20.872  -0.024  9.657   1.00 23.96 ? 15  DA  B OP2   1 
ATOM   629 O  "O5'" . DA  B 1 15 ? 18.900  0.479   11.093  1.00 26.63 ? 15  DA  B "O5'" 1 
ATOM   630 C  "C5'" . DA  B 1 15 ? 17.715  1.202   11.393  1.00 23.31 ? 15  DA  B "C5'" 1 
ATOM   631 C  "C4'" . DA  B 1 15 ? 16.969  0.530   12.525  1.00 28.04 ? 15  DA  B "C4'" 1 
ATOM   632 O  "O4'" . DA  B 1 15 ? 16.304  -0.659  12.027  1.00 22.04 ? 15  DA  B "O4'" 1 
ATOM   633 C  "C3'" . DA  B 1 15 ? 17.844  0.074   13.693  1.00 23.22 ? 15  DA  B "C3'" 1 
ATOM   634 O  "O3'" . DA  B 1 15 ? 17.180  0.394   14.905  1.00 29.60 ? 15  DA  B "O3'" 1 
ATOM   635 C  "C2'" . DA  B 1 15 ? 17.922  -1.439  13.493  1.00 22.86 ? 15  DA  B "C2'" 1 
ATOM   636 C  "C1'" . DA  B 1 15 ? 16.513  -1.690  12.966  1.00 25.09 ? 15  DA  B "C1'" 1 
ATOM   637 N  N9    . DA  B 1 15 ? 16.287  -2.971  12.303  1.00 19.22 ? 15  DA  B N9    1 
ATOM   638 C  C8    . DA  B 1 15 ? 17.104  -3.634  11.429  1.00 17.52 ? 15  DA  B C8    1 
ATOM   639 N  N7    . DA  B 1 15 ? 16.598  -4.768  11.000  1.00 16.70 ? 15  DA  B N7    1 
ATOM   640 C  C5    . DA  B 1 15 ? 15.366  -4.850  11.633  1.00 16.52 ? 15  DA  B C5    1 
ATOM   641 C  C6    . DA  B 1 15 ? 14.332  -5.809  11.606  1.00 14.25 ? 15  DA  B C6    1 
ATOM   642 N  N6    . DA  B 1 15 ? 14.381  -6.932  10.881  1.00 15.84 ? 15  DA  B N6    1 
ATOM   643 N  N1    . DA  B 1 15 ? 13.238  -5.575  12.361  1.00 15.50 ? 15  DA  B N1    1 
ATOM   644 C  C2    . DA  B 1 15 ? 13.182  -4.454  13.090  1.00 18.45 ? 15  DA  B C2    1 
ATOM   645 N  N3    . DA  B 1 15 ? 14.086  -3.482  13.196  1.00 17.84 ? 15  DA  B N3    1 
ATOM   646 C  C4    . DA  B 1 15 ? 15.162  -3.746  12.437  1.00 18.02 ? 15  DA  B C4    1 
ATOM   647 P  P     . DG  B 1 16 ? 17.964  1.034   16.148  1.00 27.94 ? 16  DG  B P     1 
ATOM   648 O  OP1   . DG  B 1 16 ? 16.941  1.634   17.035  1.00 25.51 ? 16  DG  B OP1   1 
ATOM   649 O  OP2   . DG  B 1 16 ? 19.093  1.837   15.627  1.00 21.26 ? 16  DG  B OP2   1 
ATOM   650 O  "O5'" . DG  B 1 16 ? 18.573  -0.234  16.900  1.00 22.71 ? 16  DG  B "O5'" 1 
ATOM   651 C  "C5'" . DG  B 1 16 ? 19.793  -0.841  16.508  1.00 19.17 ? 16  DG  B "C5'" 1 
ATOM   652 C  "C4'" . DG  B 1 16 ? 19.778  -2.258  17.046  1.00 21.45 ? 16  DG  B "C4'" 1 
ATOM   653 O  "O4'" . DG  B 1 16 ? 18.909  -3.062  16.217  1.00 19.62 ? 16  DG  B "O4'" 1 
ATOM   654 C  "C3'" . DG  B 1 16 ? 21.091  -3.024  17.019  1.00 24.63 ? 16  DG  B "C3'" 1 
ATOM   655 O  "O3'" . DG  B 1 16 ? 21.882  -2.674  18.159  1.00 20.15 ? 16  DG  B "O3'" 1 
ATOM   656 C  "C2'" . DG  B 1 16 ? 20.602  -4.472  17.088  1.00 16.53 ? 16  DG  B "C2'" 1 
ATOM   657 C  "C1'" . DG  B 1 16 ? 19.176  -4.413  16.527  1.00 16.06 ? 16  DG  B "C1'" 1 
ATOM   658 N  N9    . DG  B 1 16 ? 18.958  -5.218  15.326  1.00 18.30 ? 16  DG  B N9    1 
ATOM   659 C  C8    . DG  B 1 16 ? 19.829  -5.405  14.282  1.00 16.46 ? 16  DG  B C8    1 
ATOM   660 N  N7    . DG  B 1 16 ? 19.350  -6.182  13.346  1.00 14.63 ? 16  DG  B N7    1 
ATOM   661 C  C5    . DG  B 1 16 ? 18.080  -6.527  13.789  1.00 15.66 ? 16  DG  B C5    1 
ATOM   662 C  C6    . DG  B 1 16 ? 17.087  -7.347  13.194  1.00 14.89 ? 16  DG  B C6    1 
ATOM   663 O  O6    . DG  B 1 16 ? 17.134  -7.959  12.116  1.00 15.28 ? 16  DG  B O6    1 
ATOM   664 N  N1    . DG  B 1 16 ? 15.942  -7.433  13.984  1.00 13.52 ? 16  DG  B N1    1 
ATOM   665 C  C2    . DG  B 1 16 ? 15.782  -6.800  15.198  1.00 17.32 ? 16  DG  B C2    1 
ATOM   666 N  N2    . DG  B 1 16 ? 14.615  -6.992  15.826  1.00 13.14 ? 16  DG  B N2    1 
ATOM   667 N  N3    . DG  B 1 16 ? 16.704  -6.031  15.761  1.00 11.91 ? 16  DG  B N3    1 
ATOM   668 C  C4    . DG  B 1 16 ? 17.825  -5.939  15.008  1.00 13.35 ? 16  DG  B C4    1 
HETATM 669 O  O     . HOH C 2 .  ? 5.125   -2.602  5.370   1.00 30.08 ? 101 HOH A O     1 
HETATM 670 O  O     . HOH C 2 .  ? 5.821   -3.631  8.167   1.00 26.54 ? 102 HOH A O     1 
HETATM 671 O  O     . HOH C 2 .  ? 12.411  -10.211 8.755   1.00 28.89 ? 103 HOH A O     1 
HETATM 672 O  O     . HOH C 2 .  ? 10.723  -0.322  13.521  1.00 27.99 ? 104 HOH A O     1 
HETATM 673 O  O     . HOH C 2 .  ? 8.395   -7.701  7.772   1.00 28.16 ? 105 HOH A O     1 
HETATM 674 O  O     . HOH C 2 .  ? -11.384 14.362  -7.833  1.00 34.81 ? 106 HOH A O     1 
HETATM 675 O  O     . HOH C 2 .  ? 4.727   -11.900 13.791  1.00 32.78 ? 107 HOH A O     1 
HETATM 676 O  O     . HOH C 2 .  ? -2.105  0.768   -7.904  1.00 17.52 ? 108 HOH A O     1 
HETATM 677 O  O     . HOH C 2 .  ? 3.690   3.425   -3.286  1.00 32.83 ? 109 HOH A O     1 
HETATM 678 O  O     . HOH C 2 .  ? -10.182 0.833   -7.487  1.00 29.53 ? 110 HOH A O     1 
HETATM 679 O  O     . HOH C 2 .  ? 12.687  1.675   8.622   1.00 29.92 ? 111 HOH A O     1 
HETATM 680 O  O     . HOH C 2 .  ? -15.763 8.220   -1.162  1.00 41.40 ? 112 HOH A O     1 
HETATM 681 O  O     . HOH C 2 .  ? -10.978 3.139   -8.460  1.00 28.23 ? 113 HOH A O     1 
HETATM 682 O  O     . HOH C 2 .  ? -6.870  1.935   -5.474  1.00 24.19 ? 114 HOH A O     1 
HETATM 683 O  O     . HOH C 2 .  ? 1.350   2.845   -5.450  1.00 27.38 ? 115 HOH A O     1 
HETATM 684 O  O     . HOH C 2 .  ? -16.640 12.525  -12.037 1.00 30.65 ? 116 HOH A O     1 
HETATM 685 O  O     . HOH C 2 .  ? -15.887 1.383   -0.717  1.00 22.31 ? 117 HOH A O     1 
HETATM 686 O  O     . HOH C 2 .  ? -6.250  -1.142  -8.966  1.00 22.36 ? 118 HOH A O     1 
HETATM 687 O  O     . HOH C 2 .  ? -9.515  -8.362  -4.753  1.00 27.52 ? 119 HOH A O     1 
HETATM 688 O  O     . HOH C 2 .  ? 4.389   -0.552  2.298   1.00 25.86 ? 120 HOH A O     1 
HETATM 689 O  O     . HOH C 2 .  ? 15.433  -11.618 8.850   1.00 32.93 ? 121 HOH A O     1 
HETATM 690 O  O     . HOH C 2 .  ? -6.004  1.256   -7.981  1.00 27.91 ? 122 HOH A O     1 
HETATM 691 O  O     . HOH C 2 .  ? -3.893  2.197   -3.624  1.00 25.73 ? 123 HOH A O     1 
HETATM 692 O  O     . HOH C 2 .  ? 6.566   -5.856  6.688   1.00 30.46 ? 124 HOH A O     1 
HETATM 693 O  O     . HOH C 2 .  ? -1.942  2.059   -1.620  1.00 31.14 ? 125 HOH A O     1 
HETATM 694 O  O     . HOH C 2 .  ? 3.852   6.749   -4.872  1.00 41.81 ? 126 HOH A O     1 
HETATM 695 O  O     . HOH C 2 .  ? 3.915   -4.055  10.174  1.00 35.47 ? 127 HOH A O     1 
HETATM 696 O  O     . HOH C 2 .  ? -12.273 -9.169  -3.848  1.00 30.15 ? 128 HOH A O     1 
HETATM 697 O  O     . HOH C 2 .  ? -3.315  3.673   -6.508  1.00 38.88 ? 129 HOH A O     1 
HETATM 698 O  O     . HOH C 2 .  ? 5.916   -10.842 11.617  1.00 29.11 ? 130 HOH A O     1 
HETATM 699 O  O     . HOH D 2 .  ? 10.062  -7.792  5.425   1.00 29.57 ? 101 HOH B O     1 
HETATM 700 O  O     . HOH D 2 .  ? -3.407  -6.342  7.410   1.00 33.91 ? 102 HOH B O     1 
HETATM 701 O  O     . HOH D 2 .  ? 14.472  -10.635 1.419   1.00 29.51 ? 103 HOH B O     1 
HETATM 702 O  O     . HOH D 2 .  ? 22.616  -0.624  7.817   1.00 33.01 ? 104 HOH B O     1 
HETATM 703 O  O     . HOH D 2 .  ? 20.617  -6.557  11.071  1.00 27.09 ? 105 HOH B O     1 
HETATM 704 O  O     . HOH D 2 .  ? 6.888   -6.258  4.065   1.00 24.77 ? 106 HOH B O     1 
HETATM 705 O  O     . HOH D 2 .  ? 8.100   -10.202 0.778   1.00 25.96 ? 107 HOH B O     1 
HETATM 706 O  O     . HOH D 2 .  ? -11.137 4.698   -12.442 1.00 29.10 ? 108 HOH B O     1 
HETATM 707 O  O     . HOH D 2 .  ? -5.371  3.056   -14.270 1.00 28.79 ? 109 HOH B O     1 
HETATM 708 O  O     . HOH D 2 .  ? 13.410  -1.016  14.127  1.00 27.91 ? 110 HOH B O     1 
HETATM 709 O  O     . HOH D 2 .  ? 14.829  -11.524 -1.273  1.00 30.00 ? 111 HOH B O     1 
HETATM 710 O  O     . HOH D 2 .  ? -4.539  4.979   -10.408 1.00 26.51 ? 112 HOH B O     1 
HETATM 711 O  O     . HOH D 2 .  ? -3.453  0.673   0.332   1.00 26.15 ? 113 HOH B O     1 
HETATM 712 O  O     . HOH D 2 .  ? -6.238  6.537   -5.070  1.00 24.58 ? 114 HOH B O     1 
HETATM 713 O  O     . HOH D 2 .  ? -7.796  4.589   -6.066  1.00 23.66 ? 115 HOH B O     1 
HETATM 714 O  O     . HOH D 2 .  ? 4.764   -13.943 -4.116  1.00 30.41 ? 116 HOH B O     1 
HETATM 715 O  O     . HOH D 2 .  ? 8.209   -8.022  2.324   1.00 27.57 ? 117 HOH B O     1 
HETATM 716 O  O     . HOH D 2 .  ? 17.988  -6.288  9.167   1.00 24.75 ? 118 HOH B O     1 
HETATM 717 O  O     . HOH D 2 .  ? 14.821  -7.038  6.429   1.00 20.80 ? 119 HOH B O     1 
HETATM 718 O  O     . HOH D 2 .  ? -0.423  -6.800  4.090   1.00 27.92 ? 120 HOH B O     1 
HETATM 719 O  O     . HOH D 2 .  ? 3.630   -9.081  2.502   1.00 22.26 ? 121 HOH B O     1 
HETATM 720 O  O     . HOH D 2 .  ? -12.991 10.851  -1.396  1.00 35.26 ? 122 HOH B O     1 
HETATM 721 O  O     . HOH D 2 .  ? 1.197   9.837   -9.821  1.00 33.79 ? 123 HOH B O     1 
HETATM 722 O  O     . HOH D 2 .  ? -5.615  -1.170  4.545   1.00 30.19 ? 124 HOH B O     1 
HETATM 723 O  O     . HOH D 2 .  ? -8.760  4.576   -8.857  1.00 23.56 ? 125 HOH B O     1 
HETATM 724 O  O     . HOH D 2 .  ? 16.098  -8.155  4.267   1.00 21.67 ? 126 HOH B O     1 
HETATM 725 O  O     . HOH D 2 .  ? 13.884  0.619   11.007  1.00 26.51 ? 127 HOH B O     1 
HETATM 726 O  O     . HOH D 2 .  ? 11.780  -14.006 -2.748  1.00 33.84 ? 128 HOH B O     1 
HETATM 727 O  O     . HOH D 2 .  ? 18.758  -9.616  10.450  1.00 29.30 ? 129 HOH B O     1 
HETATM 728 O  O     . HOH D 2 .  ? -3.913  8.035   -5.924  1.00 24.60 ? 130 HOH B O     1 
HETATM 729 O  O     . HOH D 2 .  ? -6.430  2.624   -1.457  1.00 24.67 ? 131 HOH B O     1 
HETATM 730 O  O     . HOH D 2 .  ? 4.599   -4.502  3.525   1.00 17.59 ? 132 HOH B O     1 
HETATM 731 O  O     . HOH D 2 .  ? 16.036  -8.027  8.750   1.00 23.73 ? 133 HOH B O     1 
HETATM 732 O  O     . HOH D 2 .  ? 9.930   -13.417 -0.287  1.00 35.32 ? 134 HOH B O     1 
HETATM 733 O  O     . HOH D 2 .  ? 4.456   -12.611 2.123   1.00 35.55 ? 135 HOH B O     1 
HETATM 734 O  O     . HOH D 2 .  ? -14.809 4.755   0.956   1.00 35.69 ? 136 HOH B O     1 
HETATM 735 O  O     . HOH D 2 .  ? 12.524  -8.245  7.073   1.00 28.63 ? 137 HOH B O     1 
HETATM 736 O  O     . HOH D 2 .  ? 1.994   -2.166  2.850   1.00 32.39 ? 138 HOH B O     1 
HETATM 737 O  O     . HOH D 2 .  ? 20.292  -2.618  11.487  1.00 33.19 ? 139 HOH B O     1 
HETATM 738 O  O     . HOH D 2 .  ? 0.111   -0.024  2.263   1.00 29.90 ? 140 HOH B O     1 
HETATM 739 O  O     . HOH D 2 .  ? -13.677 5.068   -13.783 1.00 35.01 ? 141 HOH B O     1 
HETATM 740 O  O     . HOH D 2 .  ? 21.856  -1.390  13.604  1.00 34.07 ? 142 HOH B O     1 
HETATM 741 O  O     . HOH D 2 .  ? -6.626  3.199   -9.735  1.00 26.40 ? 143 HOH B O     1 
# 
